data_4BX4
#
_entry.id   4BX4
#
_cell.length_a   1.000
_cell.length_b   1.000
_cell.length_c   1.000
_cell.angle_alpha   90.00
_cell.angle_beta   90.00
_cell.angle_gamma   90.00
#
_symmetry.space_group_name_H-M   'P 1'
#
_entity_poly.entity_id   1
_entity_poly.type   'polypeptide(L)'
_entity_poly.pdbx_seq_one_letter_code
;MSKLDLGRVDLLSMLGNSSSAGVDTAKGVIPFSTSGATWAVPRLSEDGITSHFLRRRGYVTMTQGGSRDQNAAVRKILSL
IIAYDIQTQACFFISNEESMRITMAETMGVKDRPNARTNSWAEVSDSDINRGIAKALKEGNLTLDENQKDGFMKLVHAFV
ADILAQSGHYKPVTSVTYFSAPIDMESDYLDPFSIAIIRDVLDDSPFSELRYDARAMSELEDRDVPITRFSRVMAQMGNA
MVRNIMVLNEAAQRKLRGLAVVGEIVHGRVRAPVRYLNDSFIQTLRSNINFHLLTRTTPERWAQSWIQAFGSLKGWVDAI
NGIADATTEEEKKKLAMQTSMDLELLSDLTPLIRDAATSVEKFVTFAPLSFYQGLGSVTQIRALDSSTNLAAVIVRYAAK
EINLIPAYQSFQVPTVDVGVKKTAIMDQRLSLQLPEFSEDQFFGMLEQRMQNMSDSEVAELVDRIAKGETPFGDVVKQLP
GTSTLLVTNGYYMGGLLTNEDKIIPGDASVPALLYMQAASFASSVRFPPGEYPVFHHESSNGDVRLTDQVSADAQLSHSA
VETANPLNFLVACNVSVHTPSIAIDIIEPMPDLTRRGTTEYVHKGEIKVAAIPSLPPKSADRKAQVSRETAKFERVLYKA
RKGGAQVAAPIDLESLFGIAVNLAVPTVKHVYSPDSKTKLALDIIKGLESDGDKAAATRLLMTLARAYTGTYSSLGLRRR
DEITGIAAQPSDVAMQEFALQSGVQTLKAVAKHTGIMEVATIEMVEEKVRSLDDNRFYEIAAEVVLRALKGM
;
_entity_poly.pdbx_strand_id   A,B
#
# COMPACT_ATOMS: atom_id res chain seq x y z
N ASP A 24 -9.77 51.05 34.06
CA ASP A 24 -9.44 52.12 35.06
C ASP A 24 -9.63 53.53 34.51
N THR A 25 -10.28 54.37 35.31
CA THR A 25 -10.81 55.66 34.88
C THR A 25 -11.08 56.61 36.10
N ALA A 26 -10.08 56.81 36.97
CA ALA A 26 -10.29 57.50 38.27
C ALA A 26 -10.75 58.97 38.14
N LYS A 27 -9.92 59.80 37.51
CA LYS A 27 -10.16 61.24 37.40
C LYS A 27 -9.43 61.88 36.19
N GLY A 28 -9.74 61.33 35.01
CA GLY A 28 -8.99 61.54 33.78
C GLY A 28 -8.71 60.16 33.20
N VAL A 29 -7.53 59.98 32.66
CA VAL A 29 -7.20 58.70 32.03
C VAL A 29 -5.94 58.14 32.67
N ILE A 30 -5.88 56.82 32.81
CA ILE A 30 -4.72 56.18 33.40
C ILE A 30 -4.58 54.73 32.97
N PRO A 31 -3.33 54.22 33.01
CA PRO A 31 -3.00 52.87 32.57
C PRO A 31 -3.82 51.74 33.21
N PHE A 32 -3.74 50.57 32.60
CA PHE A 32 -4.36 49.35 33.13
C PHE A 32 -3.78 48.26 32.29
N SER A 33 -4.20 47.02 32.49
CA SER A 33 -3.81 45.96 31.56
C SER A 33 -4.84 44.87 31.45
N THR A 34 -5.86 45.10 30.62
CA THR A 34 -6.81 44.03 30.36
C THR A 34 -5.97 42.82 29.93
N SER A 35 -6.28 41.67 30.50
CA SER A 35 -5.57 40.46 30.16
C SER A 35 -6.02 39.98 28.77
N GLY A 36 -7.22 40.38 28.34
CA GLY A 36 -7.67 40.12 26.97
C GLY A 36 -7.93 41.41 26.21
N ALA A 37 -6.90 41.96 25.57
CA ALA A 37 -7.08 43.10 24.68
C ALA A 37 -7.53 42.54 23.35
N THR A 38 -8.01 43.43 22.48
CA THR A 38 -8.61 43.02 21.23
C THR A 38 -8.08 43.85 20.12
N TRP A 39 -7.64 43.20 19.05
CA TRP A 39 -7.41 43.94 17.82
C TRP A 39 -8.57 43.75 16.84
N ALA A 40 -8.89 44.83 16.15
CA ALA A 40 -9.98 44.89 15.22
C ALA A 40 -9.58 44.23 13.93
N VAL A 41 -10.41 43.32 13.46
CA VAL A 41 -10.20 42.69 12.17
C VAL A 41 -11.39 43.05 11.29
N PRO A 42 -11.33 42.73 9.99
CA PRO A 42 -12.54 42.86 9.19
C PRO A 42 -13.59 41.83 9.61
N ARG A 43 -14.81 42.27 9.92
CA ARG A 43 -15.92 41.34 10.16
C ARG A 43 -16.01 40.50 8.90
N LEU A 44 -15.95 39.18 9.06
CA LEU A 44 -15.83 38.27 7.91
C LEU A 44 -17.19 38.23 7.24
N SER A 45 -17.21 38.45 5.93
CA SER A 45 -18.43 38.34 5.17
C SER A 45 -18.31 37.16 4.23
N GLU A 46 -19.47 36.74 3.71
CA GLU A 46 -19.54 35.79 2.63
C GLU A 46 -20.01 36.52 1.37
N ASP A 47 -20.00 37.85 1.41
CA ASP A 47 -20.62 38.71 0.39
C ASP A 47 -20.09 38.58 -1.04
N GLY A 48 -18.94 37.95 -1.24
CA GLY A 48 -18.37 37.71 -2.59
C GLY A 48 -18.14 38.99 -3.41
N ILE A 49 -17.88 40.08 -2.71
CA ILE A 49 -17.57 41.33 -3.33
C ILE A 49 -16.32 41.94 -2.70
N THR A 50 -15.70 41.30 -1.70
CA THR A 50 -14.45 41.84 -1.13
C THR A 50 -13.39 40.80 -1.01
N SER A 51 -12.14 41.26 -0.88
CA SER A 51 -11.00 40.41 -0.49
C SER A 51 -10.27 41.01 0.72
N HIS A 52 -10.21 40.24 1.83
CA HIS A 52 -9.46 40.61 3.06
C HIS A 52 -8.09 39.92 3.06
N PHE A 53 -7.26 40.24 4.04
CA PHE A 53 -5.88 39.75 4.07
C PHE A 53 -5.74 38.23 4.32
N LEU A 54 -6.78 37.60 4.86
CA LEU A 54 -6.81 36.13 5.01
C LEU A 54 -7.61 35.45 3.89
N ARG A 55 -8.45 36.22 3.21
CA ARG A 55 -9.29 35.72 2.13
C ARG A 55 -9.24 36.64 0.94
N ARG A 56 -8.85 36.09 -0.18
CA ARG A 56 -8.63 36.87 -1.35
C ARG A 56 -9.75 36.58 -2.32
N ARG A 57 -10.12 37.56 -3.14
CA ARG A 57 -11.08 37.36 -4.20
C ARG A 57 -10.38 37.81 -5.44
N GLY A 58 -10.31 36.95 -6.43
CA GLY A 58 -9.73 37.34 -7.69
C GLY A 58 -10.66 38.29 -8.40
N TYR A 59 -11.81 37.77 -8.77
CA TYR A 59 -12.71 38.46 -9.65
C TYR A 59 -14.12 38.39 -9.11
N VAL A 60 -14.84 39.51 -9.20
CA VAL A 60 -16.29 39.52 -9.06
C VAL A 60 -16.89 39.37 -10.45
N THR A 61 -17.78 38.40 -10.64
CA THR A 61 -18.42 38.22 -11.95
C THR A 61 -19.53 39.24 -12.16
N MET A 62 -19.76 39.67 -13.39
CA MET A 62 -20.64 40.81 -13.65
C MET A 62 -21.35 40.70 -14.98
N THR A 63 -22.27 41.64 -15.25
CA THR A 63 -23.04 41.61 -16.49
C THR A 63 -23.61 42.93 -17.08
N GLN A 64 -23.55 43.00 -18.39
CA GLN A 64 -24.07 44.08 -19.18
C GLN A 64 -25.27 43.61 -20.00
N GLY A 65 -26.38 44.33 -19.84
CA GLY A 65 -27.56 44.11 -20.66
C GLY A 65 -28.31 42.94 -20.13
N GLY A 66 -28.94 42.21 -21.05
CA GLY A 66 -29.83 41.12 -20.70
C GLY A 66 -31.27 41.62 -20.56
N SER A 67 -31.51 42.49 -19.59
CA SER A 67 -32.85 42.92 -19.20
C SER A 67 -32.70 44.04 -18.22
N ARG A 68 -33.75 44.82 -18.01
CA ARG A 68 -33.64 45.99 -17.12
C ARG A 68 -33.26 45.63 -15.70
N ASP A 69 -33.71 44.46 -15.25
CA ASP A 69 -33.53 44.02 -13.87
C ASP A 69 -32.13 43.49 -13.63
N GLN A 70 -31.59 42.79 -14.61
CA GLN A 70 -30.23 42.29 -14.56
C GLN A 70 -29.23 43.45 -14.39
N ASN A 71 -29.42 44.50 -15.19
CA ASN A 71 -28.65 45.77 -15.07
C ASN A 71 -28.83 46.51 -13.75
N ALA A 72 -29.87 46.18 -13.00
CA ALA A 72 -30.12 46.85 -11.74
C ALA A 72 -29.47 46.09 -10.60
N ALA A 73 -29.32 44.79 -10.79
CA ALA A 73 -28.57 43.98 -9.83
C ALA A 73 -27.12 44.43 -9.87
N VAL A 74 -26.63 44.53 -11.09
CA VAL A 74 -25.27 44.92 -11.33
C VAL A 74 -25.10 46.35 -10.85
N ARG A 75 -25.98 47.26 -11.26
CA ARG A 75 -25.82 48.65 -10.84
C ARG A 75 -25.64 48.79 -9.32
N LYS A 76 -26.13 47.82 -8.56
CA LYS A 76 -26.01 47.86 -7.12
C LYS A 76 -24.63 47.44 -6.68
N ILE A 77 -24.22 46.28 -7.17
CA ILE A 77 -22.90 45.72 -6.89
C ILE A 77 -21.82 46.74 -7.33
N LEU A 78 -22.01 47.36 -8.51
CA LEU A 78 -21.17 48.51 -8.93
C LEU A 78 -21.27 49.66 -7.96
N SER A 79 -22.44 49.85 -7.34
CA SER A 79 -22.61 50.89 -6.34
C SER A 79 -21.57 50.75 -5.22
N LEU A 80 -21.27 49.51 -4.85
CA LEU A 80 -20.43 49.19 -3.69
C LEU A 80 -18.95 48.93 -4.00
N ILE A 81 -18.68 48.36 -5.19
CA ILE A 81 -17.32 48.16 -5.67
C ILE A 81 -16.59 49.50 -5.93
N ILE A 82 -16.98 50.21 -6.98
CA ILE A 82 -16.29 51.43 -7.40
C ILE A 82 -16.26 52.58 -6.39
N ALA A 83 -15.09 53.18 -6.14
CA ALA A 83 -14.92 54.14 -5.03
C ALA A 83 -15.48 55.50 -5.35
N TYR A 84 -15.58 56.34 -4.33
CA TYR A 84 -16.16 57.66 -4.52
C TYR A 84 -15.69 58.45 -5.72
N ASP A 85 -14.41 58.72 -5.76
CA ASP A 85 -13.83 59.62 -6.77
C ASP A 85 -14.22 59.25 -8.17
N ILE A 86 -14.47 57.97 -8.42
CA ILE A 86 -14.94 57.50 -9.72
C ILE A 86 -16.46 57.69 -9.76
N GLN A 87 -17.12 57.29 -8.67
CA GLN A 87 -18.59 57.35 -8.57
C GLN A 87 -19.03 58.79 -8.62
N THR A 88 -18.51 59.60 -7.71
CA THR A 88 -18.84 61.01 -7.67
C THR A 88 -18.50 61.76 -8.94
N GLN A 89 -17.37 61.45 -9.54
CA GLN A 89 -17.01 62.05 -10.82
C GLN A 89 -18.12 61.78 -11.83
N ALA A 90 -18.61 60.55 -11.89
CA ALA A 90 -19.69 60.19 -12.82
C ALA A 90 -20.98 60.97 -12.58
N CYS A 91 -21.27 61.29 -11.33
CA CYS A 91 -22.45 62.06 -11.01
C CYS A 91 -22.36 63.48 -11.51
N PHE A 92 -21.17 64.06 -11.44
CA PHE A 92 -20.99 65.38 -12.00
C PHE A 92 -21.06 65.35 -13.50
N PHE A 93 -20.68 64.23 -14.12
CA PHE A 93 -20.85 64.04 -15.57
C PHE A 93 -22.33 63.99 -15.93
N ILE A 94 -23.09 63.21 -15.17
CA ILE A 94 -24.54 63.09 -15.41
C ILE A 94 -25.23 64.44 -15.16
N SER A 95 -24.85 65.13 -14.10
CA SER A 95 -25.45 66.44 -13.80
C SER A 95 -25.24 67.49 -14.88
N ASN A 96 -24.23 67.31 -15.73
CA ASN A 96 -23.96 68.28 -16.79
C ASN A 96 -24.78 67.96 -18.02
N GLU A 97 -25.75 68.79 -18.33
CA GLU A 97 -26.61 68.53 -19.47
C GLU A 97 -25.75 68.40 -20.72
N GLU A 98 -24.96 69.44 -21.01
CA GLU A 98 -24.30 69.52 -22.32
C GLU A 98 -23.60 68.21 -22.69
N SER A 99 -23.05 67.51 -21.67
CA SER A 99 -22.45 66.16 -21.81
C SER A 99 -23.50 65.09 -22.13
N MET A 100 -24.59 65.10 -21.37
CA MET A 100 -25.61 64.10 -21.51
C MET A 100 -26.38 64.28 -22.80
N ARG A 101 -26.61 65.52 -23.20
CA ARG A 101 -27.20 65.76 -24.51
C ARG A 101 -26.43 64.95 -25.55
N ILE A 102 -25.10 64.97 -25.48
CA ILE A 102 -24.30 64.30 -26.49
C ILE A 102 -24.36 62.80 -26.41
N THR A 103 -24.41 62.24 -25.21
CA THR A 103 -24.50 60.78 -25.08
C THR A 103 -25.83 60.30 -25.61
N MET A 104 -26.88 61.12 -25.51
CA MET A 104 -28.19 60.70 -26.00
C MET A 104 -28.27 60.95 -27.47
N ALA A 105 -27.79 62.13 -27.84
CA ALA A 105 -27.79 62.54 -29.22
C ALA A 105 -27.00 61.54 -30.04
N GLU A 106 -25.94 60.99 -29.48
CA GLU A 106 -25.17 60.00 -30.22
C GLU A 106 -25.76 58.60 -30.05
N THR A 107 -26.36 58.32 -28.90
CA THR A 107 -26.97 57.01 -28.71
C THR A 107 -27.97 56.77 -29.81
N MET A 108 -28.79 57.78 -30.11
CA MET A 108 -29.76 57.75 -31.22
C MET A 108 -29.23 58.60 -32.33
N GLY A 109 -29.41 58.20 -33.57
CA GLY A 109 -28.65 58.86 -34.66
C GLY A 109 -28.94 60.31 -34.95
N VAL A 110 -28.68 61.22 -34.00
CA VAL A 110 -29.14 62.60 -34.12
C VAL A 110 -28.13 63.64 -33.61
N LYS A 111 -28.28 64.89 -33.98
CA LYS A 111 -27.31 65.88 -33.56
C LYS A 111 -27.60 66.44 -32.16
N ASP A 112 -26.58 66.77 -31.36
CA ASP A 112 -26.79 67.33 -29.99
C ASP A 112 -27.15 68.82 -30.01
N ARG A 113 -28.32 69.13 -30.53
CA ARG A 113 -28.69 70.51 -30.82
C ARG A 113 -30.09 70.77 -30.35
N PRO A 114 -30.39 72.03 -30.08
CA PRO A 114 -31.73 72.26 -29.53
C PRO A 114 -32.88 71.63 -30.38
N ASN A 115 -32.75 71.69 -31.70
CA ASN A 115 -33.78 71.14 -32.59
C ASN A 115 -33.32 69.87 -33.21
N ALA A 116 -33.65 68.80 -32.52
CA ALA A 116 -33.18 67.50 -32.83
C ALA A 116 -34.16 66.54 -32.22
N ARG A 117 -34.64 65.61 -33.02
CA ARG A 117 -35.82 64.86 -32.73
C ARG A 117 -35.49 63.37 -32.70
N THR A 118 -35.96 62.62 -31.72
CA THR A 118 -35.80 61.16 -31.76
C THR A 118 -37.16 60.57 -31.73
N ASN A 119 -37.28 59.37 -32.27
CA ASN A 119 -38.59 58.74 -32.33
C ASN A 119 -38.90 57.82 -31.18
N SER A 120 -40.15 57.39 -31.12
CA SER A 120 -40.60 56.50 -30.06
C SER A 120 -40.47 55.07 -30.42
N TRP A 121 -40.21 54.82 -31.69
CA TRP A 121 -40.06 53.44 -32.15
C TRP A 121 -38.60 53.01 -32.17
N ALA A 122 -37.70 53.98 -32.18
CA ALA A 122 -36.27 53.74 -32.13
C ALA A 122 -35.90 52.83 -30.96
N GLU A 123 -35.27 51.70 -31.25
CA GLU A 123 -34.79 50.88 -30.17
C GLU A 123 -33.27 50.89 -30.01
N VAL A 124 -32.86 51.06 -28.77
CA VAL A 124 -31.49 51.28 -28.41
C VAL A 124 -30.85 49.99 -27.86
N SER A 125 -29.85 49.43 -28.54
CA SER A 125 -29.01 48.36 -27.92
C SER A 125 -28.00 48.99 -26.93
N ASP A 126 -27.44 48.20 -26.00
CA ASP A 126 -26.45 48.76 -25.06
C ASP A 126 -25.23 49.24 -25.86
N SER A 127 -24.88 48.50 -26.92
CA SER A 127 -23.89 48.93 -27.92
C SER A 127 -24.03 50.42 -28.31
N ASP A 128 -25.27 50.82 -28.56
CA ASP A 128 -25.65 52.20 -28.86
C ASP A 128 -25.38 53.18 -27.74
N ILE A 129 -25.71 52.78 -26.51
CA ILE A 129 -25.50 53.63 -25.35
C ILE A 129 -24.02 53.89 -25.17
N ASN A 130 -23.23 52.82 -25.13
CA ASN A 130 -21.83 52.94 -24.82
C ASN A 130 -21.05 53.79 -25.79
N ARG A 131 -21.29 53.63 -27.08
CA ARG A 131 -20.59 54.47 -28.04
C ARG A 131 -21.05 55.92 -27.95
N GLY A 132 -22.21 56.11 -27.35
CA GLY A 132 -22.70 57.43 -27.08
C GLY A 132 -21.92 58.02 -25.92
N ILE A 133 -21.85 57.30 -24.82
CA ILE A 133 -21.15 57.80 -23.64
C ILE A 133 -19.71 58.12 -24.02
N ALA A 134 -19.11 57.21 -24.75
CA ALA A 134 -17.74 57.34 -25.19
C ALA A 134 -17.50 58.66 -25.92
N LYS A 135 -18.38 58.98 -26.84
CA LYS A 135 -18.27 60.22 -27.58
C LYS A 135 -18.39 61.46 -26.70
N ALA A 136 -19.08 61.38 -25.58
CA ALA A 136 -19.23 62.57 -24.76
C ALA A 136 -18.15 62.67 -23.70
N LEU A 137 -17.52 61.55 -23.40
CA LEU A 137 -16.27 61.58 -22.65
C LEU A 137 -15.23 62.27 -23.48
N LYS A 138 -15.12 61.83 -24.73
CA LYS A 138 -14.14 62.34 -25.66
C LYS A 138 -14.21 63.85 -25.85
N GLU A 139 -15.39 64.41 -26.02
CA GLU A 139 -15.51 65.87 -26.23
C GLU A 139 -15.64 66.58 -24.91
N GLY A 140 -15.84 65.77 -23.87
CA GLY A 140 -16.06 66.23 -22.52
C GLY A 140 -14.85 66.96 -21.95
N ASN A 141 -13.65 66.54 -22.33
CA ASN A 141 -12.48 67.33 -22.06
C ASN A 141 -12.16 67.25 -20.58
N LEU A 142 -12.39 66.09 -20.01
CA LEU A 142 -11.98 65.85 -18.64
C LEU A 142 -11.08 64.63 -18.72
N THR A 143 -10.06 64.62 -17.87
CA THR A 143 -8.96 63.67 -17.98
C THR A 143 -9.11 62.53 -17.01
N LEU A 144 -9.16 61.32 -17.53
CA LEU A 144 -9.42 60.21 -16.67
C LEU A 144 -8.34 59.17 -16.78
N ASP A 145 -7.89 58.72 -15.63
CA ASP A 145 -7.15 57.49 -15.49
C ASP A 145 -7.77 56.35 -16.33
N GLU A 146 -7.00 55.33 -16.70
CA GLU A 146 -7.55 54.10 -17.27
C GLU A 146 -8.56 53.45 -16.31
N ASN A 147 -8.35 53.58 -15.01
CA ASN A 147 -9.27 53.02 -14.02
C ASN A 147 -10.56 53.79 -13.84
N GLN A 148 -10.42 55.08 -13.68
CA GLN A 148 -11.56 55.96 -13.75
C GLN A 148 -12.35 55.71 -15.04
N LYS A 149 -11.75 55.92 -16.21
CA LYS A 149 -12.49 55.75 -17.47
C LYS A 149 -13.22 54.44 -17.49
N ASP A 150 -12.65 53.37 -16.96
CA ASP A 150 -13.38 52.11 -17.01
C ASP A 150 -14.57 52.04 -16.03
N GLY A 151 -14.36 52.32 -14.74
CA GLY A 151 -15.46 52.32 -13.76
C GLY A 151 -16.57 53.31 -14.11
N PHE A 152 -16.16 54.49 -14.55
CA PHE A 152 -17.04 55.55 -14.98
C PHE A 152 -17.95 55.15 -16.15
N MET A 153 -17.39 54.54 -17.18
CA MET A 153 -18.18 54.01 -18.29
C MET A 153 -19.21 52.94 -17.93
N LYS A 154 -19.09 52.37 -16.74
CA LYS A 154 -19.95 51.27 -16.34
C LYS A 154 -21.08 51.78 -15.49
N LEU A 155 -20.81 52.85 -14.76
CA LEU A 155 -21.84 53.52 -14.01
C LEU A 155 -22.75 54.30 -14.96
N VAL A 156 -22.16 55.14 -15.78
CA VAL A 156 -22.95 55.93 -16.69
C VAL A 156 -23.69 55.02 -17.64
N HIS A 157 -23.16 53.86 -17.99
CA HIS A 157 -23.98 52.94 -18.79
C HIS A 157 -25.15 52.37 -18.02
N ALA A 158 -24.92 51.92 -16.80
CA ALA A 158 -25.99 51.36 -15.98
C ALA A 158 -27.09 52.37 -15.62
N PHE A 159 -26.75 53.67 -15.69
CA PHE A 159 -27.69 54.74 -15.48
C PHE A 159 -28.47 55.06 -16.73
N VAL A 160 -27.83 55.08 -17.89
CA VAL A 160 -28.58 55.39 -19.09
C VAL A 160 -29.46 54.20 -19.49
N ALA A 161 -29.05 52.98 -19.18
CA ALA A 161 -29.88 51.79 -19.53
C ALA A 161 -31.07 51.58 -18.61
N ASP A 162 -31.10 52.36 -17.53
CA ASP A 162 -32.21 52.36 -16.62
C ASP A 162 -33.15 53.50 -16.97
N ILE A 163 -32.64 54.69 -17.27
CA ILE A 163 -33.48 55.75 -17.80
C ILE A 163 -34.18 55.31 -19.05
N LEU A 164 -33.43 54.72 -19.97
CA LEU A 164 -34.00 54.34 -21.23
C LEU A 164 -34.62 52.96 -21.18
N ALA A 165 -34.86 52.42 -20.00
CA ALA A 165 -35.80 51.29 -19.89
C ALA A 165 -37.12 51.86 -19.42
N GLN A 166 -37.03 52.65 -18.36
CA GLN A 166 -38.13 53.48 -17.86
C GLN A 166 -38.71 54.34 -18.97
N SER A 167 -37.88 54.77 -19.92
CA SER A 167 -38.35 55.61 -21.00
C SER A 167 -39.52 55.04 -21.80
N GLY A 168 -39.47 53.85 -22.39
CA GLY A 168 -38.33 52.99 -22.48
C GLY A 168 -38.03 52.73 -23.93
N HIS A 169 -36.76 52.87 -24.25
CA HIS A 169 -36.26 52.59 -25.57
C HIS A 169 -35.18 51.44 -25.50
N TYR A 170 -34.78 51.02 -24.27
CA TYR A 170 -33.79 49.94 -24.07
C TYR A 170 -34.37 48.67 -24.63
N LYS A 171 -33.54 47.87 -25.25
CA LYS A 171 -34.01 46.66 -25.89
C LYS A 171 -32.72 45.90 -26.07
N PRO A 172 -32.23 45.30 -25.00
CA PRO A 172 -30.87 44.76 -25.05
C PRO A 172 -30.72 43.60 -26.08
N VAL A 173 -29.73 43.70 -26.98
CA VAL A 173 -29.49 42.68 -28.01
C VAL A 173 -29.03 41.37 -27.38
N THR A 174 -28.29 41.45 -26.27
CA THR A 174 -27.92 40.29 -25.43
C THR A 174 -27.35 40.69 -24.06
N SER A 175 -27.13 39.63 -23.30
CA SER A 175 -26.31 39.65 -22.10
C SER A 175 -24.85 39.36 -22.44
N VAL A 176 -23.99 40.16 -21.82
CA VAL A 176 -22.56 39.98 -21.93
C VAL A 176 -22.02 39.97 -20.51
N THR A 177 -21.08 39.07 -20.21
CA THR A 177 -20.47 39.02 -18.86
C THR A 177 -19.00 39.48 -18.86
N TYR A 178 -18.73 40.51 -18.06
CA TYR A 178 -17.38 40.98 -17.80
C TYR A 178 -16.99 40.52 -16.41
N PHE A 179 -15.75 40.78 -15.97
CA PHE A 179 -15.36 40.57 -14.55
C PHE A 179 -14.63 41.75 -14.00
N SER A 180 -15.22 42.43 -13.02
CA SER A 180 -14.50 43.54 -12.40
C SER A 180 -14.02 43.05 -11.04
N ALA A 181 -13.09 43.78 -10.46
CA ALA A 181 -12.35 43.27 -9.32
C ALA A 181 -12.85 43.90 -8.03
N PRO A 182 -12.76 43.15 -6.93
CA PRO A 182 -13.40 43.39 -5.67
C PRO A 182 -12.80 44.50 -4.88
N ILE A 183 -13.31 44.72 -3.69
CA ILE A 183 -12.83 45.82 -2.87
C ILE A 183 -11.60 45.35 -2.12
N ASP A 184 -10.57 46.17 -2.16
CA ASP A 184 -9.24 45.77 -1.72
C ASP A 184 -9.05 46.04 -0.24
N MET A 185 -9.15 44.98 0.55
CA MET A 185 -8.80 45.07 1.95
C MET A 185 -7.65 44.11 2.20
N GLU A 186 -6.71 44.03 1.26
CA GLU A 186 -5.55 43.14 1.40
C GLU A 186 -4.48 43.75 2.34
N SER A 187 -4.24 45.05 2.22
CA SER A 187 -3.60 45.82 3.29
C SER A 187 -4.74 46.48 4.10
N ASP A 188 -4.40 47.37 5.03
CA ASP A 188 -5.36 47.88 6.04
C ASP A 188 -5.68 46.81 7.09
N TYR A 189 -4.64 46.07 7.48
CA TYR A 189 -4.67 45.28 8.70
C TYR A 189 -4.83 46.25 9.86
N LEU A 190 -4.04 47.32 9.83
CA LEU A 190 -3.93 48.20 10.98
C LEU A 190 -5.22 49.01 11.16
N ASP A 191 -5.74 49.61 10.07
CA ASP A 191 -6.93 50.49 10.13
C ASP A 191 -8.06 49.95 9.28
N PRO A 192 -8.98 49.15 9.88
CA PRO A 192 -10.18 48.76 9.16
C PRO A 192 -11.35 49.67 9.55
N PHE A 193 -11.07 50.75 10.30
CA PHE A 193 -12.14 51.66 10.74
C PHE A 193 -12.57 52.61 9.62
N SER A 194 -11.65 53.37 9.04
CA SER A 194 -12.03 54.27 7.95
C SER A 194 -12.48 53.49 6.71
N ILE A 195 -12.05 52.24 6.57
CA ILE A 195 -12.59 51.35 5.53
C ILE A 195 -14.05 51.03 5.82
N ALA A 196 -14.35 50.84 7.10
CA ALA A 196 -15.70 50.48 7.52
C ALA A 196 -16.68 51.62 7.36
N ILE A 197 -16.24 52.83 7.70
CA ILE A 197 -17.09 53.98 7.55
C ILE A 197 -17.43 54.18 6.09
N ILE A 198 -16.41 54.29 5.25
CA ILE A 198 -16.64 54.55 3.83
C ILE A 198 -17.55 53.48 3.26
N ARG A 199 -17.34 52.23 3.66
CA ARG A 199 -18.07 51.13 3.05
C ARG A 199 -19.52 51.04 3.49
N ASP A 200 -19.81 51.55 4.68
CA ASP A 200 -21.19 51.70 5.12
C ASP A 200 -21.86 52.76 4.25
N VAL A 201 -21.25 53.94 4.19
CA VAL A 201 -21.86 55.08 3.53
C VAL A 201 -22.15 54.78 2.05
N LEU A 202 -21.33 53.95 1.41
CA LEU A 202 -21.58 53.49 0.02
C LEU A 202 -22.88 52.71 -0.17
N ASP A 203 -23.38 52.11 0.90
CA ASP A 203 -24.60 51.32 0.77
C ASP A 203 -25.69 52.24 0.29
N ASP A 204 -25.79 53.38 0.95
CA ASP A 204 -26.77 54.40 0.62
C ASP A 204 -26.28 55.37 -0.48
N SER A 205 -25.77 54.85 -1.59
CA SER A 205 -25.14 55.69 -2.60
C SER A 205 -26.00 55.88 -3.81
N PRO A 206 -25.85 57.01 -4.46
CA PRO A 206 -26.78 57.47 -5.46
C PRO A 206 -26.91 56.55 -6.66
N PHE A 207 -26.03 55.57 -6.78
CA PHE A 207 -26.10 54.66 -7.93
C PHE A 207 -26.85 53.38 -7.64
N SER A 208 -27.24 53.20 -6.38
CA SER A 208 -27.87 51.96 -5.94
C SER A 208 -29.33 51.89 -6.37
N GLU A 209 -30.08 52.94 -6.10
CA GLU A 209 -31.45 53.04 -6.58
C GLU A 209 -31.78 54.46 -7.04
N LEU A 210 -32.26 54.53 -8.27
CA LEU A 210 -32.46 55.78 -8.95
C LEU A 210 -33.88 56.21 -8.71
N ARG A 211 -34.05 57.42 -8.20
CA ARG A 211 -35.39 57.95 -7.96
C ARG A 211 -35.83 58.84 -9.14
N TYR A 212 -36.97 58.48 -9.75
CA TYR A 212 -37.49 59.10 -10.98
C TYR A 212 -38.55 60.16 -10.75
N ASP A 213 -38.67 61.09 -11.70
CA ASP A 213 -39.77 62.07 -11.70
C ASP A 213 -40.76 61.57 -12.75
N ALA A 214 -41.95 61.13 -12.30
CA ALA A 214 -42.90 60.50 -13.21
C ALA A 214 -43.43 61.49 -14.27
N ARG A 215 -43.69 62.73 -13.86
CA ARG A 215 -44.20 63.75 -14.77
C ARG A 215 -43.23 63.96 -15.95
N ALA A 216 -41.98 64.22 -15.64
CA ALA A 216 -40.95 64.37 -16.66
C ALA A 216 -40.83 63.14 -17.54
N MET A 217 -40.82 61.95 -16.94
CA MET A 217 -40.70 60.70 -17.71
C MET A 217 -41.84 60.49 -18.70
N SER A 218 -43.02 61.04 -18.42
CA SER A 218 -44.09 60.98 -19.38
C SER A 218 -43.73 61.77 -20.65
N GLU A 219 -43.06 62.90 -20.49
CA GLU A 219 -42.65 63.70 -21.63
C GLU A 219 -41.73 62.96 -22.58
N LEU A 220 -41.10 61.92 -22.06
CA LEU A 220 -40.08 61.18 -22.75
C LEU A 220 -40.66 60.00 -23.49
N GLU A 221 -41.78 59.51 -22.95
CA GLU A 221 -42.52 58.32 -23.44
C GLU A 221 -43.25 58.72 -24.69
N ASP A 222 -43.81 59.93 -24.61
CA ASP A 222 -44.36 60.70 -25.72
C ASP A 222 -43.51 60.44 -26.95
N ARG A 223 -44.14 60.46 -28.10
CA ARG A 223 -43.43 60.61 -29.34
C ARG A 223 -44.02 61.88 -29.85
N ASP A 224 -43.28 62.81 -30.42
CA ASP A 224 -41.97 62.66 -30.98
C ASP A 224 -41.03 63.57 -30.24
N VAL A 225 -40.15 63.03 -29.40
CA VAL A 225 -39.44 63.88 -28.45
C VAL A 225 -38.15 64.49 -28.97
N PRO A 226 -37.92 65.79 -28.66
CA PRO A 226 -36.62 66.37 -28.99
C PRO A 226 -35.61 65.93 -27.96
N ILE A 227 -34.35 65.88 -28.38
CA ILE A 227 -33.31 65.26 -27.59
C ILE A 227 -33.01 66.15 -26.39
N THR A 228 -33.22 67.44 -26.57
CA THR A 228 -33.10 68.39 -25.50
C THR A 228 -33.91 68.02 -24.25
N ARG A 229 -35.08 67.41 -24.42
CA ARG A 229 -35.97 67.01 -23.31
C ARG A 229 -35.39 65.80 -22.55
N PHE A 230 -34.47 65.08 -23.19
CA PHE A 230 -33.85 63.91 -22.62
C PHE A 230 -32.66 64.29 -21.74
N SER A 231 -31.85 65.22 -22.22
CA SER A 231 -30.68 65.60 -21.46
C SER A 231 -31.17 66.24 -20.19
N ARG A 232 -32.12 67.15 -20.33
CA ARG A 232 -32.58 67.94 -19.21
C ARG A 232 -32.98 67.12 -18.03
N VAL A 233 -33.77 66.08 -18.27
CA VAL A 233 -34.34 65.31 -17.16
C VAL A 233 -33.27 64.44 -16.54
N MET A 234 -32.29 64.01 -17.35
CA MET A 234 -31.18 63.23 -16.86
C MET A 234 -30.29 64.16 -16.05
N ALA A 235 -30.14 65.40 -16.52
CA ALA A 235 -29.34 66.37 -15.79
C ALA A 235 -29.88 66.55 -14.39
N GLN A 236 -31.17 66.80 -14.27
CA GLN A 236 -31.73 67.02 -12.95
C GLN A 236 -31.67 65.77 -12.12
N MET A 237 -31.77 64.61 -12.73
CA MET A 237 -31.59 63.38 -11.95
C MET A 237 -30.18 63.36 -11.38
N GLY A 238 -29.21 63.74 -12.20
CA GLY A 238 -27.81 63.76 -11.78
C GLY A 238 -27.65 64.79 -10.71
N ASN A 239 -28.10 65.99 -11.00
CA ASN A 239 -28.03 67.08 -10.05
C ASN A 239 -28.53 66.69 -8.66
N ALA A 240 -29.49 65.78 -8.60
CA ALA A 240 -29.93 65.25 -7.31
C ALA A 240 -28.98 64.19 -6.77
N MET A 241 -28.36 63.41 -7.65
CA MET A 241 -27.33 62.48 -7.22
C MET A 241 -26.13 63.25 -6.65
N VAL A 242 -25.82 64.39 -7.24
CA VAL A 242 -24.73 65.19 -6.73
C VAL A 242 -25.02 65.64 -5.30
N ARG A 243 -26.24 66.11 -5.05
CA ARG A 243 -26.66 66.48 -3.68
C ARG A 243 -26.65 65.26 -2.78
N ASN A 244 -27.13 64.15 -3.32
CA ASN A 244 -27.12 62.89 -2.61
C ASN A 244 -25.75 62.60 -2.05
N ILE A 245 -24.72 62.86 -2.85
CA ILE A 245 -23.33 62.58 -2.46
C ILE A 245 -22.85 63.62 -1.46
N MET A 246 -23.06 64.89 -1.75
CA MET A 246 -22.70 65.92 -0.79
C MET A 246 -23.22 65.57 0.62
N VAL A 247 -24.36 64.87 0.70
CA VAL A 247 -24.92 64.34 1.96
C VAL A 247 -24.19 63.11 2.53
N LEU A 248 -23.73 62.23 1.65
CA LEU A 248 -22.95 61.09 2.06
C LEU A 248 -21.57 61.54 2.51
N ASN A 249 -20.91 62.35 1.66
CA ASN A 249 -19.58 62.89 1.97
C ASN A 249 -19.61 63.73 3.23
N GLU A 250 -20.82 64.09 3.67
CA GLU A 250 -21.03 64.75 4.96
C GLU A 250 -21.22 63.75 6.10
N ALA A 251 -22.09 62.77 5.89
CA ALA A 251 -22.40 61.80 6.93
C ALA A 251 -21.25 60.79 7.13
N ALA A 252 -20.30 60.78 6.19
CA ALA A 252 -19.06 60.05 6.41
C ALA A 252 -18.13 60.91 7.24
N GLN A 253 -17.92 62.15 6.82
CA GLN A 253 -17.03 63.05 7.57
C GLN A 253 -17.61 63.45 8.93
N ARG A 254 -18.89 63.15 9.18
CA ARG A 254 -19.44 63.28 10.54
C ARG A 254 -19.02 62.11 11.42
N LYS A 255 -18.94 60.92 10.83
CA LYS A 255 -18.51 59.75 11.55
C LYS A 255 -17.03 59.79 11.87
N LEU A 256 -16.22 60.22 10.91
CA LEU A 256 -14.79 60.40 11.13
C LEU A 256 -14.58 61.41 12.25
N ARG A 257 -15.29 62.55 12.17
CA ARG A 257 -15.28 63.51 13.26
C ARG A 257 -15.36 62.79 14.59
N GLY A 258 -16.33 61.88 14.70
CA GLY A 258 -16.52 61.08 15.90
C GLY A 258 -15.38 60.15 16.28
N LEU A 259 -14.74 59.52 15.31
CA LEU A 259 -13.59 58.67 15.59
C LEU A 259 -12.35 59.47 16.04
N ALA A 260 -12.16 60.67 15.51
CA ALA A 260 -11.02 61.54 15.93
C ALA A 260 -11.35 62.28 17.21
N VAL A 261 -12.54 62.01 17.76
CA VAL A 261 -12.89 62.45 19.07
C VAL A 261 -12.61 61.35 20.07
N VAL A 262 -12.92 60.09 19.74
CA VAL A 262 -12.61 58.97 20.63
C VAL A 262 -11.09 58.96 20.95
N GLY A 263 -10.24 59.14 19.96
CA GLY A 263 -8.89 59.58 20.23
C GLY A 263 -8.94 61.06 19.85
N GLU A 264 -8.78 61.98 20.79
CA GLU A 264 -7.90 61.81 21.91
C GLU A 264 -8.54 62.06 23.26
N ILE A 265 -9.79 61.69 23.39
CA ILE A 265 -10.30 61.40 24.73
C ILE A 265 -9.57 60.13 25.28
N VAL A 266 -9.29 59.13 24.44
CA VAL A 266 -8.60 57.89 24.90
C VAL A 266 -7.18 58.15 25.41
N HIS A 267 -6.47 59.06 24.76
CA HIS A 267 -5.14 59.51 25.22
C HIS A 267 -5.23 60.73 26.11
N GLY A 268 -6.43 61.26 26.29
CA GLY A 268 -6.64 62.33 27.23
C GLY A 268 -5.94 63.62 26.87
N ARG A 269 -6.21 64.13 25.68
CA ARG A 269 -5.99 65.55 25.41
C ARG A 269 -7.32 66.28 25.54
N VAL A 270 -8.40 65.54 25.86
CA VAL A 270 -9.75 66.11 25.99
C VAL A 270 -10.61 65.41 27.09
N ARG A 271 -11.47 66.18 27.76
CA ARG A 271 -12.23 65.72 28.96
C ARG A 271 -13.76 65.75 28.84
N TYR A 276 -16.50 63.01 31.22
CA TYR A 276 -16.44 61.78 32.00
C TYR A 276 -17.30 60.63 31.43
N LEU A 277 -16.67 59.84 30.57
CA LEU A 277 -17.37 58.99 29.62
C LEU A 277 -16.60 57.68 29.38
N ASN A 278 -17.27 56.57 29.70
CA ASN A 278 -16.71 55.24 29.55
C ASN A 278 -17.80 54.43 28.88
N ASP A 279 -18.33 55.03 27.80
CA ASP A 279 -19.30 54.44 26.88
C ASP A 279 -18.98 52.96 26.55
N SER A 280 -20.00 52.20 26.16
CA SER A 280 -19.83 50.80 25.77
C SER A 280 -18.84 50.65 24.61
N PHE A 281 -18.91 51.58 23.66
CA PHE A 281 -18.01 51.64 22.51
C PHE A 281 -16.61 52.04 22.99
N ILE A 282 -16.46 53.29 23.46
CA ILE A 282 -15.15 53.83 23.85
C ILE A 282 -14.36 52.82 24.66
N GLN A 283 -15.06 52.04 25.47
CA GLN A 283 -14.43 51.00 26.28
C GLN A 283 -13.82 49.90 25.40
N THR A 284 -14.57 49.30 24.47
CA THR A 284 -13.98 48.24 23.60
C THR A 284 -12.83 48.76 22.70
N LEU A 285 -12.72 50.09 22.52
CA LEU A 285 -11.61 50.71 21.76
C LEU A 285 -10.42 51.17 22.62
N ARG A 286 -10.60 51.29 23.92
CA ARG A 286 -9.46 51.65 24.77
C ARG A 286 -8.54 50.47 24.91
N SER A 287 -9.09 49.26 24.86
CA SER A 287 -8.32 48.01 24.88
C SER A 287 -8.28 47.35 23.49
N ASN A 288 -8.35 48.19 22.46
CA ASN A 288 -8.01 47.81 21.09
C ASN A 288 -6.61 48.31 20.67
N ILE A 289 -5.66 47.36 20.56
CA ILE A 289 -4.28 47.66 20.16
C ILE A 289 -4.30 48.46 18.82
N ASN A 290 -5.09 48.03 17.83
CA ASN A 290 -5.25 48.79 16.57
C ASN A 290 -5.57 50.22 16.79
N PHE A 291 -6.70 50.48 17.42
CA PHE A 291 -7.12 51.85 17.59
C PHE A 291 -5.98 52.60 18.27
N HIS A 292 -5.56 52.09 19.42
CA HIS A 292 -4.61 52.79 20.28
C HIS A 292 -3.34 53.30 19.55
N LEU A 293 -2.83 52.50 18.62
CA LEU A 293 -1.64 52.86 17.83
C LEU A 293 -1.96 53.97 16.85
N LEU A 294 -2.98 53.75 16.02
CA LEU A 294 -3.48 54.68 15.00
C LEU A 294 -3.77 56.06 15.52
N THR A 295 -4.32 56.09 16.73
CA THR A 295 -4.74 57.32 17.34
C THR A 295 -3.62 58.03 18.12
N ARG A 296 -2.49 57.36 18.39
CA ARG A 296 -1.50 57.90 19.34
C ARG A 296 -1.24 59.40 19.16
N THR A 297 -0.50 59.79 18.11
CA THR A 297 -0.50 61.19 17.67
C THR A 297 -1.66 61.26 16.67
N THR A 298 -2.46 62.32 16.73
CA THR A 298 -3.78 62.30 16.07
C THR A 298 -3.66 62.16 14.54
N PRO A 299 -4.39 61.19 13.95
CA PRO A 299 -4.34 60.91 12.50
C PRO A 299 -5.02 62.00 11.63
N GLU A 300 -4.29 62.54 10.66
CA GLU A 300 -4.80 63.64 9.82
C GLU A 300 -6.07 63.24 9.11
N ARG A 301 -6.13 62.02 8.59
CA ARG A 301 -7.29 61.57 7.82
C ARG A 301 -8.61 61.78 8.57
N TRP A 302 -8.57 61.60 9.89
CA TRP A 302 -9.77 61.77 10.73
C TRP A 302 -9.94 63.22 11.23
N ALA A 303 -8.82 63.87 11.56
CA ALA A 303 -8.83 65.28 11.91
C ALA A 303 -9.20 66.22 10.73
N GLN A 304 -9.27 65.67 9.52
CA GLN A 304 -9.61 66.43 8.31
C GLN A 304 -10.99 67.02 8.50
N SER A 305 -11.87 66.16 8.97
CA SER A 305 -13.30 66.47 9.14
C SER A 305 -13.64 67.62 10.09
N TRP A 306 -12.75 67.92 11.03
CA TRP A 306 -12.98 69.04 11.95
C TRP A 306 -12.55 70.40 11.35
N ILE A 307 -11.83 70.40 10.22
CA ILE A 307 -11.38 71.67 9.62
C ILE A 307 -12.59 72.50 9.18
N GLN A 308 -13.67 71.80 8.81
CA GLN A 308 -14.93 72.45 8.40
C GLN A 308 -15.70 73.01 9.60
N ALA A 309 -16.03 72.15 10.56
CA ALA A 309 -16.82 72.58 11.74
C ALA A 309 -16.12 73.69 12.56
N PHE A 310 -15.07 73.35 13.31
CA PHE A 310 -14.29 74.34 14.08
C PHE A 310 -13.04 74.70 13.30
N GLY A 311 -12.08 73.77 13.28
CA GLY A 311 -10.94 73.86 12.37
C GLY A 311 -9.76 74.61 12.97
N SER A 312 -8.65 73.94 13.23
CA SER A 312 -8.48 72.51 13.01
C SER A 312 -9.05 71.72 14.20
N LEU A 313 -8.58 70.49 14.38
CA LEU A 313 -8.96 69.68 15.53
C LEU A 313 -8.52 70.40 16.81
N LYS A 314 -7.29 70.93 16.80
CA LYS A 314 -6.70 71.64 17.96
C LYS A 314 -7.50 72.87 18.40
N GLY A 315 -8.22 73.49 17.45
CA GLY A 315 -9.17 74.56 17.77
C GLY A 315 -10.33 74.04 18.61
N TRP A 316 -10.86 72.87 18.24
CA TRP A 316 -11.91 72.22 19.03
C TRP A 316 -11.40 71.65 20.36
N VAL A 317 -10.24 70.98 20.33
CA VAL A 317 -9.63 70.42 21.56
C VAL A 317 -9.49 71.47 22.68
N ASP A 318 -9.08 72.68 22.32
CA ASP A 318 -8.99 73.80 23.27
C ASP A 318 -10.35 74.23 23.80
N ALA A 319 -11.39 74.03 22.98
CA ALA A 319 -12.76 74.33 23.36
C ALA A 319 -13.27 73.46 24.51
N ILE A 320 -13.11 72.15 24.43
CA ILE A 320 -13.62 71.24 25.51
C ILE A 320 -12.61 71.04 26.66
N ASN A 321 -11.51 71.80 26.62
CA ASN A 321 -10.61 71.96 27.76
C ASN A 321 -10.76 73.34 28.44
N GLY A 322 -11.41 74.28 27.74
CA GLY A 322 -11.96 75.49 28.39
C GLY A 322 -13.30 75.17 29.07
N ILE A 323 -14.13 74.33 28.43
CA ILE A 323 -15.43 73.85 28.98
C ILE A 323 -15.24 72.98 30.24
N ALA A 324 -14.44 71.92 30.12
CA ALA A 324 -14.17 71.01 31.25
C ALA A 324 -13.63 71.74 32.49
N ASP A 325 -13.09 72.95 32.31
CA ASP A 325 -12.77 73.86 33.41
C ASP A 325 -14.02 74.62 33.87
N LEU A 346 -22.63 73.24 21.60
CA LEU A 346 -21.25 72.77 21.53
C LEU A 346 -20.90 71.86 22.72
N SER A 347 -21.74 70.87 22.97
CA SER A 347 -21.49 69.82 23.97
C SER A 347 -22.52 68.73 23.69
N ASP A 348 -22.76 67.84 24.64
CA ASP A 348 -23.62 66.67 24.42
C ASP A 348 -23.05 65.85 23.25
N LEU A 349 -21.96 65.15 23.55
CA LEU A 349 -21.07 64.62 22.54
C LEU A 349 -21.37 63.18 22.19
N THR A 350 -22.39 62.62 22.82
CA THR A 350 -22.60 61.18 22.83
C THR A 350 -23.37 60.63 21.59
N PRO A 351 -23.84 61.50 20.63
CA PRO A 351 -24.39 60.89 19.41
C PRO A 351 -23.35 60.66 18.32
N LEU A 352 -22.35 61.56 18.21
CA LEU A 352 -21.23 61.40 17.26
C LEU A 352 -20.57 60.06 17.41
N ILE A 353 -20.38 59.66 18.67
CA ILE A 353 -19.73 58.41 19.01
C ILE A 353 -20.62 57.25 18.60
N ARG A 354 -21.91 57.42 18.88
CA ARG A 354 -22.92 56.41 18.56
C ARG A 354 -23.05 56.24 17.02
N ASP A 355 -22.94 57.36 16.29
CA ASP A 355 -22.95 57.35 14.81
C ASP A 355 -21.81 56.48 14.29
N ALA A 356 -20.59 56.84 14.71
CA ALA A 356 -19.38 56.10 14.34
C ALA A 356 -19.57 54.61 14.57
N ALA A 357 -20.04 54.25 15.76
CA ALA A 357 -20.17 52.86 16.16
C ALA A 357 -20.93 51.98 15.17
N THR A 358 -22.20 52.29 14.93
CA THR A 358 -23.10 51.45 14.11
C THR A 358 -22.45 50.96 12.81
N SER A 359 -21.65 51.84 12.23
CA SER A 359 -20.77 51.53 11.08
C SER A 359 -19.63 50.59 11.48
N VAL A 360 -18.72 51.09 12.31
CA VAL A 360 -17.55 50.34 12.77
C VAL A 360 -18.00 48.95 13.20
N GLU A 361 -19.11 48.88 13.91
CA GLU A 361 -19.61 47.62 14.46
C GLU A 361 -20.06 46.65 13.40
N LYS A 362 -20.79 47.16 12.42
CA LYS A 362 -21.30 46.26 11.40
C LYS A 362 -20.22 45.79 10.40
N PHE A 363 -19.01 46.36 10.46
CA PHE A 363 -17.92 45.94 9.55
C PHE A 363 -16.63 45.45 10.22
N VAL A 364 -16.54 45.55 11.54
CA VAL A 364 -15.31 45.27 12.29
C VAL A 364 -15.63 44.42 13.52
N THR A 365 -15.20 43.16 13.55
CA THR A 365 -15.31 42.39 14.79
C THR A 365 -13.98 42.54 15.54
N PHE A 366 -14.07 42.67 16.87
CA PHE A 366 -12.90 42.85 17.71
C PHE A 366 -12.50 41.47 18.17
N ALA A 367 -11.21 41.23 18.29
CA ALA A 367 -10.76 39.86 18.37
C ALA A 367 -10.05 39.54 19.65
N PRO A 368 -10.15 38.27 20.07
CA PRO A 368 -9.29 37.81 21.15
C PRO A 368 -7.83 38.04 20.75
N LEU A 369 -7.05 38.74 21.58
CA LEU A 369 -5.62 38.89 21.27
C LEU A 369 -4.94 37.55 20.98
N SER A 370 -5.46 36.46 21.57
CA SER A 370 -12.41 36.73 23.87
C SER A 370 -12.18 35.93 22.58
N PHE A 371 -13.02 36.07 21.55
CA PHE A 371 -12.63 35.61 20.21
C PHE A 371 -11.71 36.71 19.69
N TYR A 372 -10.64 36.37 18.98
CA TYR A 372 -10.43 35.04 18.43
C TYR A 372 -9.35 34.23 19.16
N GLN A 373 -9.76 33.07 19.66
CA GLN A 373 -8.84 32.06 20.20
C GLN A 373 -8.48 31.03 19.15
N GLY A 374 -9.01 31.20 17.95
CA GLY A 374 -8.42 30.60 16.77
C GLY A 374 -8.09 31.63 15.68
N LEU A 375 -8.25 31.25 14.42
CA LEU A 375 -8.39 29.87 14.08
C LEU A 375 -7.04 29.24 14.32
N GLY A 376 -6.84 28.59 15.45
CA GLY A 376 -5.49 28.14 15.71
C GLY A 376 -5.46 26.93 16.58
N SER A 377 -5.11 25.80 15.98
CA SER A 377 -4.86 24.61 16.78
C SER A 377 -3.61 24.90 17.54
N VAL A 378 -3.75 25.28 18.81
CA VAL A 378 -2.60 25.48 19.69
C VAL A 378 -2.39 24.16 20.43
N THR A 379 -1.24 23.53 20.24
CA THR A 379 -0.84 22.41 21.05
C THR A 379 0.58 22.78 21.47
N GLN A 380 0.78 22.90 22.78
CA GLN A 380 2.10 23.14 23.32
C GLN A 380 2.86 21.81 23.44
N ILE A 381 4.19 21.83 23.34
CA ILE A 381 5.00 20.62 23.62
C ILE A 381 6.30 20.92 24.32
N ARG A 382 6.48 20.22 25.43
CA ARG A 382 7.51 20.51 26.39
C ARG A 382 8.73 19.66 26.13
N ALA A 383 9.91 20.17 26.52
CA ALA A 383 11.18 19.46 26.29
C ALA A 383 11.21 18.08 27.00
N LEU A 384 12.25 17.29 26.76
CA LEU A 384 12.44 16.05 27.54
C LEU A 384 12.63 16.34 29.04
N ASP A 385 13.11 17.54 29.34
CA ASP A 385 13.15 18.10 30.71
C ASP A 385 11.78 18.63 31.09
N SER A 386 10.83 17.70 31.20
CA SER A 386 9.38 17.98 31.15
C SER A 386 9.06 19.37 31.65
N SER A 387 9.14 19.55 32.95
CA SER A 387 8.75 20.78 33.53
C SER A 387 10.02 21.63 33.75
N THR A 388 9.83 22.90 34.09
CA THR A 388 8.56 23.58 33.91
C THR A 388 8.81 24.51 32.72
N ASN A 389 9.21 23.92 31.60
CA ASN A 389 9.43 24.69 30.39
C ASN A 389 9.32 23.87 29.11
N LEU A 390 8.80 24.51 28.08
CA LEU A 390 8.45 23.82 26.84
C LEU A 390 9.34 24.24 25.70
N ALA A 391 9.31 23.47 24.62
CA ALA A 391 10.19 23.68 23.47
C ALA A 391 9.43 24.35 22.34
N ALA A 392 8.46 23.62 21.82
CA ALA A 392 7.72 23.99 20.63
C ALA A 392 6.26 24.39 20.95
N VAL A 393 5.71 25.33 20.19
CA VAL A 393 4.28 25.68 20.25
C VAL A 393 3.68 25.53 18.87
N ILE A 394 2.89 24.50 18.63
CA ILE A 394 2.33 24.30 17.29
C ILE A 394 1.08 25.14 17.10
N VAL A 395 0.95 25.85 15.96
CA VAL A 395 -0.26 26.63 15.63
C VAL A 395 -0.71 26.29 14.21
N ARG A 396 -1.78 25.50 14.07
CA ARG A 396 -2.27 25.05 12.76
C ARG A 396 -3.56 25.77 12.28
N TYR A 397 -3.43 26.69 11.34
CA TYR A 397 -4.57 27.37 10.76
C TYR A 397 -5.12 26.44 9.70
N ALA A 398 -6.41 26.13 9.72
CA ALA A 398 -7.00 25.35 8.62
C ALA A 398 -7.98 26.18 7.77
N ALA A 399 -8.19 25.75 6.53
CA ALA A 399 -9.09 26.43 5.59
C ALA A 399 -9.53 25.42 4.56
N LYS A 400 -10.50 25.77 3.73
CA LYS A 400 -10.91 24.81 2.74
C LYS A 400 -10.00 24.98 1.55
N GLU A 401 -9.57 23.84 1.03
CA GLU A 401 -8.81 23.80 -0.21
C GLU A 401 -9.79 23.21 -1.19
N ILE A 402 -9.34 23.07 -2.43
CA ILE A 402 -10.11 22.42 -3.45
C ILE A 402 -9.33 21.25 -4.00
N ASN A 403 -9.93 20.08 -3.91
CA ASN A 403 -9.27 18.84 -4.29
C ASN A 403 -9.32 18.66 -5.80
N LEU A 404 -10.40 19.11 -6.42
CA LEU A 404 -10.54 18.92 -7.86
C LEU A 404 -11.32 20.01 -8.57
N ILE A 405 -10.99 20.14 -9.85
CA ILE A 405 -11.37 21.28 -10.66
C ILE A 405 -12.04 20.72 -11.90
N PRO A 406 -13.21 21.26 -12.27
CA PRO A 406 -13.95 20.76 -13.42
C PRO A 406 -13.44 21.38 -14.70
N ALA A 407 -13.59 20.65 -15.79
CA ALA A 407 -13.08 21.09 -17.07
C ALA A 407 -14.11 20.87 -18.13
N TYR A 408 -14.25 21.84 -19.01
CA TYR A 408 -15.37 21.86 -19.91
C TYR A 408 -14.92 21.98 -21.34
N GLN A 409 -15.55 21.28 -22.26
CA GLN A 409 -15.23 21.53 -23.65
C GLN A 409 -15.71 22.90 -24.03
N SER A 410 -14.84 23.63 -24.72
CA SER A 410 -15.19 24.96 -25.13
C SER A 410 -14.82 25.17 -26.58
N PHE A 411 -15.55 26.08 -27.23
CA PHE A 411 -15.13 26.70 -28.46
C PHE A 411 -14.92 28.19 -28.29
N GLN A 412 -14.16 28.75 -29.21
CA GLN A 412 -13.68 30.09 -29.06
C GLN A 412 -14.36 31.01 -30.07
N VAL A 413 -14.80 32.17 -29.57
CA VAL A 413 -15.61 33.11 -30.33
C VAL A 413 -14.79 34.34 -30.69
N PRO A 414 -14.81 34.75 -31.96
CA PRO A 414 -13.95 35.86 -32.37
C PRO A 414 -14.24 37.19 -31.68
N THR A 415 -13.19 37.88 -31.22
CA THR A 415 -13.23 39.32 -30.98
C THR A 415 -11.92 39.84 -31.46
N VAL A 416 -11.75 41.15 -31.46
CA VAL A 416 -10.51 41.72 -31.92
C VAL A 416 -9.92 42.45 -30.72
N ASP A 417 -8.98 41.80 -30.05
CA ASP A 417 -8.29 42.27 -28.85
C ASP A 417 -7.33 41.17 -28.58
N VAL A 418 -6.08 41.43 -28.26
CA VAL A 418 -5.28 40.29 -27.81
C VAL A 418 -4.41 40.64 -26.60
N GLY A 419 -4.95 41.25 -25.54
CA GLY A 419 -6.36 41.46 -25.30
C GLY A 419 -6.93 40.29 -24.52
N VAL A 420 -8.11 39.88 -24.93
CA VAL A 420 -8.85 38.91 -24.19
C VAL A 420 -9.23 37.81 -25.12
N LYS A 421 -9.90 36.79 -24.61
CA LYS A 421 -10.60 35.87 -25.46
C LYS A 421 -12.01 35.67 -24.96
N LYS A 422 -12.94 35.52 -25.90
CA LYS A 422 -14.27 35.05 -25.63
C LYS A 422 -14.25 33.58 -25.80
N THR A 423 -14.91 32.86 -24.89
CA THR A 423 -15.08 31.44 -25.09
C THR A 423 -16.48 31.07 -24.70
N ALA A 424 -16.90 29.94 -25.25
CA ALA A 424 -18.21 29.46 -25.09
C ALA A 424 -18.08 28.13 -24.40
N ILE A 425 -18.19 28.14 -23.09
CA ILE A 425 -18.06 26.89 -22.35
C ILE A 425 -19.36 26.10 -22.48
N MET A 426 -19.25 24.84 -22.87
CA MET A 426 -20.43 24.01 -23.07
C MET A 426 -20.56 22.96 -21.97
N ASP A 427 -19.88 21.83 -22.14
CA ASP A 427 -20.13 20.62 -21.35
C ASP A 427 -19.02 20.27 -20.42
N GLN A 428 -19.33 19.96 -19.17
CA GLN A 428 -18.30 19.40 -18.29
C GLN A 428 -17.92 18.07 -18.88
N ARG A 429 -16.62 17.83 -19.08
CA ARG A 429 -16.15 16.56 -19.67
C ARG A 429 -15.05 15.85 -18.92
N LEU A 430 -14.53 16.49 -17.88
CA LEU A 430 -13.67 15.85 -16.93
C LEU A 430 -13.84 16.53 -15.61
N SER A 431 -13.19 15.99 -14.59
CA SER A 431 -12.76 16.83 -13.47
C SER A 431 -11.29 16.52 -13.20
N LEU A 432 -10.48 17.56 -13.22
CA LEU A 432 -9.05 17.41 -13.13
C LEU A 432 -8.72 17.25 -11.66
N GLN A 433 -7.84 16.30 -11.37
CA GLN A 433 -7.46 15.93 -9.99
C GLN A 433 -6.19 16.62 -9.53
N LEU A 434 -6.08 16.81 -8.23
CA LEU A 434 -4.90 17.40 -7.65
C LEU A 434 -4.13 16.33 -6.86
N PRO A 435 -3.20 16.72 -6.00
CA PRO A 435 -2.50 15.77 -5.16
C PRO A 435 -3.31 15.08 -4.07
N GLU A 436 -4.06 15.81 -3.24
CA GLU A 436 -4.92 15.17 -2.20
C GLU A 436 -4.16 14.52 -1.02
N PHE A 437 -3.19 15.21 -0.44
CA PHE A 437 -2.44 14.66 0.69
C PHE A 437 -2.76 15.40 1.98
N SER A 438 -2.96 14.65 3.06
CA SER A 438 -3.38 15.24 4.34
C SER A 438 -2.21 15.87 5.06
N GLU A 439 -2.39 17.10 5.47
CA GLU A 439 -1.36 17.82 6.18
C GLU A 439 -1.24 17.38 7.63
N ASP A 440 -2.15 16.51 8.05
CA ASP A 440 -2.19 16.02 9.43
C ASP A 440 -0.86 15.37 9.83
N GLN A 441 -0.57 14.26 9.18
CA GLN A 441 0.56 13.40 9.50
C GLN A 441 1.91 14.14 9.55
N PHE A 442 2.07 15.15 8.71
CA PHE A 442 3.33 15.90 8.61
C PHE A 442 3.67 16.62 9.89
N PHE A 443 2.68 17.24 10.51
CA PHE A 443 2.88 17.86 11.80
C PHE A 443 2.95 16.81 12.90
N GLY A 444 2.32 15.65 12.66
CA GLY A 444 2.50 14.50 13.54
C GLY A 444 3.95 14.06 13.79
N MET A 445 4.70 13.81 12.71
CA MET A 445 6.10 13.41 12.82
C MET A 445 6.92 14.55 13.39
N LEU A 446 6.44 15.77 13.18
CA LEU A 446 7.11 16.95 13.68
C LEU A 446 6.81 17.16 15.18
N GLU A 447 5.63 16.78 15.65
CA GLU A 447 5.36 16.83 17.09
C GLU A 447 6.38 15.96 17.79
N GLN A 448 6.38 14.66 17.43
CA GLN A 448 7.28 13.68 18.04
C GLN A 448 8.69 14.21 18.15
N ARG A 449 9.20 14.69 17.03
CA ARG A 449 10.54 15.26 16.99
C ARG A 449 10.78 16.36 18.04
N MET A 450 9.79 17.21 18.27
CA MET A 450 9.96 18.36 19.18
C MET A 450 9.77 17.98 20.65
N GLN A 451 9.18 16.80 20.89
CA GLN A 451 9.04 16.23 22.24
C GLN A 451 10.36 15.63 22.68
N ASN A 452 10.96 14.84 21.79
CA ASN A 452 12.27 14.22 22.02
C ASN A 452 13.43 15.21 21.99
N MET A 453 13.12 16.48 21.73
CA MET A 453 14.11 17.56 21.83
C MET A 453 14.34 17.90 23.29
N SER A 454 15.58 17.76 23.71
CA SER A 454 15.97 18.13 25.05
C SER A 454 15.96 19.65 25.12
N ASP A 455 15.99 20.11 26.35
CA ASP A 455 15.99 21.53 26.68
C ASP A 455 17.08 22.35 25.97
N SER A 456 18.31 21.86 26.02
CA SER A 456 19.46 22.57 25.46
C SER A 456 19.46 22.47 23.93
N GLU A 457 19.16 21.27 23.42
CA GLU A 457 19.00 21.02 21.97
C GLU A 457 18.09 22.06 21.30
N VAL A 458 17.03 22.40 22.02
CA VAL A 458 16.04 23.36 21.54
C VAL A 458 16.64 24.75 21.52
N ALA A 459 17.04 25.28 22.67
CA ALA A 459 17.65 26.60 22.72
C ALA A 459 18.83 26.80 21.73
N GLU A 460 19.45 25.68 21.31
CA GLU A 460 20.46 25.66 20.22
C GLU A 460 19.83 25.94 18.85
N LEU A 461 18.85 25.10 18.50
CA LEU A 461 18.08 25.23 17.24
C LEU A 461 17.50 26.61 17.08
N VAL A 462 17.10 27.21 18.19
CA VAL A 462 16.57 28.56 18.21
C VAL A 462 17.63 29.58 17.83
N ASP A 463 18.76 29.52 18.50
CA ASP A 463 19.89 30.36 18.17
C ASP A 463 20.35 30.13 16.71
N ARG A 464 20.56 28.86 16.35
CA ARG A 464 20.82 28.44 14.98
C ARG A 464 19.87 29.17 13.99
N ILE A 465 18.56 29.14 14.30
CA ILE A 465 17.51 29.75 13.45
C ILE A 465 17.55 31.25 13.53
N ALA A 466 17.65 31.78 14.74
CA ALA A 466 17.73 33.20 14.96
C ALA A 466 18.92 33.82 14.22
N LYS A 467 19.92 33.02 13.86
CA LYS A 467 21.01 33.51 13.00
C LYS A 467 20.68 33.50 11.52
N GLY A 468 19.52 32.96 11.16
CA GLY A 468 19.03 33.05 9.79
C GLY A 468 18.86 31.68 9.16
N GLU A 469 19.42 30.67 9.80
CA GLU A 469 19.26 29.31 9.33
C GLU A 469 17.78 28.94 9.35
N THR A 470 17.34 28.15 8.37
CA THR A 470 15.92 27.84 8.24
C THR A 470 15.74 26.40 7.86
N PRO A 471 16.11 25.50 8.78
CA PRO A 471 16.18 24.07 8.48
C PRO A 471 14.86 23.50 7.98
N PHE A 472 13.77 23.98 8.54
CA PHE A 472 12.44 23.55 8.18
C PHE A 472 11.74 24.50 7.21
N GLY A 473 12.41 25.59 6.81
CA GLY A 473 11.77 26.59 5.98
C GLY A 473 11.06 27.52 6.93
N ASP A 474 9.90 28.00 6.54
CA ASP A 474 9.11 28.88 7.41
C ASP A 474 7.98 28.11 8.14
N VAL A 475 8.17 26.80 8.26
CA VAL A 475 7.35 26.00 9.15
C VAL A 475 7.77 26.28 10.59
N VAL A 476 9.07 26.23 10.87
CA VAL A 476 9.56 26.43 12.22
C VAL A 476 10.36 27.70 12.34
N LYS A 477 9.94 28.61 13.21
CA LYS A 477 10.69 29.82 13.40
C LYS A 477 10.81 30.10 14.87
N GLN A 478 11.72 30.99 15.18
CA GLN A 478 11.82 31.60 16.48
C GLN A 478 10.42 32.09 16.87
N LEU A 479 9.82 31.68 18.01
CA LEU A 479 8.59 32.35 18.49
C LEU A 479 8.95 33.80 18.80
N PRO A 480 8.26 34.72 18.18
CA PRO A 480 8.73 36.09 18.05
C PRO A 480 8.96 36.78 19.41
N GLY A 481 10.22 36.93 19.82
CA GLY A 481 10.55 37.62 21.08
C GLY A 481 10.53 36.74 22.32
N THR A 482 10.28 35.44 22.14
CA THR A 482 10.40 34.42 23.18
C THR A 482 11.50 33.44 22.82
N SER A 483 12.12 32.81 23.80
CA SER A 483 13.17 31.86 23.47
C SER A 483 12.68 30.45 23.04
N THR A 484 11.39 30.13 23.08
CA THR A 484 10.91 28.89 22.41
C THR A 484 10.74 29.09 20.93
N LEU A 485 10.44 28.01 20.22
CA LEU A 485 10.08 28.14 18.80
C LEU A 485 8.62 27.75 18.59
N LEU A 486 8.06 28.17 17.44
CA LEU A 486 6.70 27.81 17.00
C LEU A 486 6.71 27.05 15.70
N VAL A 487 5.59 26.43 15.40
CA VAL A 487 5.53 25.50 14.32
C VAL A 487 4.26 25.75 13.52
N THR A 488 4.16 26.89 12.86
CA THR A 488 2.92 27.22 12.16
C THR A 488 2.74 26.58 10.80
N ASN A 489 1.48 26.58 10.45
CA ASN A 489 1.06 26.24 9.16
C ASN A 489 1.21 27.44 8.31
N GLY A 490 0.59 28.51 8.77
CA GLY A 490 0.19 29.60 7.93
C GLY A 490 1.16 30.68 7.53
N TYR A 491 2.46 30.49 7.75
CA TYR A 491 3.39 31.31 7.01
C TYR A 491 3.17 30.92 5.53
N TYR A 492 2.75 29.66 5.34
CA TYR A 492 2.66 29.00 4.03
C TYR A 492 1.31 29.11 3.37
N MET A 493 0.29 29.57 4.07
CA MET A 493 -1.04 29.55 3.44
C MET A 493 -1.89 30.83 3.53
N GLY A 494 -2.32 31.30 2.37
CA GLY A 494 -3.05 32.53 2.27
C GLY A 494 -2.21 33.73 2.66
N GLY A 495 -0.95 33.52 3.07
CA GLY A 495 -0.18 34.59 3.70
C GLY A 495 -0.85 35.08 4.98
N LEU A 496 -1.57 34.17 5.66
CA LEU A 496 -2.15 34.42 6.97
C LEU A 496 -1.19 35.09 7.93
N LEU A 497 -0.03 34.46 8.13
CA LEU A 497 1.04 35.07 8.87
C LEU A 497 1.95 35.84 7.90
N THR A 498 2.11 37.13 8.15
CA THR A 498 3.16 37.95 7.57
C THR A 498 3.51 38.90 8.69
N ASN A 499 4.71 39.45 8.69
CA ASN A 499 5.18 40.15 9.86
C ASN A 499 5.10 41.65 9.72
N GLU A 500 4.25 42.28 10.50
CA GLU A 500 4.33 43.73 10.62
C GLU A 500 5.02 43.99 11.94
N ASP A 501 5.82 45.05 12.00
CA ASP A 501 6.84 45.13 13.05
C ASP A 501 6.59 46.15 14.17
N LYS A 502 5.48 46.87 14.13
CA LYS A 502 5.06 47.61 15.31
C LYS A 502 3.77 46.99 15.87
N ILE A 503 3.88 46.35 17.02
CA ILE A 503 2.75 45.71 17.72
C ILE A 503 3.25 45.32 19.12
N ILE A 504 4.38 44.61 19.12
CA ILE A 504 5.11 44.19 20.32
C ILE A 504 6.13 45.27 20.57
N PRO A 505 6.46 45.52 21.85
CA PRO A 505 7.59 46.43 21.97
C PRO A 505 8.88 45.74 21.48
N GLY A 506 9.97 46.49 21.45
CA GLY A 506 11.27 45.91 21.16
C GLY A 506 11.54 45.75 19.68
N ASP A 507 12.31 44.72 19.34
CA ASP A 507 12.90 44.60 18.01
C ASP A 507 12.31 43.49 17.14
N ALA A 508 11.60 42.54 17.75
CA ALA A 508 11.05 41.41 17.00
C ALA A 508 9.80 41.84 16.31
N SER A 509 9.81 41.79 14.99
CA SER A 509 8.60 41.95 14.22
C SER A 509 7.72 40.74 14.52
N VAL A 510 6.41 40.88 14.34
CA VAL A 510 5.45 39.82 14.73
C VAL A 510 4.20 39.73 13.91
N PRO A 511 3.81 38.50 13.50
CA PRO A 511 2.59 38.38 12.70
C PRO A 511 1.32 38.76 13.47
N ALA A 512 0.34 39.32 12.76
CA ALA A 512 -0.85 39.84 13.38
C ALA A 512 -1.67 38.75 14.05
N LEU A 513 -2.06 37.75 13.28
CA LEU A 513 -2.96 36.70 13.78
C LEU A 513 -2.38 35.75 14.85
N LEU A 514 -1.14 36.00 15.27
CA LEU A 514 -0.67 35.40 16.50
C LEU A 514 -0.93 36.39 17.59
N TYR A 515 -0.27 37.54 17.53
CA TYR A 515 -0.51 38.62 18.49
C TYR A 515 -1.92 38.70 18.95
N MET A 516 -2.84 38.52 18.00
CA MET A 516 -4.25 38.53 18.30
C MET A 516 -4.71 37.22 18.95
N GLN A 517 -4.47 36.09 18.31
CA GLN A 517 -4.87 34.83 18.94
C GLN A 517 -4.32 34.65 20.35
N ALA A 518 -3.20 35.32 20.67
CA ALA A 518 -2.57 35.23 21.99
C ALA A 518 -3.22 36.19 22.93
N ALA A 519 -3.28 37.46 22.56
CA ALA A 519 -3.97 38.46 23.37
C ALA A 519 -5.42 38.08 23.69
N SER A 520 -6.07 37.29 22.82
CA SER A 520 -7.44 36.79 23.08
C SER A 520 -7.52 35.75 24.26
N PHE A 521 -6.37 35.33 24.76
CA PHE A 521 -6.27 34.53 25.97
C PHE A 521 -5.92 35.40 27.18
N ALA A 522 -6.26 36.69 27.16
CA ALA A 522 -5.85 37.63 28.22
C ALA A 522 -7.05 38.19 28.93
N SER A 523 -6.97 38.25 30.27
CA SER A 523 -8.14 38.51 31.10
C SER A 523 -8.43 39.98 31.29
N SER A 524 -7.41 40.82 31.27
CA SER A 524 -7.66 42.26 31.21
C SER A 524 -6.44 42.90 30.66
N VAL A 525 -6.53 44.21 30.37
CA VAL A 525 -5.60 44.84 29.45
C VAL A 525 -5.37 46.30 29.83
N ARG A 526 -4.16 46.70 30.20
CA ARG A 526 -3.91 48.09 30.67
C ARG A 526 -3.52 49.04 29.54
N PHE A 527 -4.18 50.21 29.47
CA PHE A 527 -4.04 51.14 28.33
C PHE A 527 -3.41 52.49 28.68
N PRO A 528 -2.08 52.51 28.78
CA PRO A 528 -1.39 53.79 29.01
C PRO A 528 -1.37 54.72 27.78
N PRO A 529 -1.65 56.00 28.00
CA PRO A 529 -1.48 56.96 26.90
C PRO A 529 -0.04 57.01 26.36
N GLY A 530 0.13 56.67 25.09
CA GLY A 530 1.42 56.80 24.43
C GLY A 530 2.34 55.60 24.58
N GLU A 531 1.79 54.44 24.94
CA GLU A 531 2.60 53.23 25.09
C GLU A 531 1.86 51.98 24.64
N TYR A 532 2.57 50.87 24.57
CA TYR A 532 1.95 49.64 24.12
C TYR A 532 0.97 49.17 25.14
N PRO A 533 -0.03 48.40 24.70
CA PRO A 533 -0.92 47.78 25.65
C PRO A 533 -0.17 46.73 26.45
N VAL A 534 -0.47 46.65 27.75
CA VAL A 534 0.12 45.64 28.65
C VAL A 534 -0.98 44.64 29.05
N PHE A 535 -0.73 43.36 28.82
CA PHE A 535 -1.77 42.35 29.00
C PHE A 535 -1.61 41.65 30.35
N HIS A 536 -2.69 41.04 30.85
CA HIS A 536 -2.66 40.31 32.13
C HIS A 536 -3.50 39.04 31.94
N HIS A 537 -2.95 37.89 32.35
CA HIS A 537 -3.68 36.63 32.35
C HIS A 537 -3.69 36.05 33.75
N GLU A 538 -4.89 35.72 34.24
CA GLU A 538 -5.07 35.26 35.60
C GLU A 538 -5.95 34.02 35.59
N SER A 539 -5.35 32.83 35.67
CA SER A 539 -6.15 31.60 35.64
C SER A 539 -5.55 30.57 36.56
N SER A 540 -6.24 30.32 37.68
CA SER A 540 -5.68 29.50 38.74
C SER A 540 -5.91 28.00 38.55
N ASN A 541 -5.01 27.19 39.11
CA ASN A 541 -3.83 27.69 39.88
C ASN A 541 -2.47 27.17 39.37
N GLY A 542 -2.36 25.85 39.33
CA GLY A 542 -1.12 25.17 38.98
C GLY A 542 -0.85 25.15 37.48
N ASP A 543 -1.90 25.30 36.67
CA ASP A 543 -1.75 25.32 35.22
C ASP A 543 -1.07 26.62 34.77
N VAL A 544 0.13 26.88 35.31
CA VAL A 544 1.01 27.98 34.91
C VAL A 544 2.44 27.62 35.22
N ARG A 545 3.35 27.83 34.27
CA ARG A 545 4.76 27.51 34.48
C ARG A 545 5.53 28.78 34.71
N LEU A 546 6.66 28.65 35.40
CA LEU A 546 7.58 29.75 35.69
C LEU A 546 8.80 29.54 34.81
N THR A 547 8.91 30.23 33.66
CA THR A 547 9.94 29.85 32.70
C THR A 547 10.90 30.91 32.21
N ASP A 548 12.07 30.45 31.78
CA ASP A 548 13.15 31.34 31.32
C ASP A 548 12.94 31.83 29.91
N GLN A 549 11.93 31.30 29.24
CA GLN A 549 11.72 31.57 27.82
C GLN A 549 11.08 32.92 27.51
N VAL A 550 10.37 33.48 28.48
CA VAL A 550 9.55 34.66 28.26
C VAL A 550 10.39 35.92 28.08
N SER A 551 9.94 36.85 27.22
CA SER A 551 10.70 38.11 26.96
C SER A 551 10.96 38.90 28.25
N ALA A 552 11.96 39.79 28.19
CA ALA A 552 12.49 40.45 29.39
C ALA A 552 11.45 41.18 30.22
N ASP A 553 10.44 41.74 29.56
CA ASP A 553 9.43 42.56 30.25
C ASP A 553 8.41 41.77 31.12
N ALA A 554 8.38 40.45 31.03
CA ALA A 554 7.28 39.67 31.61
C ALA A 554 7.38 39.33 33.10
N GLN A 555 6.40 39.79 33.87
CA GLN A 555 6.20 39.34 35.27
C GLN A 555 5.53 37.97 35.22
N LEU A 556 5.93 37.07 36.11
CA LEU A 556 5.40 35.72 36.09
C LEU A 556 5.30 35.12 37.52
N SER A 557 4.09 34.71 37.92
CA SER A 557 3.85 33.84 39.08
C SER A 557 2.94 32.67 38.63
N HIS A 558 2.51 31.80 39.55
CA HIS A 558 1.63 30.68 39.16
C HIS A 558 0.20 31.21 39.12
N SER A 559 -0.28 31.51 37.93
CA SER A 559 -1.64 32.04 37.64
C SER A 559 -1.70 33.56 37.41
N ALA A 560 -0.52 34.20 37.27
CA ALA A 560 -0.42 35.61 36.85
C ALA A 560 0.71 35.78 35.81
N VAL A 561 0.42 36.48 34.72
CA VAL A 561 1.42 36.78 33.69
C VAL A 561 1.12 38.18 33.18
N GLU A 562 2.12 39.06 33.15
CA GLU A 562 1.85 40.44 32.79
C GLU A 562 2.89 41.03 31.85
N THR A 563 2.65 40.96 30.55
CA THR A 563 3.64 41.39 29.56
C THR A 563 3.01 42.08 28.37
N ALA A 564 3.76 43.02 27.78
CA ALA A 564 3.32 43.75 26.57
C ALA A 564 3.36 42.90 25.29
N ASN A 565 3.83 41.66 25.44
CA ASN A 565 3.93 40.66 24.38
C ASN A 565 3.06 39.44 24.65
N PRO A 566 1.89 39.41 24.07
CA PRO A 566 0.90 38.38 24.31
C PRO A 566 1.41 36.98 24.07
N LEU A 567 2.20 36.71 23.01
CA LEU A 567 2.55 35.29 22.69
C LEU A 567 3.13 34.61 23.93
N ASN A 568 3.73 35.41 24.80
CA ASN A 568 4.13 34.95 26.12
C ASN A 568 3.12 34.09 26.82
N PHE A 569 1.83 34.26 26.58
CA PHE A 569 0.82 33.39 27.20
C PHE A 569 0.83 31.95 26.64
N LEU A 570 1.73 31.67 25.70
CA LEU A 570 2.03 30.29 25.30
C LEU A 570 3.36 29.80 25.92
N VAL A 571 4.02 30.73 26.58
CA VAL A 571 5.15 30.50 27.48
C VAL A 571 4.83 31.07 28.91
N ALA A 572 4.18 30.29 29.77
CA ALA A 572 3.85 28.91 29.48
C ALA A 572 2.53 28.50 30.12
N CYS A 573 1.63 29.48 30.31
CA CYS A 573 0.28 29.20 30.75
C CYS A 573 -0.32 28.04 29.97
N ASN A 574 -0.96 27.11 30.68
CA ASN A 574 -1.55 25.95 30.06
C ASN A 574 -2.63 26.45 29.11
N VAL A 575 -2.30 26.50 27.82
CA VAL A 575 -3.16 27.08 26.81
C VAL A 575 -3.17 26.15 25.62
N SER A 576 -4.23 25.36 25.47
CA SER A 576 -4.32 24.56 24.25
C SER A 576 -5.76 24.34 23.74
N VAL A 577 -5.86 24.31 22.41
CA VAL A 577 -7.10 24.24 21.66
C VAL A 577 -7.02 23.04 20.74
N HIS A 578 -7.78 21.99 21.06
CA HIS A 578 -7.75 20.74 20.31
C HIS A 578 -7.86 21.05 18.80
N THR A 579 -9.06 21.33 18.30
CA THR A 579 -9.26 21.63 16.88
C THR A 579 -9.55 23.14 16.80
N PRO A 580 -9.36 23.73 15.60
CA PRO A 580 -9.30 25.17 15.48
C PRO A 580 -10.71 25.72 15.40
N SER A 581 -10.90 26.97 15.82
CA SER A 581 -12.27 27.55 15.88
C SER A 581 -13.01 27.68 14.51
N ILE A 582 -12.51 28.58 13.66
CA ILE A 582 -13.19 29.04 12.41
C ILE A 582 -12.51 28.65 11.06
N ALA A 583 -12.84 27.51 10.43
CA ALA A 583 -12.27 27.16 9.10
C ALA A 583 -12.33 28.38 8.14
N ILE A 584 -11.26 28.69 7.39
CA ILE A 584 -11.29 29.86 6.46
C ILE A 584 -11.94 29.50 5.11
N ASP A 585 -12.98 30.25 4.75
CA ASP A 585 -13.83 29.88 3.61
C ASP A 585 -13.62 30.78 2.40
N ILE A 586 -13.81 30.20 1.22
CA ILE A 586 -13.87 30.94 -0.04
C ILE A 586 -15.26 30.81 -0.64
N ILE A 587 -15.91 31.94 -0.89
CA ILE A 587 -17.16 31.95 -1.63
C ILE A 587 -16.79 32.16 -3.09
N GLU A 588 -17.39 31.35 -3.95
CA GLU A 588 -17.12 31.40 -5.38
C GLU A 588 -15.59 31.45 -5.61
N PRO A 589 -14.90 30.34 -5.28
CA PRO A 589 -13.48 30.25 -5.51
C PRO A 589 -13.20 30.15 -6.97
N MET A 590 -14.09 29.51 -7.70
CA MET A 590 -13.99 29.44 -9.14
C MET A 590 -15.09 30.29 -9.77
N PRO A 591 -14.75 30.94 -10.89
CA PRO A 591 -15.76 31.74 -11.55
C PRO A 591 -16.91 30.82 -11.99
N ASP A 592 -18.16 31.24 -11.78
CA ASP A 592 -19.30 30.33 -11.99
C ASP A 592 -19.82 30.28 -13.42
N LEU A 593 -19.40 29.21 -14.06
CA LEU A 593 -19.81 28.88 -15.38
C LEU A 593 -21.16 28.13 -15.32
N THR A 594 -22.03 28.53 -14.40
CA THR A 594 -23.32 27.84 -14.20
C THR A 594 -24.34 28.40 -15.20
N ARG A 595 -24.10 29.62 -15.64
CA ARG A 595 -24.93 30.29 -16.62
C ARG A 595 -24.73 29.73 -18.02
N ARG A 596 -23.69 28.94 -18.18
CA ARG A 596 -22.92 28.85 -19.42
C ARG A 596 -23.64 28.41 -20.67
N GLY A 597 -24.78 27.76 -20.51
CA GLY A 597 -25.56 27.39 -21.68
C GLY A 597 -26.12 28.62 -22.39
N THR A 598 -26.36 29.68 -21.62
CA THR A 598 -27.06 30.86 -22.12
C THR A 598 -26.17 32.07 -22.45
N THR A 599 -24.94 32.12 -21.94
CA THR A 599 -24.06 33.31 -22.11
C THR A 599 -22.66 32.94 -22.66
N GLU A 600 -21.98 33.92 -23.22
CA GLU A 600 -20.60 33.78 -23.65
C GLU A 600 -19.77 34.39 -22.54
N TYR A 601 -18.49 34.02 -22.46
CA TYR A 601 -17.62 34.54 -21.40
C TYR A 601 -16.42 35.29 -21.95
N VAL A 602 -15.98 36.30 -21.21
CA VAL A 602 -14.79 37.07 -21.56
C VAL A 602 -13.80 37.02 -20.41
N HIS A 603 -12.57 36.59 -20.68
CA HIS A 603 -11.60 36.33 -19.60
C HIS A 603 -10.18 36.61 -19.96
N LYS A 604 -9.45 37.24 -19.05
CA LYS A 604 -8.03 37.42 -19.21
C LYS A 604 -7.45 36.07 -18.76
N GLY A 605 -7.27 35.87 -17.46
CA GLY A 605 -6.62 34.66 -16.97
C GLY A 605 -7.57 33.71 -16.30
N GLU A 606 -8.72 34.23 -15.89
CA GLU A 606 -9.63 33.49 -15.03
C GLU A 606 -10.14 32.18 -15.62
N ILE A 607 -10.17 32.09 -16.93
CA ILE A 607 -10.36 30.80 -17.58
C ILE A 607 -9.22 30.60 -18.55
N LYS A 608 -8.74 29.35 -18.61
CA LYS A 608 -7.66 28.96 -19.48
C LYS A 608 -8.17 27.90 -20.40
N VAL A 609 -7.80 27.99 -21.66
CA VAL A 609 -8.19 26.99 -22.64
C VAL A 609 -6.96 26.14 -23.01
N ALA A 610 -7.16 24.85 -23.24
CA ALA A 610 -6.05 23.91 -23.41
C ALA A 610 -5.46 23.93 -24.81
N ALA A 611 -4.15 24.14 -24.87
CA ALA A 611 -3.40 24.09 -26.11
C ALA A 611 -2.67 22.75 -26.23
N ILE A 612 -3.43 21.67 -26.19
CA ILE A 612 -2.83 20.33 -26.22
C ILE A 612 -2.06 20.12 -27.51
N PRO A 613 -0.88 19.47 -27.45
CA PRO A 613 -0.26 19.05 -28.69
C PRO A 613 -0.83 17.70 -29.08
N SER A 614 -1.13 17.57 -30.37
CA SER A 614 -1.73 16.37 -30.88
C SER A 614 -0.60 15.42 -31.29
N LEU A 615 -0.73 14.15 -30.90
CA LEU A 615 0.23 13.13 -31.31
C LEU A 615 0.13 12.89 -32.79
N PRO A 616 1.23 12.45 -33.41
CA PRO A 616 1.03 12.00 -34.79
C PRO A 616 0.30 10.66 -34.77
N PRO A 617 -0.65 10.47 -35.69
CA PRO A 617 -1.42 9.25 -35.74
C PRO A 617 -0.66 8.26 -36.61
N LYS A 618 0.03 7.33 -35.99
CA LYS A 618 0.87 6.39 -36.73
C LYS A 618 1.24 5.28 -35.77
N SER A 619 1.04 4.03 -36.21
CA SER A 619 1.45 2.85 -35.44
C SER A 619 2.69 3.21 -34.64
N ALA A 620 3.73 3.60 -35.38
CA ALA A 620 5.05 3.73 -34.84
C ALA A 620 5.81 4.96 -35.32
N ASP A 621 5.14 5.93 -35.93
CA ASP A 621 5.82 7.19 -36.17
C ASP A 621 5.89 7.96 -34.85
N ARG A 622 4.92 7.72 -33.97
CA ARG A 622 5.07 8.11 -32.57
C ARG A 622 6.46 7.61 -32.07
N LYS A 623 6.66 6.30 -32.02
CA LYS A 623 7.89 5.70 -31.46
C LYS A 623 9.16 6.27 -32.04
N ALA A 624 9.10 6.74 -33.29
CA ALA A 624 10.27 7.33 -33.96
C ALA A 624 10.69 8.68 -33.40
N GLN A 625 9.72 9.46 -32.88
CA GLN A 625 10.01 10.76 -32.25
C GLN A 625 10.13 10.70 -30.72
N VAL A 626 9.55 9.68 -30.09
CA VAL A 626 9.48 9.58 -28.62
C VAL A 626 10.88 9.40 -28.05
N SER A 627 11.62 8.47 -28.67
CA SER A 627 12.99 8.13 -28.28
C SER A 627 13.98 9.29 -28.42
N ARG A 628 13.77 10.15 -29.42
CA ARG A 628 14.69 11.26 -29.77
C ARG A 628 15.19 12.11 -28.61
N GLU A 629 14.45 12.08 -27.49
CA GLU A 629 14.74 12.87 -26.29
C GLU A 629 14.98 14.36 -26.54
N THR A 630 14.22 14.89 -27.50
CA THR A 630 14.22 16.30 -27.83
C THR A 630 13.00 16.73 -28.69
N ALA A 631 12.03 15.83 -28.91
CA ALA A 631 10.86 16.05 -29.82
C ALA A 631 9.62 16.73 -29.14
N LYS A 632 8.42 16.64 -29.74
CA LYS A 632 7.40 17.73 -29.60
C LYS A 632 5.91 17.46 -29.19
N PHE A 633 5.70 16.58 -28.23
CA PHE A 633 4.40 16.35 -27.55
C PHE A 633 4.76 15.86 -26.16
N GLU A 634 3.87 15.90 -25.17
CA GLU A 634 4.40 15.57 -23.83
C GLU A 634 4.74 14.09 -23.70
N ARG A 635 5.80 13.77 -22.94
CA ARG A 635 6.18 12.37 -22.65
C ARG A 635 6.56 12.10 -21.19
N VAL A 636 6.62 10.80 -20.87
CA VAL A 636 7.20 10.27 -19.65
C VAL A 636 8.67 10.07 -19.97
N LEU A 637 9.55 10.64 -19.17
CA LEU A 637 11.00 10.57 -19.43
C LEU A 637 11.82 10.24 -18.18
N TYR A 638 11.86 8.97 -17.81
CA TYR A 638 12.60 8.58 -16.62
C TYR A 638 13.72 7.65 -17.01
N LYS A 639 14.57 7.28 -16.04
CA LYS A 639 15.86 6.59 -16.30
C LYS A 639 16.00 5.42 -15.32
N ALA A 640 15.41 4.28 -15.65
CA ALA A 640 15.04 3.24 -14.64
C ALA A 640 16.03 3.05 -13.49
N ARG A 641 15.58 3.21 -12.24
CA ARG A 641 16.47 3.04 -11.06
C ARG A 641 16.83 1.55 -10.90
N LYS A 642 16.26 0.68 -11.73
CA LYS A 642 16.81 -0.65 -11.93
C LYS A 642 17.74 -0.66 -13.15
N GLY A 643 18.82 0.11 -13.05
CA GLY A 643 19.97 0.05 -13.94
C GLY A 643 19.67 -0.43 -15.35
N GLY A 644 19.31 0.45 -16.25
CA GLY A 644 19.19 1.87 -15.98
C GLY A 644 19.33 2.65 -17.26
N ALA A 645 18.62 2.18 -18.30
CA ALA A 645 18.57 2.84 -19.59
C ALA A 645 17.53 3.93 -19.50
N GLN A 646 17.53 4.84 -20.47
CA GLN A 646 16.54 5.90 -20.52
C GLN A 646 15.20 5.41 -21.10
N VAL A 647 14.11 5.72 -20.39
CA VAL A 647 12.75 5.44 -20.82
C VAL A 647 12.15 6.71 -21.43
N ALA A 648 11.32 6.50 -22.45
CA ALA A 648 10.64 7.57 -23.19
C ALA A 648 9.30 7.03 -23.73
N ALA A 649 8.19 7.57 -23.22
CA ALA A 649 6.86 7.11 -23.58
C ALA A 649 5.95 8.32 -23.80
N PRO A 650 5.17 8.35 -24.90
CA PRO A 650 4.34 9.51 -25.20
C PRO A 650 3.11 9.59 -24.28
N ILE A 651 2.75 10.80 -23.89
CA ILE A 651 1.58 11.09 -23.07
C ILE A 651 0.51 11.65 -23.99
N ASP A 652 -0.62 10.95 -24.01
CA ASP A 652 -1.70 11.24 -24.96
C ASP A 652 -2.82 11.99 -24.30
N LEU A 653 -2.71 13.31 -24.27
CA LEU A 653 -3.73 14.08 -23.60
C LEU A 653 -5.00 14.03 -24.43
N GLU A 654 -4.85 14.02 -25.76
CA GLU A 654 -5.95 13.70 -26.68
C GLU A 654 -6.97 12.77 -26.05
N SER A 655 -6.57 11.52 -25.78
CA SER A 655 -7.52 10.49 -25.32
C SER A 655 -7.95 10.67 -23.86
N LEU A 656 -7.26 11.51 -23.09
CA LEU A 656 -7.71 11.80 -21.75
C LEU A 656 -8.76 12.90 -21.73
N PHE A 657 -8.48 13.99 -22.43
CA PHE A 657 -9.31 15.21 -22.42
C PHE A 657 -10.57 15.13 -23.30
N GLY A 658 -10.56 14.20 -24.26
CA GLY A 658 -11.62 14.02 -25.25
C GLY A 658 -11.01 14.28 -26.61
N ILE A 659 -11.71 13.92 -27.67
CA ILE A 659 -11.02 13.73 -28.96
C ILE A 659 -10.79 15.04 -29.70
N ALA A 660 -11.80 15.92 -29.71
CA ALA A 660 -11.69 17.17 -30.44
C ALA A 660 -11.93 18.37 -29.54
N VAL A 661 -11.45 18.27 -28.31
CA VAL A 661 -11.92 19.14 -27.27
C VAL A 661 -10.80 19.96 -26.66
N ASN A 662 -11.13 21.22 -26.43
CA ASN A 662 -10.21 22.18 -25.89
C ASN A 662 -10.70 22.49 -24.52
N LEU A 663 -10.18 21.77 -23.54
CA LEU A 663 -10.66 21.97 -22.19
C LEU A 663 -10.52 23.41 -21.76
N ALA A 664 -11.64 24.03 -21.45
CA ALA A 664 -11.64 25.26 -20.72
C ALA A 664 -11.66 24.91 -19.24
N VAL A 665 -10.73 25.47 -18.51
CA VAL A 665 -10.56 25.13 -17.12
C VAL A 665 -10.48 26.41 -16.33
N PRO A 666 -11.36 26.55 -15.33
CA PRO A 666 -11.33 27.73 -14.49
C PRO A 666 -10.08 27.78 -13.64
N THR A 667 -9.61 28.98 -13.34
CA THR A 667 -8.51 29.12 -12.41
C THR A 667 -9.10 29.34 -11.06
N VAL A 668 -8.68 28.50 -10.13
CA VAL A 668 -9.20 28.52 -8.80
C VAL A 668 -8.45 29.53 -7.99
N LYS A 669 -9.12 30.47 -7.34
CA LYS A 669 -8.40 31.33 -6.40
C LYS A 669 -8.42 30.58 -5.06
N HIS A 670 -7.37 29.80 -4.79
CA HIS A 670 -7.23 28.97 -3.57
C HIS A 670 -6.92 29.80 -2.33
N VAL A 671 -7.08 29.19 -1.15
CA VAL A 671 -6.55 29.79 0.07
C VAL A 671 -5.23 29.13 0.40
N TYR A 672 -5.23 27.81 0.26
CA TYR A 672 -4.06 26.99 0.48
C TYR A 672 -3.84 26.22 -0.82
N SER A 673 -2.79 26.60 -1.53
CA SER A 673 -2.62 26.17 -2.92
C SER A 673 -1.70 25.02 -3.01
N PRO A 674 -2.03 24.03 -3.83
CA PRO A 674 -1.19 22.83 -3.90
C PRO A 674 0.29 23.16 -3.83
N ASP A 675 0.68 24.24 -4.53
CA ASP A 675 2.07 24.65 -4.64
C ASP A 675 2.68 25.13 -3.31
N SER A 676 1.90 25.88 -2.52
CA SER A 676 2.36 26.33 -1.21
C SER A 676 2.08 25.30 -0.10
N LYS A 677 1.48 24.16 -0.46
CA LYS A 677 1.32 23.04 0.47
C LYS A 677 2.39 22.03 0.23
N THR A 678 2.49 21.59 -1.01
CA THR A 678 3.52 20.66 -1.36
C THR A 678 4.85 21.29 -0.93
N LYS A 679 5.01 22.60 -1.12
CA LYS A 679 6.21 23.29 -0.66
C LYS A 679 6.33 23.34 0.88
N LEU A 680 5.24 23.11 1.60
CA LEU A 680 5.31 22.85 3.05
C LEU A 680 5.91 21.51 3.33
N ALA A 681 5.22 20.47 2.91
CA ALA A 681 5.66 19.11 3.15
C ALA A 681 7.14 18.93 2.82
N LEU A 682 7.56 19.41 1.65
CA LEU A 682 8.95 19.26 1.22
C LEU A 682 9.91 19.96 2.16
N ASP A 683 9.51 21.13 2.68
CA ASP A 683 10.34 21.83 3.67
C ASP A 683 10.35 21.16 5.05
N ILE A 684 9.27 20.47 5.39
CA ILE A 684 9.23 19.66 6.62
C ILE A 684 10.08 18.40 6.44
N ILE A 685 9.94 17.73 5.29
CA ILE A 685 10.76 16.57 4.99
C ILE A 685 12.24 16.92 5.04
N LYS A 686 12.63 18.01 4.38
CA LYS A 686 14.04 18.46 4.36
C LYS A 686 14.58 18.75 5.76
N GLY A 687 13.75 19.40 6.58
CA GLY A 687 14.14 19.74 7.96
C GLY A 687 14.14 18.56 8.93
N LEU A 688 13.41 17.50 8.61
CA LEU A 688 13.53 16.26 9.36
C LEU A 688 14.75 15.48 8.87
N GLU A 689 15.11 15.65 7.59
CA GLU A 689 16.23 14.89 7.02
C GLU A 689 17.49 15.28 7.78
N SER A 690 17.55 16.49 8.30
CA SER A 690 18.45 16.80 9.40
C SER A 690 17.94 18.05 10.05
N ASP A 691 17.68 18.03 11.34
CA ASP A 691 18.27 17.11 12.31
C ASP A 691 17.69 15.67 12.24
N GLY A 692 18.57 14.71 11.99
CA GLY A 692 18.20 13.36 11.48
C GLY A 692 17.05 12.57 12.08
N ASP A 693 15.97 12.48 11.31
CA ASP A 693 14.94 11.46 11.48
C ASP A 693 14.81 10.88 10.09
N LYS A 694 15.68 9.97 9.69
CA LYS A 694 15.48 9.32 8.41
C LYS A 694 14.13 8.60 8.41
N ALA A 695 13.79 8.00 9.55
CA ALA A 695 12.58 7.18 9.68
C ALA A 695 11.35 7.99 9.35
N ALA A 696 11.27 9.16 9.95
CA ALA A 696 10.13 10.06 9.75
C ALA A 696 10.17 10.68 8.35
N ALA A 697 11.27 11.37 8.06
CA ALA A 697 11.40 12.10 6.79
C ALA A 697 11.15 11.21 5.59
N THR A 698 11.62 9.97 5.65
CA THR A 698 11.49 9.07 4.51
C THR A 698 10.09 8.44 4.42
N ARG A 699 9.28 8.61 5.46
CA ARG A 699 7.91 8.12 5.50
C ARG A 699 6.98 9.17 4.94
N LEU A 700 7.24 10.42 5.29
CA LEU A 700 6.47 11.54 4.81
C LEU A 700 6.65 11.64 3.31
N LEU A 701 7.90 11.62 2.85
CA LEU A 701 8.20 11.67 1.42
C LEU A 701 7.51 10.55 0.67
N MET A 702 7.31 9.43 1.33
CA MET A 702 6.57 8.34 0.73
C MET A 702 5.10 8.69 0.53
N THR A 703 4.48 9.17 1.60
CA THR A 703 3.07 9.63 1.62
C THR A 703 2.83 10.59 0.46
N LEU A 704 3.65 11.64 0.45
CA LEU A 704 3.64 12.70 -0.55
C LEU A 704 3.75 12.12 -1.93
N ALA A 705 4.71 11.23 -2.14
CA ALA A 705 4.87 10.55 -3.42
C ALA A 705 3.61 9.82 -3.82
N ARG A 706 3.10 8.96 -2.96
CA ARG A 706 1.91 8.16 -3.29
C ARG A 706 0.80 8.99 -3.88
N ALA A 707 0.55 10.14 -3.23
CA ALA A 707 -0.45 11.12 -3.65
C ALA A 707 -0.21 11.73 -5.06
N TYR A 708 1.03 12.12 -5.35
CA TYR A 708 1.36 12.66 -6.68
C TYR A 708 1.29 11.63 -7.82
N THR A 709 1.74 10.42 -7.55
CA THR A 709 1.73 9.37 -8.58
C THR A 709 0.38 8.71 -8.69
N GLY A 710 -0.35 8.64 -7.58
CA GLY A 710 -1.62 7.93 -7.57
C GLY A 710 -2.55 8.39 -8.69
N THR A 711 -2.89 9.67 -8.64
CA THR A 711 -4.04 10.23 -9.34
C THR A 711 -4.20 9.79 -10.79
N TYR A 712 -3.22 10.06 -11.64
CA TYR A 712 -3.36 9.72 -13.06
C TYR A 712 -2.81 8.34 -13.43
N SER A 713 -2.59 7.49 -12.44
CA SER A 713 -2.18 6.11 -12.69
C SER A 713 -3.29 5.10 -12.44
N SER A 714 -3.63 4.31 -13.46
CA SER A 714 -3.01 4.39 -14.81
C SER A 714 -4.03 4.92 -15.83
N LEU A 715 -3.56 5.76 -16.75
CA LEU A 715 -4.42 6.42 -17.76
C LEU A 715 -3.58 7.04 -18.89
N ASP A 721 -1.05 2.05 -24.15
CA ASP A 721 -0.48 1.91 -25.50
C ASP A 721 0.83 1.12 -25.40
N GLU A 722 0.75 -0.21 -25.23
CA GLU A 722 1.94 -1.01 -24.83
C GLU A 722 3.22 -0.74 -25.61
N ILE A 723 3.19 -0.98 -26.92
CA ILE A 723 4.42 -1.08 -27.74
C ILE A 723 5.23 0.22 -27.78
N THR A 724 4.66 1.30 -27.26
CA THR A 724 5.23 2.62 -27.41
C THR A 724 6.32 2.96 -26.32
N GLY A 725 6.10 2.54 -25.06
CA GLY A 725 7.00 2.90 -23.95
C GLY A 725 8.35 2.24 -24.16
N ILE A 726 9.41 3.02 -24.40
CA ILE A 726 10.78 2.51 -24.77
C ILE A 726 11.94 3.22 -24.03
N ALA A 727 13.02 2.54 -23.57
CA ALA A 727 13.30 1.10 -23.69
C ALA A 727 12.78 0.34 -22.46
N ALA A 728 12.43 -0.92 -22.66
CA ALA A 728 11.93 -1.78 -21.59
C ALA A 728 11.93 -3.23 -22.05
N GLN A 729 11.49 -4.14 -21.18
CA GLN A 729 11.32 -5.58 -21.47
C GLN A 729 10.26 -6.09 -20.47
N PRO A 730 9.63 -7.27 -20.69
CA PRO A 730 8.52 -7.58 -19.76
C PRO A 730 8.94 -7.85 -18.28
N SER A 731 9.83 -7.03 -17.72
CA SER A 731 10.19 -7.05 -16.29
C SER A 731 8.90 -6.90 -15.50
N ASP A 732 8.85 -7.32 -14.26
CA ASP A 732 7.64 -7.05 -13.49
C ASP A 732 7.78 -5.72 -12.71
N VAL A 733 9.01 -5.27 -12.42
CA VAL A 733 9.22 -3.91 -11.87
C VAL A 733 9.41 -2.85 -12.95
N ALA A 734 10.39 -3.01 -13.84
CA ALA A 734 10.63 -1.98 -14.86
C ALA A 734 9.26 -1.45 -15.32
N MET A 735 8.29 -2.37 -15.47
CA MET A 735 6.88 -2.06 -15.76
C MET A 735 6.09 -1.34 -14.66
N GLN A 736 6.19 -1.81 -13.41
CA GLN A 736 5.53 -1.12 -12.30
C GLN A 736 6.26 0.18 -11.88
N GLU A 737 7.48 0.38 -12.37
CA GLU A 737 8.17 1.65 -12.23
C GLU A 737 7.55 2.67 -13.18
N PHE A 738 7.27 2.24 -14.41
CA PHE A 738 6.55 3.06 -15.38
C PHE A 738 5.26 3.57 -14.76
N ALA A 739 4.57 2.68 -14.08
CA ALA A 739 3.32 3.02 -13.42
C ALA A 739 3.43 4.20 -12.48
N LEU A 740 4.50 4.30 -11.70
CA LEU A 740 4.72 5.51 -10.90
C LEU A 740 5.00 6.65 -11.79
N GLN A 741 6.01 6.46 -12.62
CA GLN A 741 6.64 7.54 -13.34
C GLN A 741 5.68 8.21 -14.35
N SER A 742 4.79 7.44 -14.98
CA SER A 742 3.77 8.03 -15.85
C SER A 742 2.66 8.72 -15.04
N GLY A 743 2.43 8.21 -13.83
CA GLY A 743 1.40 8.76 -12.95
C GLY A 743 1.71 10.16 -12.47
N VAL A 744 2.99 10.50 -12.34
CA VAL A 744 3.36 11.85 -11.97
C VAL A 744 3.57 12.63 -13.22
N GLN A 745 4.21 12.02 -14.21
CA GLN A 745 4.58 12.75 -15.42
C GLN A 745 3.36 13.15 -16.29
N THR A 746 2.26 12.39 -16.20
CA THR A 746 1.01 12.80 -16.86
C THR A 746 0.30 13.85 -16.01
N LEU A 747 0.27 13.70 -14.68
CA LEU A 747 -0.19 14.81 -13.82
C LEU A 747 0.57 16.09 -14.15
N LYS A 748 1.88 15.97 -14.40
CA LYS A 748 2.73 17.12 -14.76
C LYS A 748 2.28 17.73 -16.07
N ALA A 749 2.15 16.87 -17.09
CA ALA A 749 1.71 17.31 -18.41
C ALA A 749 0.27 17.88 -18.43
N VAL A 750 -0.56 17.43 -17.51
CA VAL A 750 -1.90 17.97 -17.38
C VAL A 750 -1.81 19.36 -16.75
N ALA A 751 -1.01 19.47 -15.69
CA ALA A 751 -0.82 20.75 -15.01
C ALA A 751 -0.05 21.75 -15.87
N LYS A 752 0.64 21.27 -16.89
CA LYS A 752 1.26 22.15 -17.86
C LYS A 752 0.15 22.78 -18.70
N HIS A 753 -0.64 21.97 -19.39
CA HIS A 753 -1.63 22.49 -20.34
C HIS A 753 -2.93 23.06 -19.80
N THR A 754 -3.15 22.97 -18.49
CA THR A 754 -4.34 23.53 -17.82
C THR A 754 -3.85 24.06 -16.52
N GLY A 755 -4.01 25.34 -16.25
CA GLY A 755 -3.24 25.95 -15.15
C GLY A 755 -3.65 25.55 -13.75
N ILE A 756 -3.66 24.24 -13.46
CA ILE A 756 -4.12 23.66 -12.19
C ILE A 756 -3.16 23.92 -11.04
N MET A 757 -1.87 23.76 -11.34
CA MET A 757 -0.77 24.05 -10.41
C MET A 757 0.52 24.22 -11.22
N GLU A 758 1.53 24.80 -10.59
CA GLU A 758 2.80 25.08 -11.26
C GLU A 758 3.48 23.78 -11.60
N VAL A 759 4.12 23.70 -12.76
CA VAL A 759 4.87 22.50 -13.14
C VAL A 759 6.09 22.41 -12.25
N ALA A 760 6.66 23.58 -11.99
CA ALA A 760 7.70 23.75 -11.00
C ALA A 760 7.61 22.81 -9.80
N THR A 761 6.51 22.87 -9.07
CA THR A 761 6.40 22.12 -7.82
C THR A 761 6.23 20.62 -8.03
N ILE A 762 5.82 20.18 -9.21
CA ILE A 762 5.78 18.76 -9.48
C ILE A 762 7.21 18.23 -9.69
N GLU A 763 8.05 19.00 -10.38
CA GLU A 763 9.43 18.58 -10.60
C GLU A 763 10.22 18.66 -9.31
N MET A 764 9.88 19.62 -8.45
CA MET A 764 10.44 19.71 -7.10
C MET A 764 10.28 18.38 -6.41
N VAL A 765 9.10 17.77 -6.56
CA VAL A 765 8.84 16.47 -5.96
C VAL A 765 9.50 15.37 -6.73
N GLU A 766 9.21 15.26 -8.03
CA GLU A 766 9.84 14.24 -8.86
C GLU A 766 11.29 13.98 -8.47
N GLU A 767 12.02 15.07 -8.20
CA GLU A 767 13.42 15.01 -7.83
C GLU A 767 13.63 14.39 -6.46
N LYS A 768 12.91 14.88 -5.45
CA LYS A 768 12.98 14.26 -4.14
C LYS A 768 12.54 12.79 -4.17
N VAL A 769 11.77 12.38 -5.17
CA VAL A 769 11.36 10.98 -5.30
C VAL A 769 12.35 10.10 -6.07
N ARG A 770 13.19 10.70 -6.92
CA ARG A 770 14.28 9.93 -7.52
C ARG A 770 15.24 9.55 -6.40
N SER A 771 15.60 10.53 -5.59
CA SER A 771 16.47 10.34 -4.43
C SER A 771 15.87 9.46 -3.32
N LEU A 772 14.58 9.16 -3.38
CA LEU A 772 14.00 8.20 -2.45
C LEU A 772 14.59 6.82 -2.72
N ASP A 773 14.88 6.17 -1.59
CA ASP A 773 15.37 4.78 -1.53
C ASP A 773 14.85 3.89 -2.67
N ASP A 774 15.73 3.06 -3.22
CA ASP A 774 15.37 2.19 -4.33
C ASP A 774 14.39 1.08 -3.91
N ASN A 775 14.38 0.75 -2.63
CA ASN A 775 13.53 -0.33 -2.10
C ASN A 775 12.09 0.16 -1.99
N ARG A 776 11.94 1.48 -1.90
CA ARG A 776 10.68 2.16 -1.61
C ARG A 776 9.91 2.56 -2.86
N PHE A 777 10.60 3.25 -3.78
CA PHE A 777 10.22 3.37 -5.21
C PHE A 777 9.31 2.20 -5.55
N TYR A 778 9.76 0.96 -5.29
CA TYR A 778 9.04 -0.26 -5.70
C TYR A 778 8.01 -0.79 -4.72
N GLU A 779 7.98 -0.25 -3.50
CA GLU A 779 6.86 -0.51 -2.58
C GLU A 779 5.61 0.26 -3.02
N ILE A 780 5.84 1.52 -3.37
CA ILE A 780 4.80 2.45 -3.82
C ILE A 780 4.36 2.07 -5.23
N ALA A 781 5.28 1.62 -6.07
CA ALA A 781 4.96 1.19 -7.44
C ALA A 781 4.16 -0.09 -7.47
N ALA A 782 4.33 -0.96 -6.47
CA ALA A 782 3.48 -2.13 -6.31
C ALA A 782 2.09 -1.68 -5.91
N GLU A 783 2.03 -0.81 -4.91
CA GLU A 783 0.81 -0.15 -4.43
C GLU A 783 -0.03 0.49 -5.55
N VAL A 784 0.65 0.99 -6.59
CA VAL A 784 0.01 1.72 -7.70
C VAL A 784 -0.40 0.81 -8.86
N VAL A 785 0.29 -0.30 -9.08
CA VAL A 785 -0.21 -1.28 -10.03
C VAL A 785 -1.37 -2.10 -9.43
N LEU A 786 -1.38 -2.31 -8.12
CA LEU A 786 -2.47 -3.05 -7.42
C LEU A 786 -3.77 -2.23 -7.36
N ARG A 787 -3.65 -0.93 -7.11
CA ARG A 787 -4.77 0.01 -7.23
C ARG A 787 -5.31 0.07 -8.66
N ALA A 788 -4.40 0.04 -9.64
CA ALA A 788 -4.74 0.16 -11.08
C ALA A 788 -5.53 -1.03 -11.64
N LEU A 789 -5.18 -2.24 -11.22
CA LEU A 789 -5.86 -3.44 -11.72
C LEU A 789 -7.38 -3.42 -11.42
N LYS A 790 -7.76 -3.08 -10.17
CA LYS A 790 -9.18 -3.00 -9.77
C LYS A 790 -9.95 -1.93 -10.56
N ASP B 24 10.82 -62.83 25.43
CA ASP B 24 11.46 -63.63 26.51
C ASP B 24 12.21 -62.77 27.53
N THR B 25 11.99 -63.07 28.81
CA THR B 25 12.37 -62.22 29.93
C THR B 25 12.43 -63.02 31.27
N ALA B 26 13.16 -64.14 31.30
CA ALA B 26 13.11 -65.09 32.45
C ALA B 26 13.59 -64.50 33.80
N LYS B 27 14.85 -64.06 33.83
CA LYS B 27 15.48 -63.57 35.07
C LYS B 27 16.67 -62.61 34.78
N GLY B 28 16.35 -61.55 34.04
CA GLY B 28 17.33 -60.67 33.41
C GLY B 28 16.91 -60.55 31.95
N VAL B 29 17.87 -60.54 31.04
CA VAL B 29 17.55 -60.36 29.64
C VAL B 29 18.13 -61.52 28.85
N ILE B 30 17.40 -61.95 27.82
CA ILE B 30 17.86 -63.05 26.98
C ILE B 30 17.25 -63.03 25.59
N PRO B 31 17.96 -63.63 24.63
CA PRO B 31 17.58 -63.64 23.22
C PRO B 31 16.16 -64.14 22.93
N PHE B 32 15.69 -63.87 21.72
CA PHE B 32 14.42 -64.37 21.22
C PHE B 32 14.45 -64.05 19.76
N SER B 33 13.38 -64.34 19.03
CA SER B 33 13.28 -63.87 17.66
C SER B 33 11.87 -63.61 17.21
N THR B 34 11.35 -62.44 17.54
CA THR B 34 10.05 -62.07 17.03
C THR B 34 10.14 -62.25 15.51
N SER B 35 9.14 -62.89 14.94
CA SER B 35 9.10 -63.09 13.51
C SER B 35 8.75 -61.77 12.80
N GLY B 36 8.10 -60.85 13.52
CA GLY B 36 7.87 -59.50 13.00
C GLY B 36 8.54 -58.45 13.89
N ALA B 37 9.79 -58.14 13.59
CA ALA B 37 10.47 -57.03 14.26
C ALA B 37 10.06 -55.77 13.51
N THR B 38 10.36 -54.63 14.13
CA THR B 38 9.90 -53.34 13.61
C THR B 38 11.02 -52.38 13.61
N TRP B 39 11.23 -51.71 12.48
CA TRP B 39 12.08 -50.53 12.50
C TRP B 39 11.24 -49.25 12.51
N ALA B 40 11.72 -48.29 13.28
CA ALA B 40 11.06 -47.02 13.47
C ALA B 40 11.28 -46.14 12.27
N VAL B 41 10.20 -45.60 11.74
CA VAL B 41 10.29 -44.65 10.66
C VAL B 41 9.72 -43.33 11.17
N PRO B 42 9.85 -42.24 10.39
CA PRO B 42 9.11 -41.04 10.76
C PRO B 42 7.60 -41.25 10.56
N ARG B 43 6.80 -40.97 11.59
CA ARG B 43 5.34 -40.97 11.44
C ARG B 43 5.06 -39.98 10.33
N LEU B 44 4.35 -40.42 9.30
CA LEU B 44 4.17 -39.61 8.09
C LEU B 44 3.18 -38.51 8.42
N SER B 45 3.56 -37.27 8.12
CA SER B 45 2.66 -36.15 8.30
C SER B 45 2.30 -35.60 6.95
N GLU B 46 1.25 -34.79 6.95
CA GLU B 46 0.89 -33.97 5.81
C GLU B 46 1.16 -32.51 6.14
N ASP B 47 1.90 -32.28 7.22
CA ASP B 47 2.10 -30.94 7.80
C ASP B 47 2.75 -29.87 6.93
N GLY B 48 3.37 -30.25 5.80
CA GLY B 48 3.96 -29.30 4.85
C GLY B 48 5.02 -28.37 5.46
N ILE B 49 5.71 -28.88 6.47
CA ILE B 49 6.77 -28.18 7.11
C ILE B 49 8.01 -29.08 7.26
N THR B 50 7.94 -30.35 6.84
CA THR B 50 9.11 -31.21 6.91
C THR B 50 9.38 -31.95 5.63
N SER B 51 10.61 -32.43 5.47
CA SER B 51 10.96 -33.39 4.42
C SER B 51 11.65 -34.64 5.02
N HIS B 52 11.05 -35.81 4.79
CA HIS B 52 11.59 -37.13 5.22
C HIS B 52 12.31 -37.78 4.02
N PHE B 53 12.97 -38.91 4.27
CA PHE B 53 13.79 -39.56 3.25
C PHE B 53 13.01 -40.16 2.06
N LEU B 54 11.70 -40.39 2.24
CA LEU B 54 10.84 -40.81 1.13
C LEU B 54 10.05 -39.66 0.52
N ARG B 55 9.94 -38.57 1.27
CA ARG B 55 9.20 -37.39 0.84
C ARG B 55 10.00 -36.13 1.11
N ARG B 56 10.23 -35.37 0.07
CA ARG B 56 11.10 -34.23 0.16
C ARG B 56 10.21 -33.01 0.07
N ARG B 57 10.63 -31.92 0.73
CA ARG B 57 9.97 -30.64 0.61
C ARG B 57 11.04 -29.70 0.18
N GLY B 58 10.82 -29.01 -0.92
CA GLY B 58 11.77 -28.00 -1.34
C GLY B 58 11.68 -26.80 -0.42
N TYR B 59 10.54 -26.16 -0.46
CA TYR B 59 10.39 -24.88 0.19
C TYR B 59 9.09 -24.85 0.99
N VAL B 60 9.16 -24.27 2.18
CA VAL B 60 7.97 -23.85 2.92
C VAL B 60 7.69 -22.40 2.54
N THR B 61 6.47 -22.09 2.09
CA THR B 61 6.11 -20.72 1.74
C THR B 61 5.84 -19.90 3.00
N MET B 62 6.15 -18.60 2.98
CA MET B 62 6.13 -17.81 4.21
C MET B 62 5.77 -16.36 3.95
N THR B 63 5.60 -15.58 5.03
CA THR B 63 5.22 -14.18 4.89
C THR B 63 5.61 -13.15 6.00
N GLN B 64 5.96 -11.98 5.52
CA GLN B 64 6.32 -10.84 6.34
C GLN B 64 5.26 -9.76 6.20
N GLY B 65 4.73 -9.34 7.34
CA GLY B 65 3.82 -8.19 7.40
C GLY B 65 2.45 -8.63 7.01
N GLY B 66 1.73 -7.72 6.37
CA GLY B 66 0.34 -7.93 6.04
C GLY B 66 -0.58 -7.42 7.14
N SER B 67 -0.47 -8.02 8.33
CA SER B 67 -1.40 -7.79 9.42
C SER B 67 -0.86 -8.49 10.64
N ARG B 68 -1.31 -8.12 11.83
CA ARG B 68 -0.77 -8.72 13.05
C ARG B 68 -0.94 -10.23 13.12
N ASP B 69 -2.05 -10.71 12.56
CA ASP B 69 -2.42 -12.11 12.64
C ASP B 69 -1.64 -12.96 11.66
N GLN B 70 -1.39 -12.42 10.48
CA GLN B 70 -0.59 -13.09 9.47
C GLN B 70 0.82 -13.37 10.01
N ASN B 71 1.43 -12.36 10.64
CA ASN B 71 2.71 -12.49 11.35
C ASN B 71 2.72 -13.46 12.53
N ALA B 72 1.55 -13.82 13.02
CA ALA B 72 1.46 -14.72 14.16
C ALA B 72 1.32 -16.15 13.67
N ALA B 73 0.76 -16.32 12.48
CA ALA B 73 0.72 -17.63 11.84
C ALA B 73 2.14 -18.04 11.53
N VAL B 74 2.84 -17.10 10.92
CA VAL B 74 4.20 -17.31 10.52
C VAL B 74 5.04 -17.50 11.78
N ARG B 75 4.92 -16.62 12.75
CA ARG B 75 5.73 -16.77 13.95
C ARG B 75 5.65 -18.17 14.56
N LYS B 76 4.56 -18.88 14.28
CA LYS B 76 4.38 -20.22 14.81
C LYS B 76 5.17 -21.22 14.00
N ILE B 77 4.95 -21.18 12.69
CA ILE B 77 5.65 -22.04 11.75
C ILE B 77 7.17 -21.83 11.90
N LEU B 78 7.62 -20.56 12.05
CA LEU B 78 9.01 -20.26 12.43
C LEU B 78 9.37 -20.87 13.76
N SER B 79 8.42 -20.94 14.68
CA SER B 79 8.66 -21.57 15.98
C SER B 79 9.17 -22.99 15.81
N LEU B 80 8.65 -23.70 14.80
CA LEU B 80 8.92 -25.13 14.61
C LEU B 80 10.03 -25.45 13.61
N ILE B 81 10.17 -24.61 12.58
CA ILE B 81 11.25 -24.72 11.60
C ILE B 81 12.64 -24.48 12.25
N ILE B 82 12.94 -23.23 12.60
CA ILE B 82 14.27 -22.86 13.11
C ILE B 82 14.71 -23.55 14.40
N ALA B 83 15.93 -24.08 14.44
CA ALA B 83 16.38 -24.95 15.55
C ALA B 83 16.76 -24.17 16.78
N TYR B 84 16.93 -24.87 17.90
CA TYR B 84 17.23 -24.20 19.15
C TYR B 84 18.30 -23.13 19.11
N ASP B 85 19.50 -23.52 18.73
CA ASP B 85 20.67 -22.64 18.81
C ASP B 85 20.43 -21.30 18.15
N ILE B 86 19.57 -21.25 17.14
CA ILE B 86 19.20 -20.00 16.50
C ILE B 86 18.09 -19.35 17.32
N GLN B 87 17.11 -20.17 17.73
CA GLN B 87 15.94 -19.70 18.49
C GLN B 87 16.39 -19.19 19.83
N THR B 88 17.08 -20.04 20.58
CA THR B 88 17.59 -19.66 21.89
C THR B 88 18.54 -18.47 21.86
N GLN B 89 19.40 -18.43 20.86
CA GLN B 89 20.28 -17.28 20.69
C GLN B 89 19.45 -16.00 20.61
N ALA B 90 18.37 -16.03 19.82
CA ALA B 90 17.51 -14.86 19.67
C ALA B 90 16.85 -14.42 20.99
N CYS B 91 16.54 -15.38 21.84
CA CYS B 91 15.94 -15.07 23.13
C CYS B 91 16.91 -14.36 24.05
N PHE B 92 18.18 -14.74 23.99
CA PHE B 92 19.17 -14.02 24.75
C PHE B 92 19.41 -12.64 24.20
N PHE B 93 19.21 -12.46 22.90
CA PHE B 93 19.27 -11.13 22.27
C PHE B 93 18.12 -10.27 22.77
N ILE B 94 16.91 -10.82 22.78
CA ILE B 94 15.73 -10.10 23.26
C ILE B 94 15.88 -9.78 24.75
N SER B 95 16.36 -10.74 25.54
CA SER B 95 16.54 -10.51 26.97
C SER B 95 17.52 -9.38 27.33
N ASN B 96 18.41 -9.03 26.40
CA ASN B 96 19.37 -7.98 26.65
C ASN B 96 18.79 -6.63 26.30
N GLU B 97 18.53 -5.81 27.31
CA GLU B 97 17.92 -4.51 27.06
C GLU B 97 18.80 -3.73 26.10
N GLU B 98 20.07 -3.54 26.45
CA GLU B 98 20.92 -2.59 25.72
C GLU B 98 20.83 -2.80 24.19
N SER B 99 20.68 -4.07 23.77
CA SER B 99 20.44 -4.44 22.36
C SER B 99 19.06 -3.99 21.86
N MET B 100 18.04 -4.27 22.66
CA MET B 100 16.68 -3.97 22.27
C MET B 100 16.43 -2.48 22.27
N ARG B 101 17.02 -1.77 23.23
CA ARG B 101 16.94 -0.31 23.20
C ARG B 101 17.32 0.17 21.80
N ILE B 102 18.39 -0.41 21.23
CA ILE B 102 18.88 0.08 19.94
C ILE B 102 17.97 -0.28 18.80
N THR B 103 17.38 -1.47 18.82
CA THR B 103 16.47 -1.86 17.74
C THR B 103 15.24 -0.98 17.76
N MET B 104 14.82 -0.51 18.95
CA MET B 104 13.63 0.34 19.03
C MET B 104 14.02 1.76 18.71
N ALA B 105 15.13 2.15 19.30
CA ALA B 105 15.64 3.49 19.11
C ALA B 105 15.88 3.72 17.64
N GLU B 106 16.31 2.70 16.91
CA GLU B 106 16.54 2.88 15.49
C GLU B 106 15.26 2.65 14.69
N THR B 107 14.38 1.78 15.17
CA THR B 107 13.13 1.56 14.47
C THR B 107 12.40 2.87 14.33
N MET B 108 12.37 3.66 15.40
CA MET B 108 11.80 5.02 15.40
C MET B 108 12.92 6.01 15.43
N GLY B 109 12.82 7.11 14.72
CA GLY B 109 14.02 7.95 14.50
C GLY B 109 14.65 8.62 15.69
N VAL B 110 15.16 7.87 16.65
CA VAL B 110 15.58 8.43 17.93
C VAL B 110 16.87 7.81 18.49
N LYS B 111 17.53 8.46 19.43
CA LYS B 111 18.78 7.92 19.94
C LYS B 111 18.57 6.89 21.05
N ASP B 112 19.42 5.85 21.15
CA ASP B 112 19.27 4.81 22.21
C ASP B 112 19.81 5.26 23.56
N ARG B 113 19.15 6.24 24.16
CA ARG B 113 19.67 6.94 25.32
C ARG B 113 18.60 7.09 26.36
N PRO B 114 19.01 7.24 27.62
CA PRO B 114 17.94 7.28 28.61
C PRO B 114 16.84 8.33 28.32
N ASN B 115 17.24 9.50 27.81
CA ASN B 115 16.29 10.56 27.51
C ASN B 115 16.08 10.70 26.04
N ALA B 116 15.07 9.97 25.60
CA ALA B 116 14.80 9.80 24.21
C ALA B 116 13.35 9.42 24.13
N ARG B 117 12.61 10.12 23.28
CA ARG B 117 11.18 10.14 23.34
C ARG B 117 10.61 9.68 22.00
N THR B 118 9.62 8.82 21.99
CA THR B 118 8.94 8.49 20.72
C THR B 118 7.52 8.84 20.88
N ASN B 119 6.86 9.14 19.77
CA ASN B 119 5.47 9.54 19.85
C ASN B 119 4.47 8.42 19.68
N SER B 120 3.21 8.75 19.92
CA SER B 120 2.14 7.77 19.82
C SER B 120 1.52 7.75 18.47
N TRP B 121 1.85 8.74 17.67
CA TRP B 121 1.31 8.82 16.33
C TRP B 121 2.23 8.21 15.30
N ALA B 122 3.51 8.07 15.67
CA ALA B 122 4.52 7.44 14.83
C ALA B 122 4.07 6.06 14.37
N GLU B 123 4.01 5.85 13.07
CA GLU B 123 3.70 4.52 12.59
C GLU B 123 4.91 3.81 11.95
N VAL B 124 5.08 2.57 12.38
CA VAL B 124 6.23 1.78 12.05
C VAL B 124 5.91 0.77 10.94
N SER B 125 6.56 0.90 9.77
CA SER B 125 6.50 -0.21 8.76
C SER B 125 7.46 -1.35 9.18
N ASP B 126 7.28 -2.56 8.63
CA ASP B 126 8.20 -3.67 8.97
C ASP B 126 9.62 -3.30 8.50
N SER B 127 9.71 -2.63 7.35
CA SER B 127 10.95 -2.01 6.86
C SER B 127 11.73 -1.28 7.97
N ASP B 128 11.02 -0.51 8.77
CA ASP B 128 11.54 0.20 9.93
C ASP B 128 12.07 -0.71 11.03
N ILE B 129 11.33 -1.78 11.33
CA ILE B 129 11.74 -2.74 12.35
C ILE B 129 13.04 -3.41 11.94
N ASN B 130 13.06 -3.94 10.73
CA ASN B 130 14.20 -4.74 10.30
C ASN B 130 15.50 -3.97 10.27
N ARG B 131 15.48 -2.75 9.76
CA ARG B 131 16.71 -1.97 9.75
C ARG B 131 17.13 -1.57 11.16
N GLY B 132 16.18 -1.64 12.08
CA GLY B 132 16.46 -1.42 13.47
C GLY B 132 17.18 -2.64 14.01
N ILE B 133 16.61 -3.82 13.81
CA ILE B 133 17.21 -5.02 14.34
C ILE B 133 18.62 -5.16 13.80
N ALA B 134 18.74 -4.91 12.51
CA ALA B 134 20.01 -5.01 11.82
C ALA B 134 21.10 -4.17 12.50
N LYS B 135 20.75 -2.93 12.82
CA LYS B 135 21.67 -2.05 13.48
C LYS B 135 22.10 -2.53 14.87
N ALA B 136 21.27 -3.30 15.55
CA ALA B 136 21.65 -3.73 16.88
C ALA B 136 22.35 -5.08 16.87
N LEU B 137 22.17 -5.82 15.78
CA LEU B 137 23.04 -6.97 15.52
C LEU B 137 24.44 -6.46 15.28
N LYS B 138 24.52 -5.46 14.41
CA LYS B 138 25.80 -4.89 14.02
C LYS B 138 26.62 -4.37 15.18
N GLU B 139 26.01 -3.65 16.12
CA GLU B 139 26.77 -3.12 17.26
C GLU B 139 26.79 -4.11 18.39
N GLY B 140 25.97 -5.15 18.23
CA GLY B 140 25.77 -6.20 19.21
C GLY B 140 27.02 -7.00 19.46
N ASN B 141 27.84 -7.18 18.42
CA ASN B 141 29.17 -7.70 18.61
C ASN B 141 29.08 -9.19 18.96
N LEU B 142 28.13 -9.86 18.36
CA LEU B 142 28.05 -11.29 18.48
C LEU B 142 28.10 -11.83 17.07
N THR B 143 28.75 -12.97 16.90
CA THR B 143 29.13 -13.47 15.59
C THR B 143 28.19 -14.54 15.11
N LEU B 144 27.58 -14.30 13.96
CA LEU B 144 26.57 -15.22 13.52
C LEU B 144 26.88 -15.73 12.14
N ASP B 145 26.76 -17.04 12.01
CA ASP B 145 26.64 -17.71 10.73
C ASP B 145 25.68 -16.95 9.79
N GLU B 146 25.82 -17.12 8.47
CA GLU B 146 24.80 -16.65 7.52
C GLU B 146 23.42 -17.27 7.82
N ASN B 147 23.40 -18.50 8.32
CA ASN B 147 22.15 -19.18 8.67
C ASN B 147 21.51 -18.69 9.94
N GLN B 148 22.30 -18.63 10.99
CA GLN B 148 21.88 -17.96 12.19
C GLN B 148 21.38 -16.53 11.86
N LYS B 149 22.22 -15.65 11.32
CA LYS B 149 21.79 -14.27 11.04
C LYS B 149 20.46 -14.27 10.31
N ASP B 150 20.22 -15.18 9.40
CA ASP B 150 18.95 -15.12 8.70
C ASP B 150 17.74 -15.58 9.56
N GLY B 151 17.81 -16.76 10.17
CA GLY B 151 16.73 -17.23 11.05
C GLY B 151 16.46 -16.30 12.23
N PHE B 152 17.53 -15.81 12.82
CA PHE B 152 17.50 -14.86 13.92
C PHE B 152 16.78 -13.55 13.57
N MET B 153 17.10 -12.96 12.43
CA MET B 153 16.39 -11.77 11.94
C MET B 153 14.90 -11.94 11.70
N LYS B 154 14.44 -13.17 11.62
CA LYS B 154 13.05 -13.45 11.30
C LYS B 154 12.24 -13.68 12.54
N LEU B 155 12.90 -14.23 13.55
CA LEU B 155 12.29 -14.37 14.86
C LEU B 155 12.20 -13.02 15.53
N VAL B 156 13.31 -12.31 15.63
CA VAL B 156 13.29 -11.02 16.30
C VAL B 156 12.39 -10.08 15.54
N HIS B 157 12.24 -10.22 14.23
CA HIS B 157 11.23 -9.38 13.57
C HIS B 157 9.82 -9.75 13.94
N ALA B 158 9.50 -11.04 13.93
CA ALA B 158 8.16 -11.49 14.28
C ALA B 158 7.77 -11.19 15.74
N PHE B 159 8.78 -10.99 16.59
CA PHE B 159 8.56 -10.59 17.97
C PHE B 159 8.38 -9.11 18.11
N VAL B 160 9.13 -8.30 17.39
CA VAL B 160 8.95 -6.87 17.54
C VAL B 160 7.66 -6.44 16.83
N ALA B 161 7.25 -7.11 15.77
CA ALA B 161 5.99 -6.74 15.07
C ALA B 161 4.72 -7.17 15.80
N ASP B 162 4.92 -7.96 16.85
CA ASP B 162 3.83 -8.37 17.70
C ASP B 162 3.79 -7.47 18.93
N ILE B 163 4.93 -7.14 19.52
CA ILE B 163 4.94 -6.12 20.57
C ILE B 163 4.38 -4.82 20.06
N LEU B 164 4.85 -4.40 18.89
CA LEU B 164 4.45 -3.13 18.38
C LEU B 164 3.18 -3.23 17.58
N ALA B 165 2.43 -4.32 17.70
CA ALA B 165 1.02 -4.30 17.25
C ALA B 165 0.18 -4.11 18.50
N GLN B 166 0.47 -4.93 19.49
CA GLN B 166 -0.05 -4.80 20.86
C GLN B 166 0.18 -3.41 21.41
N SER B 167 1.28 -2.78 21.01
CA SER B 167 1.60 -1.43 21.48
C SER B 167 0.51 -0.40 21.26
N GLY B 168 0.00 -0.14 20.06
CA GLY B 168 0.46 -0.66 18.80
C GLY B 168 0.85 0.49 17.91
N HIS B 169 2.02 0.33 17.33
CA HIS B 169 2.54 1.27 16.37
C HIS B 169 2.75 0.56 14.98
N TYR B 170 2.59 -0.78 14.92
CA TYR B 170 2.74 -1.56 13.68
C TYR B 170 1.68 -1.10 12.70
N LYS B 171 2.04 -1.02 11.45
CA LYS B 171 1.11 -0.52 10.45
C LYS B 171 1.77 -1.00 9.19
N PRO B 172 1.61 -2.27 8.87
CA PRO B 172 2.42 -2.85 7.81
C PRO B 172 2.10 -2.22 6.41
N VAL B 173 3.14 -1.76 5.70
CA VAL B 173 2.98 -1.14 4.38
C VAL B 173 2.49 -2.15 3.34
N THR B 174 2.90 -3.41 3.49
CA THR B 174 2.39 -4.55 2.70
C THR B 174 2.78 -5.91 3.27
N SER B 175 2.22 -6.91 2.61
CA SER B 175 2.63 -8.29 2.70
C SER B 175 3.73 -8.59 1.68
N VAL B 176 4.74 -9.31 2.15
CA VAL B 176 5.81 -9.79 1.31
C VAL B 176 5.96 -11.27 1.59
N THR B 177 6.15 -12.09 0.55
CA THR B 177 6.33 -13.54 0.73
C THR B 177 7.78 -14.00 0.43
N TYR B 178 8.40 -14.60 1.43
CA TYR B 178 9.69 -15.24 1.28
C TYR B 178 9.46 -16.74 1.26
N PHE B 179 10.52 -17.54 1.06
CA PHE B 179 10.43 -19.01 1.26
C PHE B 179 11.56 -19.54 2.08
N SER B 180 11.27 -20.06 3.26
CA SER B 180 12.32 -20.66 4.06
C SER B 180 12.16 -22.17 3.95
N ALA B 181 13.22 -22.89 4.33
CA ALA B 181 13.29 -24.30 4.01
C ALA B 181 12.97 -25.14 5.23
N PRO B 182 12.39 -26.34 5.00
CA PRO B 182 11.75 -27.19 5.98
C PRO B 182 12.70 -27.89 6.88
N ILE B 183 12.17 -28.73 7.75
CA ILE B 183 12.99 -29.42 8.71
C ILE B 183 13.56 -30.66 8.05
N ASP B 184 14.87 -30.83 8.23
CA ASP B 184 15.62 -31.81 7.46
C ASP B 184 15.62 -33.16 8.14
N MET B 185 14.79 -34.06 7.64
CA MET B 185 14.84 -35.44 8.07
C MET B 185 15.18 -36.31 6.86
N GLU B 186 16.09 -35.82 6.01
CA GLU B 186 16.50 -36.56 4.81
C GLU B 186 17.50 -37.69 5.16
N SER B 187 18.44 -37.39 6.07
CA SER B 187 19.17 -38.44 6.79
C SER B 187 18.45 -38.60 8.16
N ASP B 188 19.02 -39.39 9.06
CA ASP B 188 18.34 -39.83 10.29
C ASP B 188 17.26 -40.88 9.97
N TYR B 189 17.62 -41.78 9.05
CA TYR B 189 16.90 -43.03 8.89
C TYR B 189 17.07 -43.82 10.17
N LEU B 190 18.31 -43.86 10.66
CA LEU B 190 18.65 -44.76 11.75
C LEU B 190 18.03 -44.27 13.06
N ASP B 191 18.17 -42.97 13.37
CA ASP B 191 17.69 -42.39 14.64
C ASP B 191 16.64 -41.31 14.41
N PRO B 192 15.34 -41.68 14.42
CA PRO B 192 14.30 -40.66 14.40
C PRO B 192 13.79 -40.38 15.82
N PHE B 193 14.45 -40.94 16.83
CA PHE B 193 14.02 -40.75 18.22
C PHE B 193 14.42 -39.38 18.76
N SER B 194 15.70 -39.04 18.73
CA SER B 194 16.13 -37.72 19.21
C SER B 194 15.58 -36.60 18.33
N ILE B 195 15.26 -36.89 17.08
CA ILE B 195 14.54 -35.94 16.22
C ILE B 195 13.13 -35.73 16.73
N ALA B 196 12.51 -36.81 17.21
CA ALA B 196 11.14 -36.76 17.69
C ALA B 196 11.03 -36.01 19.02
N ILE B 197 11.98 -36.23 19.91
CA ILE B 197 11.97 -35.53 21.16
C ILE B 197 12.10 -34.05 20.93
N ILE B 198 13.15 -33.64 20.22
CA ILE B 198 13.41 -32.22 20.00
C ILE B 198 12.19 -31.58 19.36
N ARG B 199 11.59 -32.28 18.41
CA ARG B 199 10.52 -31.69 17.62
C ARG B 199 9.21 -31.56 18.38
N ASP B 200 9.01 -32.42 19.37
CA ASP B 200 7.89 -32.28 20.29
C ASP B 200 8.13 -31.03 21.13
N VAL B 201 9.28 -30.95 21.77
CA VAL B 201 9.56 -29.88 22.71
C VAL B 201 9.47 -28.50 22.05
N LEU B 202 9.79 -28.41 20.76
CA LEU B 202 9.63 -27.15 20.00
C LEU B 202 8.18 -26.66 19.89
N ASP B 203 7.23 -27.56 20.04
CA ASP B 203 5.83 -27.15 19.91
C ASP B 203 5.57 -26.12 20.97
N ASP B 204 5.98 -26.44 22.19
CA ASP B 204 5.83 -25.55 23.34
C ASP B 204 6.99 -24.55 23.48
N SER B 205 7.33 -23.84 22.40
CA SER B 205 8.51 -22.99 22.40
C SER B 205 8.18 -21.54 22.50
N PRO B 206 9.06 -20.77 23.11
CA PRO B 206 8.77 -19.42 23.52
C PRO B 206 8.40 -18.49 22.40
N PHE B 207 8.58 -18.91 21.15
CA PHE B 207 8.26 -18.02 20.03
C PHE B 207 6.88 -18.28 19.44
N SER B 208 6.21 -19.31 19.95
CA SER B 208 4.91 -19.74 19.41
C SER B 208 3.79 -18.82 19.86
N GLU B 209 3.72 -18.56 21.16
CA GLU B 209 2.77 -17.59 21.69
C GLU B 209 3.39 -16.75 22.80
N LEU B 210 3.29 -15.44 22.61
CA LEU B 210 3.97 -14.49 23.46
C LEU B 210 3.01 -14.09 24.54
N ARG B 211 3.45 -14.23 25.79
CA ARG B 211 2.62 -13.83 26.92
C ARG B 211 3.00 -12.42 27.39
N TYR B 212 2.00 -11.53 27.39
CA TYR B 212 2.18 -10.09 27.67
C TYR B 212 1.87 -9.68 29.10
N ASP B 213 2.48 -8.58 29.55
CA ASP B 213 2.15 -7.96 30.83
C ASP B 213 1.28 -6.75 30.50
N ALA B 214 -0.01 -6.80 30.85
CA ALA B 214 -0.94 -5.75 30.45
C ALA B 214 -0.61 -4.39 31.09
N ARG B 215 -0.20 -4.40 32.35
CA ARG B 215 0.14 -3.16 33.07
C ARG B 215 1.28 -2.43 32.35
N ALA B 216 2.38 -3.12 32.09
CA ALA B 216 3.50 -2.56 31.36
C ALA B 216 3.08 -2.05 29.98
N MET B 217 2.30 -2.86 29.24
CA MET B 217 1.87 -2.47 27.89
C MET B 217 1.03 -1.19 27.88
N SER B 218 0.33 -0.89 28.97
CA SER B 218 -0.37 0.37 29.05
C SER B 218 0.62 1.54 29.04
N GLU B 219 1.75 1.39 29.70
CA GLU B 219 2.77 2.44 29.73
C GLU B 219 3.29 2.79 28.36
N LEU B 220 3.11 1.86 27.43
CA LEU B 220 3.67 1.94 26.10
C LEU B 220 2.68 2.59 25.14
N GLU B 221 1.41 2.43 25.46
CA GLU B 221 0.25 2.89 24.67
C GLU B 221 0.14 4.39 24.85
N ASP B 222 0.35 4.77 26.11
CA ASP B 222 0.55 6.13 26.56
C ASP B 222 1.35 6.88 25.50
N ARG B 223 1.09 8.16 25.37
CA ARG B 223 1.99 9.04 24.70
C ARG B 223 2.32 9.99 25.80
N ASP B 224 3.56 10.43 25.99
CA ASP B 224 4.65 10.40 25.06
C ASP B 224 5.76 9.58 25.63
N VAL B 225 5.99 8.38 25.13
CA VAL B 225 6.85 7.42 25.84
C VAL B 225 8.33 7.55 25.53
N PRO B 226 9.19 7.45 26.59
CA PRO B 226 10.61 7.38 26.34
C PRO B 226 10.98 5.99 25.90
N ILE B 227 12.05 5.88 25.13
CA ILE B 227 12.37 4.64 24.46
C ILE B 227 12.87 3.63 25.47
N THR B 228 13.46 4.15 26.54
CA THR B 228 13.85 3.33 27.66
C THR B 228 12.74 2.43 28.19
N ARG B 229 11.50 2.90 28.19
CA ARG B 229 10.32 2.14 28.68
C ARG B 229 9.97 0.98 27.74
N PHE B 230 10.44 1.08 26.50
CA PHE B 230 10.16 0.07 25.48
C PHE B 230 11.15 -1.07 25.58
N SER B 231 12.43 -0.75 25.76
CA SER B 231 13.43 -1.80 25.82
C SER B 231 13.13 -2.63 27.04
N ARG B 232 12.90 -1.96 28.15
CA ARG B 232 12.74 -2.63 29.43
C ARG B 232 11.72 -3.73 29.39
N VAL B 233 10.55 -3.42 28.83
CA VAL B 233 9.44 -4.38 28.89
C VAL B 233 9.69 -5.53 27.93
N MET B 234 10.40 -5.24 26.84
CA MET B 234 10.77 -6.27 25.88
C MET B 234 11.84 -7.13 26.52
N ALA B 235 12.74 -6.52 27.27
CA ALA B 235 13.77 -7.27 27.96
C ALA B 235 13.16 -8.29 28.88
N GLN B 236 12.23 -7.85 29.73
CA GLN B 236 11.62 -8.79 30.66
C GLN B 236 10.81 -9.83 29.94
N MET B 237 10.21 -9.49 28.81
CA MET B 237 9.51 -10.51 28.04
C MET B 237 10.51 -11.57 27.59
N GLY B 238 11.68 -11.10 27.15
CA GLY B 238 12.72 -12.01 26.67
C GLY B 238 13.21 -12.83 27.83
N ASN B 239 13.58 -12.14 28.89
CA ASN B 239 14.04 -12.79 30.10
C ASN B 239 13.14 -13.94 30.53
N ALA B 240 11.85 -13.83 30.26
CA ALA B 240 10.94 -14.93 30.52
C ALA B 240 11.01 -16.01 29.44
N MET B 241 11.25 -15.61 28.20
CA MET B 241 11.47 -16.59 27.14
C MET B 241 12.75 -17.37 27.41
N VAL B 242 13.76 -16.72 27.98
CA VAL B 242 14.98 -17.42 28.30
C VAL B 242 14.70 -18.51 29.34
N ARG B 243 13.93 -18.19 30.37
CA ARG B 243 13.51 -19.19 31.37
C ARG B 243 12.66 -20.26 30.74
N ASN B 244 11.77 -19.82 29.86
CA ASN B 244 10.93 -20.73 29.11
C ASN B 244 11.76 -21.81 28.45
N ILE B 245 12.89 -21.42 27.90
CA ILE B 245 13.77 -22.35 27.18
C ILE B 245 14.53 -23.21 28.17
N MET B 246 15.13 -22.61 29.18
CA MET B 246 15.79 -23.39 30.21
C MET B 246 14.90 -24.55 30.68
N VAL B 247 13.57 -24.33 30.68
CA VAL B 247 12.57 -25.39 30.98
C VAL B 247 12.36 -26.42 29.88
N LEU B 248 12.41 -25.98 28.63
CA LEU B 248 12.33 -26.90 27.50
C LEU B 248 13.60 -27.71 27.40
N ASN B 249 14.75 -27.03 27.42
CA ASN B 249 16.06 -27.69 27.37
C ASN B 249 16.25 -28.64 28.54
N GLU B 250 15.39 -28.51 29.54
CA GLU B 250 15.32 -29.45 30.65
C GLU B 250 14.38 -30.62 30.37
N ALA B 251 13.17 -30.32 29.91
CA ALA B 251 12.16 -31.35 29.65
C ALA B 251 12.50 -32.16 28.39
N ALA B 252 13.44 -31.67 27.59
CA ALA B 252 13.99 -32.49 26.52
C ALA B 252 15.04 -33.41 27.09
N GLN B 253 15.99 -32.85 27.84
CA GLN B 253 17.06 -33.67 28.44
C GLN B 253 16.54 -34.60 29.54
N ARG B 254 15.29 -34.41 29.98
CA ARG B 254 14.64 -35.40 30.85
C ARG B 254 14.15 -36.60 30.05
N LYS B 255 13.67 -36.34 28.84
CA LYS B 255 13.20 -37.40 27.96
C LYS B 255 14.36 -38.24 27.44
N LEU B 256 15.45 -37.58 27.05
CA LEU B 256 16.66 -38.29 26.61
C LEU B 256 17.16 -39.15 27.77
N ARG B 257 17.23 -38.58 28.97
CA ARG B 257 17.57 -39.38 30.15
C ARG B 257 16.83 -40.69 30.11
N GLY B 258 15.52 -40.62 29.86
CA GLY B 258 14.66 -41.81 29.76
C GLY B 258 15.00 -42.77 28.63
N LEU B 259 15.35 -42.25 27.46
CA LEU B 259 15.75 -43.11 26.35
C LEU B 259 17.09 -43.84 26.60
N ALA B 260 18.03 -43.17 27.27
CA ALA B 260 19.35 -43.79 27.61
C ALA B 260 19.22 -44.67 28.84
N VAL B 261 18.02 -44.77 29.37
CA VAL B 261 17.70 -45.74 30.39
C VAL B 261 17.11 -46.97 29.74
N VAL B 262 16.24 -46.82 28.75
CA VAL B 262 15.68 -47.98 28.04
C VAL B 262 16.82 -48.84 27.45
N GLY B 263 17.81 -48.22 26.84
CA GLY B 263 19.10 -48.88 26.67
C GLY B 263 19.96 -48.20 27.73
N GLU B 264 20.40 -48.92 28.76
CA GLU B 264 20.79 -50.31 28.65
C GLU B 264 20.13 -51.24 29.65
N ILE B 265 18.89 -50.96 29.97
CA ILE B 265 18.05 -52.03 30.47
C ILE B 265 17.81 -53.07 29.34
N VAL B 266 17.66 -52.63 28.08
CA VAL B 266 17.44 -53.56 26.94
C VAL B 266 18.61 -54.51 26.68
N HIS B 267 19.83 -54.00 26.86
CA HIS B 267 21.05 -54.80 26.77
C HIS B 267 21.48 -55.31 28.14
N GLY B 268 20.77 -54.92 29.18
CA GLY B 268 20.99 -55.47 30.49
C GLY B 268 22.35 -55.14 31.07
N ARG B 269 22.67 -53.85 31.15
CA ARG B 269 23.69 -53.40 32.09
C ARG B 269 22.99 -52.86 33.34
N VAL B 270 21.65 -52.91 33.36
CA VAL B 270 20.85 -52.40 34.49
C VAL B 270 19.55 -53.22 34.73
N ARG B 271 19.13 -53.33 36.00
CA ARG B 271 18.04 -54.22 36.44
C ARG B 271 16.84 -53.54 37.11
N TYR B 276 12.62 -55.25 37.07
CA TYR B 276 11.82 -56.23 36.36
C TYR B 276 10.61 -55.63 35.61
N LEU B 277 10.86 -55.25 34.36
CA LEU B 277 10.02 -54.31 33.63
C LEU B 277 9.94 -54.65 32.13
N ASN B 278 8.73 -54.94 31.68
CA ASN B 278 8.47 -55.29 30.29
C ASN B 278 7.28 -54.43 29.88
N ASP B 279 7.41 -53.15 30.21
CA ASP B 279 6.49 -52.07 29.82
C ASP B 279 5.98 -52.20 28.37
N SER B 280 4.83 -51.63 28.08
CA SER B 280 4.26 -51.63 26.73
C SER B 280 5.22 -50.98 25.71
N PHE B 281 5.86 -49.90 26.14
CA PHE B 281 6.87 -49.19 25.33
C PHE B 281 8.12 -50.05 25.20
N ILE B 282 8.83 -50.27 26.31
CA ILE B 282 10.11 -51.01 26.29
C ILE B 282 10.02 -52.26 25.41
N GLN B 283 8.85 -52.89 25.42
CA GLN B 283 8.62 -54.07 24.60
C GLN B 283 8.68 -53.73 23.09
N THR B 284 7.93 -52.73 22.61
CA THR B 284 7.99 -52.39 21.16
C THR B 284 9.39 -51.90 20.71
N LEU B 285 10.25 -51.50 21.66
CA LEU B 285 11.65 -51.10 21.37
C LEU B 285 12.69 -52.23 21.51
N ARG B 286 12.35 -53.32 22.18
CA ARG B 286 13.29 -54.42 22.27
C ARG B 286 13.34 -55.16 20.95
N SER B 287 12.23 -55.16 20.21
CA SER B 287 12.16 -55.72 18.86
C SER B 287 12.12 -54.62 17.78
N ASN B 288 12.74 -53.48 18.11
CA ASN B 288 13.08 -52.45 17.13
C ASN B 288 14.57 -52.50 16.73
N ILE B 289 14.83 -52.94 15.48
CA ILE B 289 16.19 -53.03 14.93
C ILE B 289 16.89 -51.65 15.09
N ASN B 290 16.22 -50.55 14.73
CA ASN B 290 16.77 -49.19 14.95
C ASN B 290 17.26 -48.98 16.33
N PHE B 291 16.37 -49.06 17.29
CA PHE B 291 16.76 -48.78 18.66
C PHE B 291 17.95 -49.66 18.99
N HIS B 292 17.77 -50.96 18.81
CA HIS B 292 18.75 -51.94 19.26
C HIS B 292 20.20 -51.66 18.82
N LEU B 293 20.37 -51.17 17.59
CA LEU B 293 21.69 -50.83 17.03
C LEU B 293 22.26 -49.59 17.70
N LEU B 294 21.46 -48.51 17.68
CA LEU B 294 21.80 -47.21 18.27
C LEU B 294 22.22 -47.28 19.72
N THR B 295 21.55 -48.16 20.44
CA THR B 295 21.76 -48.30 21.86
C THR B 295 22.91 -49.27 22.21
N ARG B 296 23.39 -50.08 21.25
CA ARG B 296 24.29 -51.20 21.60
C ARG B 296 25.38 -50.81 22.60
N THR B 297 26.39 -50.06 22.19
CA THR B 297 27.27 -49.37 23.14
C THR B 297 26.59 -48.02 23.36
N THR B 298 26.52 -47.56 24.61
CA THR B 298 25.58 -46.46 24.94
C THR B 298 25.91 -45.17 24.20
N PRO B 299 24.90 -44.55 23.52
CA PRO B 299 25.09 -43.32 22.73
C PRO B 299 25.31 -42.06 23.59
N GLU B 300 26.40 -41.33 23.33
CA GLU B 300 26.77 -40.16 24.13
C GLU B 300 25.67 -39.13 24.13
N ARG B 301 25.06 -38.89 22.97
CA ARG B 301 24.03 -37.85 22.85
C ARG B 301 22.92 -37.99 23.92
N TRP B 302 22.58 -39.24 24.25
CA TRP B 302 21.55 -39.52 25.26
C TRP B 302 22.12 -39.59 26.70
N ALA B 303 23.30 -40.17 26.83
CA ALA B 303 24.02 -40.19 28.10
C ALA B 303 24.49 -38.80 28.57
N GLN B 304 24.37 -37.79 27.70
CA GLN B 304 24.77 -36.41 28.02
C GLN B 304 23.94 -35.94 29.19
N SER B 305 22.65 -36.21 29.10
CA SER B 305 21.65 -35.77 30.06
C SER B 305 21.82 -36.26 31.51
N TRP B 306 22.50 -37.38 31.69
CA TRP B 306 22.75 -37.88 33.04
C TRP B 306 23.98 -37.23 33.70
N ILE B 307 24.79 -36.48 32.95
CA ILE B 307 25.99 -35.83 33.54
C ILE B 307 25.56 -34.79 34.60
N GLN B 308 24.38 -34.21 34.39
CA GLN B 308 23.80 -33.25 35.34
C GLN B 308 23.25 -33.91 36.59
N ALA B 309 22.31 -34.84 36.42
CA ALA B 309 21.68 -35.52 37.57
C ALA B 309 22.69 -36.29 38.45
N PHE B 310 23.20 -37.43 37.97
CA PHE B 310 24.22 -38.21 38.70
C PHE B 310 25.58 -37.90 38.13
N GLY B 311 25.85 -38.44 36.93
CA GLY B 311 26.99 -38.03 36.14
C GLY B 311 28.23 -38.85 36.43
N SER B 312 28.72 -39.64 35.47
CA SER B 312 28.09 -39.82 34.16
C SER B 312 26.94 -40.83 34.24
N LEU B 313 26.61 -41.44 33.10
CA LEU B 313 25.62 -42.50 33.06
C LEU B 313 26.11 -43.66 33.91
N LYS B 314 27.40 -44.01 33.77
CA LYS B 314 28.03 -45.13 34.51
C LYS B 314 27.98 -44.96 36.03
N GLY B 315 27.94 -43.71 36.50
CA GLY B 315 27.70 -43.42 37.91
C GLY B 315 26.31 -43.85 38.35
N TRP B 316 25.31 -43.56 37.52
CA TRP B 316 23.94 -44.01 37.78
C TRP B 316 23.77 -45.52 37.58
N VAL B 317 24.32 -46.08 36.50
CA VAL B 317 24.26 -47.53 36.23
C VAL B 317 24.72 -48.38 37.43
N ASP B 318 25.80 -47.95 38.09
CA ASP B 318 26.31 -48.61 39.30
C ASP B 318 25.33 -48.49 40.47
N ALA B 319 24.55 -47.40 40.48
CA ALA B 319 23.54 -47.17 41.50
C ALA B 319 22.41 -48.19 41.46
N ILE B 320 21.82 -48.47 40.30
CA ILE B 320 20.68 -49.43 40.21
C ILE B 320 21.15 -50.90 40.04
N ASN B 321 22.48 -51.11 40.12
CA ASN B 321 23.06 -52.44 40.26
C ASN B 321 23.56 -52.71 41.70
N GLY B 322 23.70 -51.65 42.49
CA GLY B 322 23.79 -51.77 43.95
C GLY B 322 22.41 -51.94 44.57
N ILE B 323 21.40 -51.24 44.03
CA ILE B 323 19.98 -51.35 44.45
C ILE B 323 19.38 -52.73 44.14
N ALA B 324 19.45 -53.15 42.87
CA ALA B 324 18.94 -54.46 42.44
C ALA B 324 19.53 -55.64 43.26
N ASP B 325 20.67 -55.42 43.90
CA ASP B 325 21.22 -56.35 44.90
C ASP B 325 20.53 -56.14 46.26
N LEU B 346 15.34 -42.12 44.49
CA LEU B 346 16.20 -42.67 43.44
C LEU B 346 15.74 -44.08 43.01
N SER B 347 14.46 -44.19 42.69
CA SER B 347 13.88 -45.40 42.11
C SER B 347 12.50 -44.98 41.61
N ASP B 348 11.61 -45.95 41.36
CA ASP B 348 10.32 -45.67 40.72
C ASP B 348 10.56 -44.99 39.36
N LEU B 349 10.99 -45.81 38.41
CA LEU B 349 11.62 -45.35 37.19
C LEU B 349 10.64 -45.23 36.04
N THR B 350 9.37 -45.53 36.31
CA THR B 350 8.41 -45.76 35.25
C THR B 350 7.73 -44.46 34.68
N PRO B 351 8.04 -43.25 35.24
CA PRO B 351 7.50 -42.07 34.54
C PRO B 351 8.44 -41.52 33.47
N LEU B 352 9.76 -41.60 33.69
CA LEU B 352 10.78 -41.20 32.69
C LEU B 352 10.53 -41.87 31.36
N ILE B 353 10.20 -43.15 31.44
CA ILE B 353 9.97 -43.96 30.25
C ILE B 353 8.69 -43.51 29.58
N ARG B 354 7.68 -43.24 30.41
CA ARG B 354 6.38 -42.78 29.94
C ARG B 354 6.50 -41.38 29.28
N ASP B 355 7.35 -40.53 29.86
CA ASP B 355 7.63 -39.20 29.30
C ASP B 355 8.19 -39.34 27.88
N ALA B 356 9.28 -40.09 27.76
CA ALA B 356 9.91 -40.36 26.47
C ALA B 356 8.89 -40.82 25.45
N ALA B 357 8.06 -41.78 25.83
CA ALA B 357 7.11 -42.39 24.93
C ALA B 357 6.20 -41.40 24.18
N THR B 358 5.39 -40.64 24.93
CA THR B 358 4.37 -39.73 24.36
C THR B 358 4.89 -38.90 23.17
N SER B 359 6.15 -38.50 23.29
CA SER B 359 6.91 -37.86 22.22
C SER B 359 7.23 -38.84 21.08
N VAL B 360 8.08 -39.83 21.39
CA VAL B 360 8.50 -40.83 20.41
C VAL B 360 7.29 -41.35 19.66
N GLU B 361 6.21 -41.58 20.37
CA GLU B 361 4.99 -42.16 19.81
C GLU B 361 4.31 -41.23 18.84
N LYS B 362 4.20 -39.97 19.21
CA LYS B 362 3.50 -39.05 18.33
C LYS B 362 4.31 -38.64 17.09
N PHE B 363 5.59 -39.03 17.01
CA PHE B 363 6.41 -38.71 15.83
C PHE B 363 7.05 -39.89 15.09
N VAL B 364 6.90 -41.11 15.64
CA VAL B 364 7.58 -42.30 15.13
C VAL B 364 6.61 -43.47 15.05
N THR B 365 6.24 -43.91 13.85
CA THR B 365 5.48 -45.18 13.75
C THR B 365 6.46 -46.32 13.55
N PHE B 366 6.20 -47.44 14.19
CA PHE B 366 7.07 -48.60 14.11
C PHE B 366 6.53 -49.46 13.00
N ALA B 367 7.41 -50.10 12.25
CA ALA B 367 7.00 -50.62 10.96
C ALA B 367 7.14 -52.12 10.87
N PRO B 368 6.25 -52.72 10.06
CA PRO B 368 6.47 -54.12 9.70
C PRO B 368 7.86 -54.26 9.07
N LEU B 369 8.71 -55.15 9.57
CA LEU B 369 9.99 -55.38 8.93
C LEU B 369 9.87 -55.65 7.42
N SER B 370 2.15 -55.58 14.38
CA SER B 370 1.03 -56.01 13.52
C SER B 370 0.84 -55.18 12.23
N PHE B 371 0.52 -53.88 12.32
CA PHE B 371 0.69 -53.00 11.14
C PHE B 371 2.19 -52.71 11.10
N TYR B 372 2.79 -52.67 9.92
CA TYR B 372 2.08 -52.60 8.65
C TYR B 372 2.14 -53.90 7.85
N GLN B 373 0.95 -54.43 7.54
CA GLN B 373 0.77 -55.54 6.61
C GLN B 373 0.47 -55.05 5.21
N GLY B 374 0.41 -53.72 5.05
CA GLY B 374 0.59 -53.11 3.75
C GLY B 374 1.73 -52.07 3.72
N LEU B 375 1.56 -51.02 2.96
CA LEU B 375 0.53 -50.98 1.96
C LEU B 375 0.98 -51.94 0.89
N GLY B 376 0.47 -53.15 0.87
CA GLY B 376 1.04 -54.09 -0.07
C GLY B 376 0.05 -55.13 -0.47
N SER B 377 -0.41 -55.05 -1.72
CA SER B 377 -1.21 -56.12 -2.27
C SER B 377 -0.26 -57.28 -2.42
N VAL B 378 -0.30 -58.21 -1.48
CA VAL B 378 0.48 -59.44 -1.59
C VAL B 378 -0.43 -60.48 -2.23
N THR B 379 -0.05 -60.97 -3.39
CA THR B 379 -0.71 -62.13 -3.99
C THR B 379 0.45 -63.04 -4.35
N GLN B 380 0.47 -64.22 -3.76
CA GLN B 380 1.46 -65.23 -4.10
C GLN B 380 1.02 -65.99 -5.36
N ILE B 381 1.96 -66.50 -6.15
CA ILE B 381 1.61 -67.37 -7.31
C ILE B 381 2.60 -68.49 -7.50
N ARG B 382 2.04 -69.69 -7.55
CA ARG B 382 2.81 -70.92 -7.48
C ARG B 382 3.09 -71.44 -8.88
N ALA B 383 4.18 -72.19 -9.02
CA ALA B 383 4.60 -72.73 -10.32
C ALA B 383 3.53 -73.67 -10.93
N LEU B 384 3.71 -74.13 -12.17
CA LEU B 384 2.83 -75.17 -12.73
C LEU B 384 2.93 -76.48 -11.92
N ASP B 385 4.06 -76.68 -11.24
CA ASP B 385 4.26 -77.74 -10.25
C ASP B 385 3.63 -77.34 -8.92
N SER B 386 2.30 -77.22 -8.94
CA SER B 386 1.51 -76.46 -7.95
C SER B 386 2.20 -76.42 -6.60
N SER B 387 2.17 -77.54 -5.91
CA SER B 387 2.68 -77.58 -4.59
C SER B 387 4.11 -78.13 -4.65
N THR B 388 4.83 -78.04 -3.53
CA THR B 388 4.47 -77.15 -2.44
C THR B 388 5.48 -76.02 -2.53
N ASN B 389 5.53 -75.38 -3.70
CA ASN B 389 6.42 -74.25 -3.88
C ASN B 389 5.98 -73.29 -4.98
N LEU B 390 6.25 -72.01 -4.75
CA LEU B 390 5.72 -70.95 -5.61
C LEU B 390 6.82 -70.27 -6.38
N ALA B 391 6.42 -69.51 -7.39
CA ALA B 391 7.36 -68.86 -8.30
C ALA B 391 7.50 -67.38 -7.95
N ALA B 392 6.40 -66.67 -8.15
CA ALA B 392 6.35 -65.22 -8.04
C ALA B 392 5.58 -64.76 -6.79
N VAL B 393 5.99 -63.64 -6.21
CA VAL B 393 5.26 -62.96 -5.12
C VAL B 393 4.97 -61.53 -5.54
N ILE B 394 3.73 -61.22 -5.89
CA ILE B 394 3.42 -59.86 -6.35
C ILE B 394 3.18 -58.93 -5.17
N VAL B 395 3.79 -57.73 -5.17
CA VAL B 395 3.57 -56.72 -4.11
C VAL B 395 3.24 -55.37 -4.76
N ARG B 396 1.98 -54.96 -4.73
CA ARG B 396 1.54 -53.71 -5.38
C ARG B 396 1.24 -52.55 -4.40
N TYR B 397 2.14 -51.59 -4.31
CA TYR B 397 1.93 -50.41 -3.48
C TYR B 397 1.07 -49.47 -4.29
N ALA B 398 -0.04 -48.97 -3.75
CA ALA B 398 -0.82 -47.95 -4.46
C ALA B 398 -0.76 -46.59 -3.75
N ALA B 399 -1.01 -45.52 -4.51
CA ALA B 399 -0.99 -44.14 -3.99
C ALA B 399 -1.83 -43.30 -4.90
N LYS B 400 -2.13 -42.07 -4.51
CA LYS B 400 -2.92 -41.25 -5.39
C LYS B 400 -1.98 -40.59 -6.37
N GLU B 401 -2.41 -40.61 -7.63
CA GLU B 401 -1.72 -39.88 -8.68
C GLU B 401 -2.64 -38.74 -8.97
N ILE B 402 -2.22 -37.91 -9.92
CA ILE B 402 -3.05 -36.84 -10.40
C ILE B 402 -3.25 -36.98 -11.89
N ASN B 403 -4.51 -37.07 -12.28
CA ASN B 403 -4.87 -37.33 -13.67
C ASN B 403 -4.79 -36.05 -14.49
N LEU B 404 -5.11 -34.92 -13.86
CA LEU B 404 -5.10 -33.66 -14.60
C LEU B 404 -4.75 -32.44 -13.77
N ILE B 405 -4.22 -31.45 -14.48
CA ILE B 405 -3.55 -30.32 -13.90
C ILE B 405 -4.19 -29.08 -14.48
N PRO B 406 -4.55 -28.11 -13.62
CA PRO B 406 -5.22 -26.90 -14.09
C PRO B 406 -4.23 -25.88 -14.58
N ALA B 407 -4.68 -25.05 -15.50
CA ALA B 407 -3.79 -24.07 -16.11
C ALA B 407 -4.49 -22.74 -16.17
N TYR B 408 -3.76 -21.69 -15.86
CA TYR B 408 -4.36 -20.40 -15.64
C TYR B 408 -3.72 -19.36 -16.50
N GLN B 409 -4.52 -18.44 -17.06
CA GLN B 409 -3.88 -17.33 -17.74
C GLN B 409 -3.18 -16.47 -16.74
N SER B 410 -1.95 -16.08 -17.06
CA SER B 410 -1.17 -15.25 -16.18
C SER B 410 -0.53 -14.13 -16.95
N PHE B 411 -0.30 -13.03 -16.23
CA PHE B 411 0.63 -12.00 -16.65
C PHE B 411 1.80 -11.90 -15.71
N GLN B 412 2.88 -11.32 -16.21
CA GLN B 412 4.13 -11.34 -15.52
C GLN B 412 4.48 -9.95 -14.99
N VAL B 413 4.91 -9.91 -13.74
CA VAL B 413 5.16 -8.67 -13.01
C VAL B 413 6.65 -8.44 -12.83
N PRO B 414 7.13 -7.24 -13.16
CA PRO B 414 8.58 -7.01 -13.10
C PRO B 414 9.21 -7.17 -11.72
N THR B 415 10.35 -7.87 -11.65
CA THR B 415 11.29 -7.72 -10.55
C THR B 415 12.64 -7.78 -11.18
N VAL B 416 13.68 -7.54 -10.41
CA VAL B 416 15.02 -7.57 -10.95
C VAL B 416 15.74 -8.70 -10.24
N ASP B 417 15.82 -9.85 -10.90
CA ASP B 417 16.44 -11.09 -10.40
C ASP B 417 16.26 -12.01 -11.55
N VAL B 418 17.25 -12.78 -11.93
CA VAL B 418 16.93 -13.80 -12.94
C VAL B 418 17.56 -15.15 -12.63
N GLY B 419 17.46 -15.68 -11.40
CA GLY B 419 16.59 -15.20 -10.35
C GLY B 419 15.25 -15.89 -10.42
N VAL B 420 14.22 -15.11 -10.22
CA VAL B 420 12.90 -15.64 -10.08
C VAL B 420 12.02 -14.92 -11.04
N LYS B 421 10.75 -15.30 -11.09
CA LYS B 421 9.74 -14.46 -11.72
C LYS B 421 8.55 -14.32 -10.79
N LYS B 422 7.98 -13.13 -10.82
CA LYS B 422 6.68 -12.87 -10.23
C LYS B 422 5.68 -13.08 -11.31
N THR B 423 4.58 -13.74 -10.97
CA THR B 423 3.48 -13.83 -11.91
C THR B 423 2.19 -13.61 -11.17
N ALA B 424 1.20 -13.23 -11.95
CA ALA B 424 -0.08 -12.89 -11.44
C ALA B 424 -1.04 -13.85 -12.08
N ILE B 425 -1.33 -14.94 -11.37
CA ILE B 425 -2.24 -15.92 -11.92
C ILE B 425 -3.68 -15.41 -11.77
N MET B 426 -4.43 -15.41 -12.86
CA MET B 426 -5.79 -14.91 -12.84
C MET B 426 -6.80 -16.04 -12.93
N ASP B 427 -7.11 -16.47 -14.15
CA ASP B 427 -8.26 -17.33 -14.43
C ASP B 427 -7.90 -18.71 -14.86
N GLN B 428 -8.54 -19.73 -14.29
CA GLN B 428 -8.37 -21.07 -14.83
C GLN B 428 -8.97 -21.05 -16.22
N ARG B 429 -8.21 -21.50 -17.22
CA ARG B 429 -8.68 -21.51 -18.61
C ARG B 429 -8.56 -22.83 -19.35
N LEU B 430 -7.92 -23.80 -18.73
CA LEU B 430 -7.93 -25.16 -19.19
C LEU B 430 -7.79 -26.06 -18.01
N SER B 431 -7.90 -27.36 -18.25
CA SER B 431 -7.19 -28.31 -17.40
C SER B 431 -6.45 -29.28 -18.33
N LEU B 432 -5.14 -29.38 -18.11
CA LEU B 432 -4.29 -30.14 -18.97
C LEU B 432 -4.42 -31.60 -18.56
N GLN B 433 -4.52 -32.47 -19.57
CA GLN B 433 -4.76 -33.91 -19.38
C GLN B 433 -3.46 -34.70 -19.43
N LEU B 434 -3.48 -35.83 -18.74
CA LEU B 434 -2.34 -36.73 -18.74
C LEU B 434 -2.70 -38.01 -19.52
N PRO B 435 -1.92 -39.07 -19.37
CA PRO B 435 -2.26 -40.33 -20.00
C PRO B 435 -3.48 -41.07 -19.47
N GLU B 436 -3.62 -41.28 -18.16
CA GLU B 436 -4.83 -41.94 -17.60
C GLU B 436 -4.96 -43.46 -17.91
N PHE B 437 -3.90 -44.22 -17.73
CA PHE B 437 -3.96 -45.66 -17.98
C PHE B 437 -3.87 -46.46 -16.69
N SER B 438 -4.72 -47.48 -16.55
CA SER B 438 -4.79 -48.26 -15.31
C SER B 438 -3.66 -49.25 -15.22
N GLU B 439 -2.99 -49.24 -14.09
CA GLU B 439 -1.88 -50.14 -13.87
C GLU B 439 -2.35 -51.55 -13.53
N ASP B 440 -3.66 -51.71 -13.40
CA ASP B 440 -4.26 -53.00 -13.04
C ASP B 440 -3.87 -54.08 -14.03
N GLN B 441 -4.36 -53.91 -15.26
CA GLN B 441 -4.23 -54.90 -16.31
C GLN B 441 -2.80 -55.38 -16.57
N PHE B 442 -1.83 -54.49 -16.39
CA PHE B 442 -0.42 -54.80 -16.67
C PHE B 442 0.12 -55.88 -15.77
N PHE B 443 -0.23 -55.82 -14.49
CA PHE B 443 0.14 -56.89 -13.57
C PHE B 443 -0.75 -58.10 -13.79
N GLY B 444 -1.95 -57.89 -14.30
CA GLY B 444 -2.80 -59.00 -14.77
C GLY B 444 -2.14 -59.97 -15.76
N MET B 445 -1.62 -59.44 -16.88
CA MET B 445 -0.97 -60.25 -17.89
C MET B 445 0.30 -60.84 -17.33
N LEU B 446 0.87 -60.16 -16.35
CA LEU B 446 2.08 -60.62 -15.70
C LEU B 446 1.79 -61.72 -14.67
N GLU B 447 0.63 -61.69 -14.03
CA GLU B 447 0.24 -62.81 -13.14
C GLU B 447 0.20 -64.06 -13.98
N GLN B 448 -0.65 -64.06 -15.01
CA GLN B 448 -0.82 -65.23 -15.89
C GLN B 448 0.50 -65.82 -16.29
N ARG B 449 1.37 -64.98 -16.80
CA ARG B 449 2.70 -65.40 -17.21
C ARG B 449 3.47 -66.16 -16.11
N MET B 450 3.36 -65.71 -14.87
CA MET B 450 4.14 -66.30 -13.77
C MET B 450 3.50 -67.58 -13.21
N GLN B 451 2.22 -67.79 -13.53
CA GLN B 451 1.49 -69.02 -13.20
C GLN B 451 1.91 -70.14 -14.13
N ASN B 452 1.91 -69.83 -15.43
CA ASN B 452 2.33 -70.76 -16.48
C ASN B 452 3.82 -71.02 -16.50
N MET B 453 4.56 -70.36 -15.60
CA MET B 453 5.98 -70.64 -15.41
C MET B 453 6.15 -71.91 -14.61
N SER B 454 6.82 -72.88 -15.22
CA SER B 454 7.15 -74.11 -14.55
C SER B 454 8.20 -73.82 -13.50
N ASP B 455 8.35 -74.78 -12.62
CA ASP B 455 9.29 -74.73 -11.51
C ASP B 455 10.75 -74.41 -11.93
N SER B 456 11.23 -75.13 -12.94
CA SER B 456 12.62 -74.98 -13.39
C SER B 456 12.79 -73.70 -14.20
N GLU B 457 11.83 -73.39 -15.07
CA GLU B 457 11.77 -72.14 -15.83
C GLU B 457 12.00 -70.91 -14.95
N VAL B 458 11.40 -70.96 -13.76
CA VAL B 458 11.47 -69.90 -12.79
C VAL B 458 12.87 -69.81 -12.21
N ALA B 459 13.33 -70.86 -11.55
CA ALA B 459 14.68 -70.87 -10.98
C ALA B 459 15.79 -70.50 -12.01
N GLU B 460 15.49 -70.67 -13.31
CA GLU B 460 16.35 -70.19 -14.42
C GLU B 460 16.34 -68.67 -14.53
N LEU B 461 15.14 -68.12 -14.70
CA LEU B 461 14.89 -66.67 -14.77
C LEU B 461 15.51 -65.93 -13.60
N VAL B 462 15.47 -66.57 -12.43
CA VAL B 462 16.08 -66.04 -11.22
C VAL B 462 17.57 -65.94 -11.33
N ASP B 463 18.19 -67.04 -11.71
CA ASP B 463 19.63 -67.06 -11.95
C ASP B 463 20.02 -66.06 -13.06
N ARG B 464 19.32 -66.15 -14.19
CA ARG B 464 19.43 -65.19 -15.29
C ARG B 464 19.45 -63.74 -14.72
N ILE B 465 18.49 -63.43 -13.85
CA ILE B 465 18.34 -62.07 -13.26
C ILE B 465 19.41 -61.80 -12.24
N ALA B 466 19.65 -62.77 -11.36
CA ALA B 466 20.69 -62.66 -10.36
C ALA B 466 22.06 -62.40 -10.99
N LYS B 467 22.24 -62.75 -12.26
CA LYS B 467 23.47 -62.38 -12.96
C LYS B 467 23.48 -60.95 -13.49
N GLY B 468 22.37 -60.24 -13.36
CA GLY B 468 22.31 -58.82 -13.69
C GLY B 468 21.33 -58.53 -14.78
N GLU B 469 20.89 -59.57 -15.48
CA GLU B 469 19.89 -59.41 -16.52
C GLU B 469 18.62 -58.85 -15.90
N THR B 470 17.92 -57.99 -16.64
CA THR B 470 16.74 -57.31 -16.09
C THR B 470 15.66 -57.25 -17.15
N PRO B 471 15.13 -58.42 -17.52
CA PRO B 471 14.20 -58.53 -18.65
C PRO B 471 12.98 -57.64 -18.52
N PHE B 472 12.49 -57.53 -17.29
CA PHE B 472 11.32 -56.70 -17.01
C PHE B 472 11.68 -55.33 -16.43
N GLY B 473 12.97 -55.04 -16.28
CA GLY B 473 13.38 -53.80 -15.65
C GLY B 473 13.40 -54.08 -14.17
N ASP B 474 13.01 -53.10 -13.36
CA ASP B 474 12.94 -53.30 -11.91
C ASP B 474 11.51 -53.60 -11.42
N VAL B 475 10.69 -54.10 -12.35
CA VAL B 475 9.41 -54.68 -11.98
C VAL B 475 9.66 -56.05 -11.35
N VAL B 476 10.46 -56.88 -12.00
CA VAL B 476 10.72 -58.22 -11.49
C VAL B 476 12.15 -58.39 -11.05
N LYS B 477 12.37 -58.73 -9.79
CA LYS B 477 13.71 -58.96 -9.32
C LYS B 477 13.74 -60.21 -8.50
N GLN B 478 14.95 -60.68 -8.28
CA GLN B 478 15.24 -61.70 -7.30
C GLN B 478 14.57 -61.29 -5.99
N LEU B 479 13.69 -62.10 -5.39
CA LEU B 479 13.23 -61.80 -3.99
C LEU B 479 14.45 -61.89 -3.10
N PRO B 480 14.73 -60.84 -2.39
CA PRO B 480 16.05 -60.61 -1.80
C PRO B 480 16.48 -61.73 -0.82
N GLY B 481 17.37 -62.61 -1.25
CA GLY B 481 17.88 -63.69 -0.37
C GLY B 481 17.05 -64.96 -0.35
N THR B 482 15.98 -64.99 -1.16
CA THR B 482 15.17 -66.18 -1.41
C THR B 482 15.29 -66.59 -2.87
N SER B 483 15.11 -67.87 -3.17
CA SER B 483 15.21 -68.27 -4.56
C SER B 483 13.94 -68.01 -5.44
N THR B 484 12.82 -67.54 -4.89
CA THR B 484 11.72 -67.04 -5.76
C THR B 484 11.99 -65.64 -6.24
N LEU B 485 11.14 -65.14 -7.12
CA LEU B 485 11.21 -63.74 -7.50
C LEU B 485 9.97 -62.99 -7.04
N LEU B 486 10.08 -61.65 -6.98
CA LEU B 486 8.95 -60.74 -6.66
C LEU B 486 8.64 -59.81 -7.78
N VAL B 487 7.49 -59.20 -7.70
CA VAL B 487 6.97 -58.45 -8.80
C VAL B 487 6.39 -57.14 -8.30
N THR B 488 7.25 -56.25 -7.79
CA THR B 488 6.74 -55.01 -7.20
C THR B 488 6.38 -53.91 -8.17
N ASN B 489 5.57 -53.04 -7.61
CA ASN B 489 5.25 -51.81 -8.21
C ASN B 489 6.35 -50.87 -7.92
N GLY B 490 6.60 -50.75 -6.63
CA GLY B 490 7.24 -49.58 -6.07
C GLY B 490 8.75 -49.43 -6.10
N TYR B 491 9.46 -50.23 -6.87
CA TYR B 491 10.81 -49.81 -7.21
C TYR B 491 10.62 -48.54 -8.06
N TYR B 492 9.46 -48.49 -8.74
CA TYR B 492 9.15 -47.47 -9.75
C TYR B 492 8.41 -46.27 -9.22
N MET B 493 7.92 -46.31 -8.00
CA MET B 493 7.10 -45.16 -7.56
C MET B 493 7.41 -44.57 -6.17
N GLY B 494 7.64 -43.26 -6.16
CA GLY B 494 8.03 -42.56 -4.97
C GLY B 494 9.39 -42.99 -4.47
N GLY B 495 10.03 -43.95 -5.14
CA GLY B 495 11.22 -44.59 -4.56
C GLY B 495 10.89 -45.29 -3.24
N LEU B 496 9.65 -45.76 -3.12
CA LEU B 496 9.20 -46.58 -1.99
C LEU B 496 10.19 -47.67 -1.63
N LEU B 497 10.50 -48.51 -2.62
CA LEU B 497 11.55 -49.49 -2.47
C LEU B 497 12.88 -48.87 -2.94
N THR B 498 13.86 -48.87 -2.05
CA THR B 498 15.26 -48.64 -2.40
C THR B 498 15.98 -49.55 -1.42
N ASN B 499 17.19 -49.96 -1.75
CA ASN B 499 17.83 -51.00 -0.98
C ASN B 499 18.85 -50.49 -0.02
N GLU B 500 18.60 -50.64 1.27
CA GLU B 500 19.65 -50.44 2.25
C GLU B 500 20.10 -51.82 2.65
N ASP B 501 21.39 -51.98 2.93
CA ASP B 501 21.97 -53.32 2.90
C ASP B 501 22.33 -53.95 4.26
N LYS B 502 22.09 -53.25 5.35
CA LYS B 502 22.14 -53.90 6.65
C LYS B 502 20.72 -53.95 7.25
N ILE B 503 20.14 -55.14 7.30
CA ILE B 503 18.82 -55.40 7.87
C ILE B 503 18.64 -56.92 7.99
N ILE B 504 18.93 -57.59 6.88
CA ILE B 504 18.91 -59.05 6.75
C ILE B 504 20.35 -59.48 7.01
N PRO B 505 20.55 -60.66 7.59
CA PRO B 505 21.94 -61.06 7.60
C PRO B 505 22.42 -61.36 6.18
N GLY B 506 23.71 -61.67 6.04
CA GLY B 506 24.23 -62.14 4.77
C GLY B 506 24.55 -61.02 3.79
N ASP B 507 24.41 -61.31 2.51
CA ASP B 507 24.94 -60.45 1.45
C ASP B 507 23.89 -59.70 0.63
N ALA B 508 22.63 -60.13 0.70
CA ALA B 508 21.58 -59.50 -0.10
C ALA B 508 21.14 -58.24 0.59
N SER B 509 21.33 -57.12 -0.09
CA SER B 509 20.73 -55.88 0.34
C SER B 509 19.23 -56.03 0.17
N VAL B 510 18.44 -55.24 0.94
CA VAL B 510 16.99 -55.41 0.96
C VAL B 510 16.19 -54.15 1.24
N PRO B 511 15.12 -53.91 0.45
CA PRO B 511 14.33 -52.71 0.67
C PRO B 511 13.60 -52.72 2.02
N ALA B 512 13.44 -51.54 2.62
CA ALA B 512 12.89 -51.41 3.95
C ALA B 512 11.45 -51.88 4.01
N LEU B 513 10.60 -51.28 3.20
CA LEU B 513 9.15 -51.54 3.25
C LEU B 513 8.71 -52.95 2.80
N LEU B 514 9.66 -53.81 2.46
CA LEU B 514 9.36 -55.22 2.37
C LEU B 514 9.70 -55.81 3.71
N TYR B 515 10.98 -55.79 4.07
CA TYR B 515 11.43 -56.25 5.39
C TYR B 515 10.43 -56.00 6.47
N MET B 516 9.84 -54.82 6.41
CA MET B 516 8.82 -54.44 7.37
C MET B 516 7.48 -55.10 7.07
N GLN B 517 6.94 -54.92 5.88
CA GLN B 517 5.68 -55.58 5.57
C GLN B 517 5.69 -57.10 5.81
N ALA B 518 6.88 -57.70 5.78
CA ALA B 518 7.03 -59.14 5.98
C ALA B 518 7.11 -59.45 7.45
N ALA B 519 8.03 -58.80 8.15
CA ALA B 519 8.14 -58.96 9.59
C ALA B 519 6.81 -58.67 10.34
N SER B 520 5.95 -57.82 9.76
CA SER B 520 4.61 -57.54 10.33
C SER B 520 3.64 -58.76 10.26
N PHE B 521 4.04 -59.81 9.55
CA PHE B 521 3.35 -61.09 9.54
C PHE B 521 4.02 -62.09 10.50
N ALA B 522 4.69 -61.61 11.54
CA ALA B 522 5.46 -62.49 12.43
C ALA B 522 4.91 -62.44 13.84
N SER B 523 4.80 -63.61 14.48
CA SER B 523 4.04 -63.74 15.72
C SER B 523 4.85 -63.43 16.95
N SER B 524 6.15 -63.66 16.92
CA SER B 524 7.00 -63.17 17.99
C SER B 524 8.40 -63.09 17.45
N VAL B 525 9.30 -62.49 18.23
CA VAL B 525 10.54 -61.98 17.69
C VAL B 525 11.66 -62.05 18.70
N ARG B 526 12.72 -62.82 18.46
CA ARG B 526 13.81 -63.02 19.45
C ARG B 526 14.92 -61.99 19.33
N PHE B 527 15.32 -61.37 20.45
CA PHE B 527 16.26 -60.22 20.45
C PHE B 527 17.59 -60.48 21.15
N PRO B 528 18.51 -61.18 20.45
CA PRO B 528 19.84 -61.39 21.01
C PRO B 528 20.71 -60.11 21.04
N PRO B 529 21.40 -59.86 22.16
CA PRO B 529 22.37 -58.78 22.17
C PRO B 529 23.47 -58.95 21.13
N GLY B 530 23.57 -58.01 20.19
CA GLY B 530 24.66 -57.98 19.22
C GLY B 530 24.41 -58.79 17.97
N GLU B 531 23.15 -59.14 17.68
CA GLU B 531 22.82 -59.92 16.49
C GLU B 531 21.51 -59.48 15.86
N TYR B 532 21.22 -60.00 14.69
CA TYR B 532 20.01 -59.63 13.99
C TYR B 532 18.81 -60.19 14.74
N PRO B 533 17.66 -59.53 14.59
CA PRO B 533 16.45 -60.10 15.14
C PRO B 533 16.10 -61.38 14.40
N VAL B 534 15.62 -62.39 15.13
CA VAL B 534 15.16 -63.66 14.57
C VAL B 534 13.64 -63.74 14.72
N PHE B 535 12.94 -63.96 13.62
CA PHE B 535 11.47 -63.89 13.61
C PHE B 535 10.87 -65.29 13.71
N HIS B 536 9.62 -65.38 14.16
CA HIS B 536 8.91 -66.66 14.27
C HIS B 536 7.46 -66.43 13.82
N HIS B 537 6.96 -67.28 12.93
CA HIS B 537 5.56 -67.26 12.50
C HIS B 537 4.91 -68.59 12.81
N GLU B 538 3.78 -68.55 13.50
CA GLU B 538 3.11 -69.76 13.94
C GLU B 538 1.62 -69.66 13.63
N SER B 539 1.19 -70.28 12.54
CA SER B 539 -0.22 -70.17 12.14
C SER B 539 -0.71 -71.48 11.56
N SER B 540 -1.54 -72.19 12.33
CA SER B 540 -1.90 -73.54 11.97
C SER B 540 -3.10 -73.63 11.01
N ASN B 541 -3.14 -74.71 10.22
CA ASN B 541 -2.11 -75.78 10.25
C ASN B 541 -1.46 -76.08 8.88
N GLY B 542 -2.31 -76.40 7.91
CA GLY B 542 -1.89 -76.81 6.59
C GLY B 542 -1.46 -75.65 5.71
N ASP B 543 -1.96 -74.45 6.02
CA ASP B 543 -1.59 -73.25 5.25
C ASP B 543 -0.13 -72.87 5.51
N VAL B 544 0.78 -73.81 5.25
CA VAL B 544 2.24 -73.60 5.30
C VAL B 544 2.91 -74.60 4.37
N ARG B 545 3.84 -74.13 3.55
CA ARG B 545 4.54 -75.03 2.63
C ARG B 545 5.94 -75.27 3.14
N LEU B 546 6.51 -76.40 2.74
CA LEU B 546 7.87 -76.80 3.08
C LEU B 546 8.71 -76.64 1.82
N THR B 547 9.45 -75.54 1.67
CA THR B 547 10.05 -75.25 0.36
C THR B 547 11.54 -75.02 0.30
N ASP B 548 12.10 -75.28 -0.90
CA ASP B 548 13.53 -75.15 -1.14
C ASP B 548 13.98 -73.73 -1.37
N GLN B 549 13.02 -72.82 -1.46
CA GLN B 549 13.30 -71.45 -1.85
C GLN B 549 13.86 -70.57 -0.73
N VAL B 550 13.61 -70.97 0.51
CA VAL B 550 13.92 -70.13 1.68
C VAL B 550 15.43 -70.04 1.94
N SER B 551 15.92 -68.89 2.40
CA SER B 551 17.37 -68.71 2.69
C SER B 551 17.90 -69.75 3.68
N ALA B 552 19.22 -69.94 3.66
CA ALA B 552 19.86 -71.05 4.37
C ALA B 552 19.52 -71.13 5.85
N ASP B 553 19.34 -69.98 6.49
CA ASP B 553 19.10 -69.94 7.95
C ASP B 553 17.71 -70.41 8.43
N ALA B 554 16.76 -70.63 7.51
CA ALA B 554 15.36 -70.82 7.89
C ALA B 554 14.94 -72.23 8.33
N GLN B 555 14.47 -72.35 9.57
CA GLN B 555 13.79 -73.57 10.04
C GLN B 555 12.37 -73.54 9.50
N LEU B 556 11.86 -74.70 9.10
CA LEU B 556 10.54 -74.78 8.49
C LEU B 556 9.81 -76.10 8.83
N SER B 557 8.63 -75.99 9.45
CA SER B 557 7.65 -77.09 9.56
C SER B 557 6.28 -76.57 9.09
N HIS B 558 5.22 -77.37 9.20
CA HIS B 558 3.89 -76.91 8.77
C HIS B 558 3.27 -76.12 9.92
N SER B 559 3.36 -74.80 9.83
CA SER B 559 2.84 -73.82 10.82
C SER B 559 3.93 -73.23 11.76
N ALA B 560 5.20 -73.50 11.45
CA ALA B 560 6.34 -72.84 12.12
C ALA B 560 7.40 -72.41 11.09
N VAL B 561 7.88 -71.17 11.19
CA VAL B 561 8.95 -70.66 10.33
C VAL B 561 9.82 -69.77 11.19
N GLU B 562 11.13 -69.98 11.19
CA GLU B 562 11.99 -69.22 12.09
C GLU B 562 13.28 -68.74 11.45
N THR B 563 13.26 -67.53 10.90
CA THR B 563 14.42 -67.02 10.16
C THR B 563 14.67 -65.55 10.41
N ALA B 564 15.94 -65.16 10.31
CA ALA B 564 16.37 -63.74 10.47
C ALA B 564 16.00 -62.85 9.27
N ASN B 565 15.41 -63.48 8.25
CA ASN B 565 14.96 -62.85 7.01
C ASN B 565 13.44 -62.99 6.84
N PRO B 566 12.71 -61.96 7.21
CA PRO B 566 11.27 -61.97 7.19
C PRO B 566 10.67 -62.31 5.87
N LEU B 567 11.19 -61.82 4.73
CA LEU B 567 10.48 -62.04 3.43
C LEU B 567 10.19 -63.52 3.23
N ASN B 568 11.02 -64.35 3.85
CA ASN B 568 10.76 -65.77 3.94
C ASN B 568 9.34 -66.14 4.28
N PHE B 569 8.61 -65.30 5.01
CA PHE B 569 7.19 -65.60 5.30
C PHE B 569 6.28 -65.46 4.08
N LEU B 570 6.85 -65.11 2.92
CA LEU B 570 6.15 -65.22 1.64
C LEU B 570 6.61 -66.47 0.85
N VAL B 571 7.62 -67.12 1.42
CA VAL B 571 8.08 -68.45 1.04
C VAL B 571 8.03 -69.41 2.29
N ALA B 572 6.89 -70.05 2.56
CA ALA B 572 5.74 -69.97 1.69
C ALA B 572 4.44 -70.03 2.48
N CYS B 573 4.49 -69.56 3.73
CA CYS B 573 3.28 -69.39 4.53
C CYS B 573 2.17 -68.73 3.73
N ASN B 574 0.96 -69.27 3.83
CA ASN B 574 -0.17 -68.75 3.09
C ASN B 574 -0.40 -67.33 3.58
N VAL B 575 0.08 -66.36 2.81
CA VAL B 575 0.06 -64.96 3.21
C VAL B 575 -0.42 -64.15 2.03
N SER B 576 -1.68 -63.72 2.03
CA SER B 576 -2.10 -62.82 0.97
C SER B 576 -3.15 -61.79 1.40
N VAL B 577 -3.03 -60.60 0.80
CA VAL B 577 -3.81 -59.42 1.10
C VAL B 577 -4.46 -58.94 -0.18
N HIS B 578 -5.77 -59.13 -0.29
CA HIS B 578 -6.51 -58.78 -1.49
C HIS B 578 -6.12 -57.36 -1.96
N THR B 579 -6.67 -56.32 -1.32
CA THR B 579 -6.36 -54.93 -1.68
C THR B 579 -5.47 -54.37 -0.56
N PRO B 580 -4.74 -53.29 -0.84
CA PRO B 580 -3.64 -52.89 0.02
C PRO B 580 -4.21 -52.05 1.16
N SER B 581 -3.53 -52.03 2.30
CA SER B 581 -4.07 -51.34 3.51
C SER B 581 -4.25 -49.79 3.35
N ILE B 582 -3.14 -49.06 3.26
CA ILE B 582 -3.06 -47.58 3.36
C ILE B 582 -2.66 -46.81 2.06
N ALA B 583 -3.59 -46.40 1.19
CA ALA B 583 -3.23 -45.58 -0.01
C ALA B 583 -2.25 -44.45 0.39
N ILE B 584 -1.17 -44.20 -0.38
CA ILE B 584 -0.21 -43.11 -0.03
C ILE B 584 -0.69 -41.74 -0.54
N ASP B 585 -0.82 -40.78 0.37
CA ASP B 585 -1.47 -39.51 0.06
C ASP B 585 -0.49 -38.35 -0.03
N ILE B 586 -0.84 -37.37 -0.87
CA ILE B 586 -0.15 -36.09 -0.94
C ILE B 586 -1.11 -34.98 -0.53
N ILE B 587 -0.71 -34.21 0.47
CA ILE B 587 -1.44 -33.01 0.85
C ILE B 587 -0.79 -31.87 0.08
N GLU B 588 -1.64 -31.05 -0.53
CA GLU B 588 -1.18 -29.92 -1.34
C GLU B 588 -0.07 -30.40 -2.29
N PRO B 589 -0.43 -31.24 -3.27
CA PRO B 589 0.53 -31.72 -4.24
C PRO B 589 0.89 -30.60 -5.17
N MET B 590 -0.07 -29.72 -5.43
CA MET B 590 0.19 -28.54 -6.23
C MET B 590 0.16 -27.31 -5.34
N PRO B 591 1.02 -26.34 -5.64
CA PRO B 591 1.00 -25.13 -4.85
C PRO B 591 -0.37 -24.45 -5.01
N ASP B 592 -0.95 -23.97 -3.91
CA ASP B 592 -2.36 -23.49 -3.96
C ASP B 592 -2.51 -22.04 -4.39
N LEU B 593 -2.87 -21.93 -5.65
CA LEU B 593 -3.18 -20.68 -6.27
C LEU B 593 -4.64 -20.30 -5.96
N THR B 594 -5.11 -20.62 -4.76
CA THR B 594 -6.51 -20.36 -4.38
C THR B 594 -6.66 -18.92 -3.90
N ARG B 595 -5.56 -18.35 -3.43
CA ARG B 595 -5.50 -16.98 -2.98
C ARG B 595 -5.52 -15.99 -4.14
N ARG B 596 -5.34 -16.51 -5.34
CA ARG B 596 -4.66 -15.80 -6.43
C ARG B 596 -5.27 -14.51 -6.92
N GLY B 597 -6.54 -14.29 -6.63
CA GLY B 597 -7.15 -13.02 -6.98
C GLY B 597 -6.55 -11.87 -6.19
N THR B 598 -6.09 -12.17 -4.97
CA THR B 598 -5.65 -11.15 -4.01
C THR B 598 -4.12 -10.98 -3.89
N THR B 599 -3.32 -11.97 -4.32
CA THR B 599 -1.84 -11.92 -4.11
C THR B 599 -1.05 -12.17 -5.41
N GLU B 600 0.20 -11.76 -5.41
CA GLU B 600 1.11 -12.04 -6.51
C GLU B 600 1.93 -13.22 -6.04
N TYR B 601 2.54 -13.96 -6.98
CA TYR B 601 3.32 -15.14 -6.63
C TYR B 601 4.78 -15.03 -7.08
N VAL B 602 5.67 -15.63 -6.31
CA VAL B 602 7.09 -15.67 -6.65
C VAL B 602 7.55 -17.13 -6.70
N HIS B 603 8.12 -17.55 -7.82
CA HIS B 603 8.44 -18.98 -8.02
C HIS B 603 9.67 -19.24 -8.82
N LYS B 604 10.46 -20.19 -8.39
CA LYS B 604 11.59 -20.65 -9.17
C LYS B 604 10.95 -21.62 -10.17
N GLY B 605 10.73 -22.87 -9.79
CA GLY B 605 10.23 -23.86 -10.74
C GLY B 605 8.79 -24.24 -10.49
N GLU B 606 8.32 -23.96 -9.30
CA GLU B 606 7.02 -24.47 -8.85
C GLU B 606 5.83 -24.03 -9.72
N ILE B 607 5.96 -22.91 -10.39
CA ILE B 607 5.03 -22.57 -11.44
C ILE B 607 5.84 -22.29 -12.70
N LYS B 608 5.29 -22.74 -13.82
CA LYS B 608 5.90 -22.57 -15.13
C LYS B 608 4.94 -21.80 -15.97
N VAL B 609 5.46 -20.85 -16.74
CA VAL B 609 4.66 -20.08 -17.65
C VAL B 609 4.94 -20.51 -19.09
N ALA B 610 3.94 -20.52 -19.95
CA ALA B 610 4.08 -21.09 -21.29
C ALA B 610 4.71 -20.14 -22.29
N ALA B 611 5.77 -20.63 -22.93
CA ALA B 611 6.46 -19.90 -23.99
C ALA B 611 6.03 -20.43 -25.35
N ILE B 612 4.73 -20.39 -25.62
CA ILE B 612 4.19 -20.94 -26.86
C ILE B 612 4.80 -20.23 -28.06
N PRO B 613 5.13 -20.97 -29.15
CA PRO B 613 5.46 -20.27 -30.37
C PRO B 613 4.17 -19.99 -31.14
N SER B 614 4.10 -18.79 -31.66
CA SER B 614 2.91 -18.35 -32.37
C SER B 614 3.08 -18.73 -33.83
N LEU B 615 2.04 -19.30 -34.42
CA LEU B 615 2.04 -19.62 -35.85
C LEU B 615 2.04 -18.36 -36.66
N PRO B 616 2.58 -18.41 -37.88
CA PRO B 616 2.35 -17.25 -38.72
C PRO B 616 0.89 -17.25 -39.19
N PRO B 617 0.26 -16.08 -39.20
CA PRO B 617 -1.13 -15.98 -39.61
C PRO B 617 -1.15 -15.79 -41.11
N LYS B 618 -1.45 -16.86 -41.83
CA LYS B 618 -1.41 -16.81 -43.29
C LYS B 618 -2.10 -18.06 -43.79
N SER B 619 -3.05 -17.89 -44.71
CA SER B 619 -3.73 -19.02 -45.36
C SER B 619 -2.76 -20.18 -45.45
N ALA B 620 -1.65 -19.92 -46.14
CA ALA B 620 -0.74 -20.95 -46.55
C ALA B 620 0.72 -20.58 -46.39
N ASP B 621 1.05 -19.52 -45.66
CA ASP B 621 2.46 -19.32 -45.32
C ASP B 621 2.84 -20.31 -44.22
N ARG B 622 1.85 -20.70 -43.40
CA ARG B 622 2.01 -21.88 -42.57
C ARG B 622 2.53 -23.05 -43.44
N LYS B 623 1.72 -23.50 -44.41
CA LYS B 623 2.05 -24.67 -45.25
C LYS B 623 3.43 -24.60 -45.88
N ALA B 624 3.92 -23.39 -46.13
CA ALA B 624 5.24 -23.19 -46.73
C ALA B 624 6.41 -23.55 -45.79
N GLN B 625 6.21 -23.38 -44.48
CA GLN B 625 7.21 -23.75 -43.48
C GLN B 625 7.01 -25.14 -42.84
N VAL B 626 5.77 -25.66 -42.90
CA VAL B 626 5.43 -26.93 -42.22
C VAL B 626 6.17 -28.08 -42.86
N SER B 627 6.13 -28.10 -44.21
CA SER B 627 6.75 -29.13 -45.03
C SER B 627 8.27 -29.18 -44.89
N ARG B 628 8.91 -28.02 -44.68
CA ARG B 628 10.38 -27.87 -44.62
C ARG B 628 11.13 -28.90 -43.80
N GLU B 629 10.42 -29.53 -42.87
CA GLU B 629 10.98 -30.52 -41.93
C GLU B 629 12.25 -30.06 -41.18
N THR B 630 12.26 -28.77 -40.85
CA THR B 630 13.32 -28.14 -40.08
C THR B 630 12.92 -26.75 -39.51
N ALA B 631 11.65 -26.34 -39.66
CA ALA B 631 11.15 -24.98 -39.28
C ALA B 631 10.68 -24.86 -37.80
N LYS B 632 9.88 -23.82 -37.45
CA LYS B 632 9.94 -23.23 -36.06
C LYS B 632 8.66 -22.98 -35.19
N PHE B 633 7.72 -23.92 -35.21
CA PHE B 633 6.56 -23.98 -34.29
C PHE B 633 6.23 -25.45 -34.16
N GLU B 634 5.49 -25.91 -33.15
CA GLU B 634 5.41 -27.38 -33.03
C GLU B 634 4.56 -27.97 -34.14
N ARG B 635 4.94 -29.18 -34.60
CA ARG B 635 4.16 -29.94 -35.61
C ARG B 635 3.99 -31.43 -35.31
N VAL B 636 3.06 -32.04 -36.05
CA VAL B 636 2.88 -33.48 -36.15
C VAL B 636 3.79 -33.90 -37.27
N LEU B 637 4.69 -34.86 -37.02
CA LEU B 637 5.67 -35.30 -38.03
C LEU B 637 5.78 -36.81 -38.12
N TYR B 638 4.85 -37.45 -38.80
CA TYR B 638 4.90 -38.90 -38.92
C TYR B 638 5.06 -39.29 -40.38
N LYS B 639 5.23 -40.59 -40.64
CA LYS B 639 5.66 -41.10 -41.96
C LYS B 639 4.78 -42.29 -42.35
N ALA B 640 3.61 -42.01 -42.93
CA ALA B 640 2.46 -42.96 -42.92
C ALA B 640 2.82 -44.44 -43.07
N ARG B 641 2.42 -45.28 -42.10
CA ARG B 641 2.71 -46.74 -42.17
C ARG B 641 1.88 -47.39 -43.28
N LYS B 642 1.02 -46.61 -43.94
CA LYS B 642 0.48 -47.01 -45.23
C LYS B 642 1.31 -46.36 -46.36
N GLY B 643 2.58 -46.77 -46.41
CA GLY B 643 3.48 -46.52 -47.54
C GLY B 643 3.15 -45.29 -48.36
N GLY B 644 3.68 -44.14 -48.00
CA GLY B 644 4.56 -43.99 -46.86
C GLY B 644 5.42 -42.76 -47.03
N ALA B 645 4.77 -41.66 -47.43
CA ALA B 645 5.42 -40.36 -47.58
C ALA B 645 5.46 -39.73 -46.21
N GLN B 646 6.25 -38.67 -46.09
CA GLN B 646 6.33 -37.94 -44.82
C GLN B 646 5.17 -36.95 -44.67
N VAL B 647 4.53 -37.00 -43.50
CA VAL B 647 3.45 -36.08 -43.11
C VAL B 647 4.05 -35.00 -42.21
N ALA B 648 3.50 -33.79 -42.37
CA ALA B 648 3.90 -32.60 -41.62
C ALA B 648 2.69 -31.65 -41.47
N ALA B 649 2.23 -31.46 -40.23
CA ALA B 649 1.05 -30.66 -39.95
C ALA B 649 1.32 -29.79 -38.73
N PRO B 650 0.99 -28.48 -38.78
CA PRO B 650 1.29 -27.59 -37.68
C PRO B 650 0.34 -27.80 -36.49
N ILE B 651 0.90 -27.70 -35.28
CA ILE B 651 0.16 -27.82 -34.04
C ILE B 651 -0.02 -26.41 -33.49
N ASP B 652 -1.30 -26.05 -33.30
CA ASP B 652 -1.67 -24.68 -32.96
C ASP B 652 -2.02 -24.57 -31.51
N LEU B 653 -1.01 -24.34 -30.68
CA LEU B 653 -1.27 -24.28 -29.25
C LEU B 653 -2.05 -23.01 -28.97
N GLU B 654 -1.73 -21.93 -29.69
CA GLU B 654 -2.56 -20.72 -29.70
C GLU B 654 -4.04 -21.01 -29.44
N SER B 655 -4.68 -21.71 -30.37
CA SER B 655 -6.13 -21.94 -30.30
C SER B 655 -6.55 -22.96 -29.23
N LEU B 656 -5.61 -23.72 -28.69
CA LEU B 656 -5.93 -24.62 -27.61
C LEU B 656 -5.88 -23.90 -26.26
N PHE B 657 -4.79 -23.18 -26.03
CA PHE B 657 -4.50 -22.52 -24.74
C PHE B 657 -5.28 -21.22 -24.49
N GLY B 658 -5.77 -20.62 -25.58
CA GLY B 658 -6.46 -19.33 -25.56
C GLY B 658 -5.64 -18.37 -26.40
N ILE B 659 -6.20 -17.22 -26.75
CA ILE B 659 -5.65 -16.46 -27.87
C ILE B 659 -4.44 -15.62 -27.49
N ALA B 660 -4.51 -14.96 -26.34
CA ALA B 660 -3.43 -14.08 -25.92
C ALA B 660 -2.89 -14.47 -24.55
N VAL B 661 -2.83 -15.76 -24.31
CA VAL B 661 -2.71 -16.25 -22.96
C VAL B 661 -1.46 -17.08 -22.75
N ASN B 662 -0.84 -16.83 -21.62
CA ASN B 662 0.39 -17.49 -21.25
C ASN B 662 0.04 -18.39 -20.10
N LEU B 663 -0.26 -19.63 -20.41
CA LEU B 663 -0.67 -20.53 -19.36
C LEU B 663 0.38 -20.63 -18.28
N ALA B 664 -0.01 -20.25 -17.07
CA ALA B 664 0.75 -20.58 -15.91
C ALA B 664 0.25 -21.93 -15.42
N VAL B 665 1.17 -22.85 -15.23
CA VAL B 665 0.81 -24.21 -14.89
C VAL B 665 1.64 -24.61 -13.70
N PRO B 666 0.96 -25.05 -12.62
CA PRO B 666 1.68 -25.52 -11.44
C PRO B 666 2.44 -26.80 -11.73
N THR B 667 3.56 -26.98 -11.06
CA THR B 667 4.26 -28.24 -11.16
C THR B 667 3.79 -29.10 -10.02
N VAL B 668 3.33 -30.28 -10.37
CA VAL B 668 2.78 -31.20 -9.42
C VAL B 668 3.87 -31.99 -8.80
N LYS B 669 3.97 -32.03 -7.48
CA LYS B 669 4.92 -32.96 -6.87
C LYS B 669 4.16 -34.28 -6.71
N HIS B 670 4.29 -35.17 -7.71
CA HIS B 670 3.59 -36.49 -7.75
C HIS B 670 4.18 -37.49 -6.79
N VAL B 671 3.44 -38.58 -6.53
CA VAL B 671 4.04 -39.74 -5.86
C VAL B 671 4.43 -40.77 -6.88
N TYR B 672 3.51 -40.96 -7.84
CA TYR B 672 3.69 -41.87 -8.95
C TYR B 672 3.52 -41.03 -10.21
N SER B 673 4.63 -40.78 -10.90
CA SER B 673 4.67 -39.77 -11.94
C SER B 673 4.49 -40.38 -13.29
N PRO B 674 3.71 -39.74 -14.14
CA PRO B 674 3.44 -40.35 -15.45
C PRO B 674 4.68 -41.00 -16.05
N ASP B 675 5.82 -40.31 -15.89
CA ASP B 675 7.09 -40.75 -16.46
C ASP B 675 7.62 -42.05 -15.86
N SER B 676 7.49 -42.21 -14.53
CA SER B 676 7.92 -43.44 -13.87
C SER B 676 6.81 -44.50 -13.86
N LYS B 677 5.66 -44.20 -14.45
CA LYS B 677 4.59 -45.19 -14.65
C LYS B 677 4.66 -45.70 -16.06
N THR B 678 4.61 -44.78 -17.00
CA THR B 678 4.72 -45.16 -18.38
C THR B 678 6.02 -45.99 -18.52
N LYS B 679 7.07 -45.58 -17.83
CA LYS B 679 8.31 -46.36 -17.83
C LYS B 679 8.18 -47.72 -17.14
N LEU B 680 7.15 -47.91 -16.31
CA LEU B 680 6.78 -49.26 -15.84
C LEU B 680 6.19 -50.08 -16.94
N ALA B 681 5.05 -49.65 -17.44
CA ALA B 681 4.35 -50.37 -18.47
C ALA B 681 5.29 -50.79 -19.60
N LEU B 682 6.11 -49.85 -20.08
CA LEU B 682 7.03 -50.15 -21.19
C LEU B 682 8.04 -51.23 -20.81
N ASP B 683 8.50 -51.23 -19.57
CA ASP B 683 9.40 -52.28 -19.10
C ASP B 683 8.71 -53.63 -18.88
N ILE B 684 7.43 -53.62 -18.56
CA ILE B 684 6.62 -54.84 -18.50
C ILE B 684 6.35 -55.36 -19.91
N ILE B 685 5.97 -54.47 -20.82
CA ILE B 685 5.75 -54.84 -22.21
C ILE B 685 7.01 -55.47 -22.80
N LYS B 686 8.16 -54.82 -22.61
CA LYS B 686 9.44 -55.32 -23.13
C LYS B 686 9.79 -56.70 -22.58
N GLY B 687 9.55 -56.90 -21.28
CA GLY B 687 9.82 -58.17 -20.61
C GLY B 687 8.83 -59.29 -20.93
N LEU B 688 7.63 -58.93 -21.37
CA LEU B 688 6.72 -59.92 -21.91
C LEU B 688 7.08 -60.23 -23.36
N GLU B 689 7.66 -59.25 -24.07
CA GLU B 689 7.98 -59.45 -25.48
C GLU B 689 9.00 -60.58 -25.59
N SER B 690 9.81 -60.76 -24.56
CA SER B 690 10.47 -62.04 -24.35
C SER B 690 10.89 -62.07 -22.90
N ASP B 691 10.49 -63.09 -22.16
CA ASP B 691 10.08 -64.40 -22.65
C ASP B 691 8.69 -64.42 -23.30
N GLY B 692 8.64 -64.82 -24.57
CA GLY B 692 7.52 -64.54 -25.50
C GLY B 692 6.07 -64.71 -25.08
N ASP B 693 5.38 -63.60 -24.88
CA ASP B 693 3.94 -63.51 -24.90
C ASP B 693 3.65 -62.40 -25.88
N LYS B 694 3.68 -62.66 -27.17
CA LYS B 694 3.29 -61.61 -28.10
C LYS B 694 1.86 -61.18 -27.80
N ALA B 695 1.00 -62.15 -27.46
CA ALA B 695 -0.42 -61.91 -27.26
C ALA B 695 -0.64 -60.89 -26.17
N ALA B 696 0.03 -61.09 -25.05
CA ALA B 696 -0.08 -60.19 -23.91
C ALA B 696 0.63 -58.86 -24.18
N ALA B 697 1.91 -58.93 -24.49
CA ALA B 697 2.73 -57.74 -24.69
C ALA B 697 2.11 -56.79 -25.70
N THR B 698 1.55 -57.34 -26.77
CA THR B 698 1.02 -56.52 -27.85
C THR B 698 -0.38 -55.96 -27.50
N ARG B 699 -0.98 -56.46 -26.43
CA ARG B 699 -2.29 -55.98 -25.96
C ARG B 699 -2.09 -54.84 -24.99
N LEU B 700 -1.07 -54.97 -24.14
CA LEU B 700 -0.73 -53.94 -23.19
C LEU B 700 -0.29 -52.71 -23.94
N LEU B 701 0.63 -52.88 -24.88
CA LEU B 701 1.10 -51.77 -25.71
C LEU B 701 -0.04 -51.07 -26.42
N MET B 702 -1.08 -51.81 -26.74
CA MET B 702 -2.26 -51.22 -27.32
C MET B 702 -2.98 -50.31 -26.34
N THR B 703 -3.25 -50.84 -25.15
CA THR B 703 -3.88 -50.12 -24.04
C THR B 703 -3.18 -48.78 -23.82
N LEU B 704 -1.88 -48.89 -23.59
CA LEU B 704 -0.97 -47.79 -23.36
C LEU B 704 -1.09 -46.77 -24.47
N ALA B 705 -1.02 -47.24 -25.70
CA ALA B 705 -1.18 -46.36 -26.87
C ALA B 705 -2.50 -45.62 -26.83
N ARG B 706 -3.61 -46.34 -26.69
CA ARG B 706 -4.93 -45.71 -26.71
C ARG B 706 -5.00 -44.50 -25.79
N ALA B 707 -4.47 -44.69 -24.58
CA ALA B 707 -4.40 -43.65 -23.55
C ALA B 707 -3.57 -42.39 -23.96
N TYR B 708 -2.38 -42.60 -24.54
CA TYR B 708 -1.56 -41.48 -25.03
C TYR B 708 -2.15 -40.72 -26.20
N THR B 709 -2.75 -41.43 -27.14
CA THR B 709 -3.32 -40.77 -28.32
C THR B 709 -4.71 -40.23 -28.05
N GLY B 710 -5.43 -40.87 -27.14
CA GLY B 710 -6.81 -40.49 -26.89
C GLY B 710 -6.94 -39.00 -26.58
N THR B 711 -6.28 -38.59 -25.50
CA THR B 711 -6.55 -37.33 -24.80
C THR B 711 -6.74 -36.12 -25.70
N TYR B 712 -5.73 -35.76 -26.49
CA TYR B 712 -5.84 -34.56 -27.32
C TYR B 712 -6.38 -34.80 -28.74
N SER B 713 -6.99 -35.96 -28.95
CA SER B 713 -7.64 -36.25 -30.22
C SER B 713 -9.18 -36.21 -30.14
N SER B 714 -9.79 -35.36 -30.96
CA SER B 714 -9.09 -34.46 -31.90
C SER B 714 -9.24 -33.00 -31.46
N LEU B 715 -8.18 -32.21 -31.61
CA LEU B 715 -8.13 -30.80 -31.16
C LEU B 715 -6.94 -30.05 -31.78
N ASP B 721 -7.88 -27.82 -39.06
CA ASP B 721 -7.37 -26.95 -40.12
C ASP B 721 -7.05 -27.80 -41.35
N GLU B 722 -8.05 -28.23 -42.11
CA GLU B 722 -7.88 -29.29 -43.13
C GLU B 722 -6.66 -29.13 -44.07
N ILE B 723 -6.65 -28.05 -44.83
CA ILE B 723 -5.75 -27.91 -45.99
C ILE B 723 -4.25 -27.93 -45.61
N THR B 724 -3.97 -27.88 -44.32
CA THR B 724 -2.61 -27.69 -43.84
C THR B 724 -1.82 -29.04 -43.71
N GLY B 725 -2.46 -30.13 -43.26
CA GLY B 725 -1.77 -31.41 -43.00
C GLY B 725 -1.29 -31.99 -44.32
N ILE B 726 0.04 -32.08 -44.52
CA ILE B 726 0.67 -32.48 -45.83
C ILE B 726 1.85 -33.49 -45.66
N ALA B 727 2.04 -34.52 -46.51
CA ALA B 727 1.23 -34.88 -47.68
C ALA B 727 0.13 -35.87 -47.31
N ALA B 728 -0.96 -35.86 -48.05
CA ALA B 728 -2.09 -36.75 -47.81
C ALA B 728 -3.05 -36.68 -49.01
N GLN B 729 -4.13 -37.46 -48.93
CA GLN B 729 -5.22 -37.46 -49.94
C GLN B 729 -6.48 -37.99 -49.19
N PRO B 730 -7.71 -37.78 -49.72
CA PRO B 730 -8.84 -38.16 -48.84
C PRO B 730 -8.99 -39.69 -48.56
N SER B 731 -7.88 -40.38 -48.26
CA SER B 731 -7.89 -41.78 -47.79
C SER B 731 -8.80 -41.85 -46.57
N ASP B 732 -9.33 -43.00 -46.23
CA ASP B 732 -10.10 -43.05 -44.98
C ASP B 732 -9.19 -43.47 -43.80
N VAL B 733 -8.07 -44.17 -44.08
CA VAL B 733 -7.06 -44.42 -43.03
C VAL B 733 -6.00 -43.33 -42.95
N ALA B 734 -5.29 -43.03 -44.04
CA ALA B 734 -4.23 -42.01 -43.98
C ALA B 734 -4.72 -40.88 -43.06
N MET B 735 -6.01 -40.53 -43.19
CA MET B 735 -6.72 -39.58 -42.32
C MET B 735 -6.93 -40.01 -40.87
N GLN B 736 -7.40 -41.23 -40.64
CA GLN B 736 -7.54 -41.73 -39.26
C GLN B 736 -6.18 -42.12 -38.62
N GLU B 737 -5.14 -42.20 -39.42
CA GLU B 737 -3.78 -42.33 -38.90
C GLU B 737 -3.32 -41.00 -38.33
N PHE B 738 -3.63 -39.91 -39.03
CA PHE B 738 -3.38 -38.55 -38.54
C PHE B 738 -4.00 -38.39 -37.16
N ALA B 739 -5.22 -38.89 -37.04
CA ALA B 739 -5.94 -38.80 -35.79
C ALA B 739 -5.18 -39.39 -34.61
N LEU B 740 -4.50 -40.52 -34.78
CA LEU B 740 -3.62 -41.04 -33.71
C LEU B 740 -2.48 -40.12 -33.54
N GLN B 741 -1.79 -39.89 -34.65
CA GLN B 741 -0.47 -39.31 -34.64
C GLN B 741 -0.50 -37.86 -34.12
N SER B 742 -1.54 -37.09 -34.43
CA SER B 742 -1.69 -35.74 -33.86
C SER B 742 -2.10 -35.78 -32.38
N GLY B 743 -2.81 -36.83 -32.01
CA GLY B 743 -3.27 -37.00 -30.64
C GLY B 743 -2.14 -37.23 -29.64
N VAL B 744 -1.05 -37.83 -30.09
CA VAL B 744 0.11 -38.00 -29.23
C VAL B 744 1.01 -36.84 -29.43
N GLN B 745 1.18 -36.41 -30.68
CA GLN B 745 2.14 -35.37 -30.98
C GLN B 745 1.74 -33.98 -30.44
N THR B 746 0.42 -33.73 -30.27
CA THR B 746 -0.03 -32.51 -29.59
C THR B 746 0.08 -32.68 -28.08
N LEU B 747 -0.25 -33.85 -27.53
CA LEU B 747 0.07 -34.11 -26.11
C LEU B 747 1.55 -33.88 -25.86
N LYS B 748 2.41 -34.27 -26.80
CA LYS B 748 3.86 -34.08 -26.69
C LYS B 748 4.20 -32.60 -26.66
N ALA B 749 3.68 -31.88 -27.64
CA ALA B 749 3.90 -30.43 -27.73
C ALA B 749 3.32 -29.63 -26.55
N VAL B 750 2.27 -30.16 -25.94
CA VAL B 750 1.72 -29.54 -24.74
C VAL B 750 2.67 -29.80 -23.57
N ALA B 751 3.11 -31.04 -23.44
CA ALA B 751 4.04 -31.42 -22.38
C ALA B 751 5.42 -30.80 -22.55
N LYS B 752 5.72 -30.33 -23.76
CA LYS B 752 6.92 -29.56 -23.99
C LYS B 752 6.75 -28.20 -23.33
N HIS B 753 5.75 -27.44 -23.76
CA HIS B 753 5.59 -26.06 -23.30
C HIS B 753 5.02 -25.80 -21.92
N THR B 754 4.58 -26.86 -21.23
CA THR B 754 4.06 -26.77 -19.85
C THR B 754 4.55 -27.99 -19.16
N GLY B 755 5.31 -27.85 -18.09
CA GLY B 755 6.08 -28.99 -17.58
C GLY B 755 5.29 -30.11 -16.95
N ILE B 756 4.31 -30.66 -17.68
CA ILE B 756 3.37 -31.69 -17.18
C ILE B 756 4.03 -33.05 -17.02
N MET B 757 4.85 -33.40 -18.01
CA MET B 757 5.65 -34.62 -18.00
C MET B 757 6.79 -34.48 -19.01
N GLU B 758 7.80 -35.34 -18.90
CA GLU B 758 8.97 -35.26 -19.77
C GLU B 758 8.58 -35.59 -21.18
N VAL B 759 9.15 -34.89 -22.16
CA VAL B 759 8.88 -35.18 -23.57
C VAL B 759 9.51 -36.51 -23.89
N ALA B 760 10.68 -36.72 -23.32
CA ALA B 760 11.36 -37.99 -23.33
C ALA B 760 10.43 -39.21 -23.34
N THR B 761 9.59 -39.34 -22.31
CA THR B 761 8.79 -40.55 -22.14
C THR B 761 7.65 -40.64 -23.16
N ILE B 762 7.25 -39.53 -23.76
CA ILE B 762 6.26 -39.61 -24.83
C ILE B 762 6.89 -40.20 -26.10
N GLU B 763 8.13 -39.81 -26.40
CA GLU B 763 8.82 -40.33 -27.57
C GLU B 763 9.20 -41.79 -27.35
N MET B 764 9.51 -42.13 -26.10
CA MET B 764 9.74 -43.53 -25.73
C MET B 764 8.56 -44.37 -26.19
N VAL B 765 7.36 -43.86 -25.98
CA VAL B 765 6.16 -44.56 -26.41
C VAL B 765 5.96 -44.45 -27.90
N GLU B 766 5.90 -43.22 -28.42
CA GLU B 766 5.74 -43.03 -29.87
C GLU B 766 6.49 -44.08 -30.68
N GLU B 767 7.70 -44.39 -30.24
CA GLU B 767 8.57 -45.34 -30.91
C GLU B 767 8.05 -46.77 -30.79
N LYS B 768 7.74 -47.20 -29.57
CA LYS B 768 7.14 -48.51 -29.39
C LYS B 768 5.79 -48.63 -30.12
N VAL B 769 5.15 -47.51 -30.43
CA VAL B 769 3.89 -47.55 -31.20
C VAL B 769 4.07 -47.53 -32.72
N ARG B 770 5.20 -47.03 -33.21
CA ARG B 770 5.52 -47.19 -34.63
C ARG B 770 5.71 -48.67 -34.90
N SER B 771 6.53 -49.31 -34.06
CA SER B 771 6.80 -50.75 -34.13
C SER B 771 5.58 -51.63 -33.84
N LEU B 772 4.49 -51.07 -33.34
CA LEU B 772 3.27 -51.83 -33.19
C LEU B 772 2.73 -52.21 -34.58
N ASP B 773 2.28 -53.46 -34.65
CA ASP B 773 1.63 -54.05 -35.82
C ASP B 773 0.83 -53.05 -36.65
N ASP B 774 0.93 -53.15 -37.97
CA ASP B 774 0.25 -52.25 -38.88
C ASP B 774 -1.28 -52.43 -38.85
N ASN B 775 -1.73 -53.60 -38.45
CA ASN B 775 -3.16 -53.94 -38.43
C ASN B 775 -3.82 -53.27 -37.23
N ARG B 776 -3.00 -52.97 -36.23
CA ARG B 776 -3.43 -52.50 -34.91
C ARG B 776 -3.48 -50.98 -34.80
N PHE B 777 -2.37 -50.33 -35.18
CA PHE B 777 -2.29 -48.91 -35.57
C PHE B 777 -3.70 -48.47 -35.98
N TYR B 778 -4.31 -49.19 -36.95
CA TYR B 778 -5.60 -48.80 -37.55
C TYR B 778 -6.85 -49.31 -36.83
N GLU B 779 -6.69 -50.22 -35.87
CA GLU B 779 -7.79 -50.57 -34.97
C GLU B 779 -8.03 -49.46 -33.94
N ILE B 780 -6.92 -48.95 -33.41
CA ILE B 780 -6.91 -47.89 -32.41
C ILE B 780 -7.25 -46.56 -33.08
N ALA B 781 -6.79 -46.36 -34.31
CA ALA B 781 -7.08 -45.14 -35.07
C ALA B 781 -8.55 -45.04 -35.48
N ALA B 782 -9.20 -46.19 -35.68
CA ALA B 782 -10.65 -46.23 -35.90
C ALA B 782 -11.35 -45.83 -34.61
N GLU B 783 -10.94 -46.48 -33.52
CA GLU B 783 -11.38 -46.19 -32.15
C GLU B 783 -11.32 -44.69 -31.78
N VAL B 784 -10.33 -43.99 -32.33
CA VAL B 784 -10.07 -42.56 -32.01
C VAL B 784 -10.81 -41.60 -32.94
N VAL B 785 -11.08 -41.98 -34.17
CA VAL B 785 -11.97 -41.16 -35.00
C VAL B 785 -13.44 -41.34 -34.59
N LEU B 786 -13.81 -42.53 -34.10
CA LEU B 786 -15.20 -42.80 -33.63
C LEU B 786 -15.53 -42.09 -32.31
N ARG B 787 -14.56 -42.07 -31.40
CA ARG B 787 -14.64 -41.23 -30.19
C ARG B 787 -14.74 -39.73 -30.52
N ALA B 788 -13.98 -39.30 -31.53
CA ALA B 788 -13.89 -37.89 -31.95
C ALA B 788 -15.18 -37.33 -32.55
N LEU B 789 -15.86 -38.13 -33.36
CA LEU B 789 -17.10 -37.68 -34.01
C LEU B 789 -18.18 -37.26 -32.98
N LYS B 790 -18.40 -38.07 -31.94
CA LYS B 790 -19.39 -37.76 -30.88
C LYS B 790 -19.02 -36.49 -30.11
#